data_5KLC
# 
_entry.id   5KLC 
# 
_audit_conform.dict_name       mmcif_pdbx.dic 
_audit_conform.dict_version    5.398 
_audit_conform.dict_location   http://mmcif.pdb.org/dictionaries/ascii/mmcif_pdbx.dic 
# 
loop_
_database_2.database_id 
_database_2.database_code 
_database_2.pdbx_database_accession 
_database_2.pdbx_DOI 
PDB   5KLC         pdb_00005klc 10.2210/pdb5klc/pdb 
WWPDB D_1000222412 ?            ?                   
# 
loop_
_pdbx_audit_revision_history.ordinal 
_pdbx_audit_revision_history.data_content_type 
_pdbx_audit_revision_history.major_revision 
_pdbx_audit_revision_history.minor_revision 
_pdbx_audit_revision_history.revision_date 
1 'Structure model' 1 0 2016-09-21 
2 'Structure model' 1 1 2016-11-16 
3 'Structure model' 1 2 2023-09-27 
4 'Structure model' 1 3 2024-11-13 
# 
_pdbx_audit_revision_details.ordinal             1 
_pdbx_audit_revision_details.revision_ordinal    1 
_pdbx_audit_revision_details.data_content_type   'Structure model' 
_pdbx_audit_revision_details.provider            repository 
_pdbx_audit_revision_details.type                'Initial release' 
_pdbx_audit_revision_details.description         ? 
_pdbx_audit_revision_details.details             ? 
# 
loop_
_pdbx_audit_revision_group.ordinal 
_pdbx_audit_revision_group.revision_ordinal 
_pdbx_audit_revision_group.data_content_type 
_pdbx_audit_revision_group.group 
1 2 'Structure model' 'Database references'    
2 3 'Structure model' 'Data collection'        
3 3 'Structure model' 'Database references'    
4 3 'Structure model' 'Derived calculations'   
5 3 'Structure model' 'Refinement description' 
6 4 'Structure model' 'Structure summary'      
# 
loop_
_pdbx_audit_revision_category.ordinal 
_pdbx_audit_revision_category.revision_ordinal 
_pdbx_audit_revision_category.data_content_type 
_pdbx_audit_revision_category.category 
1 3 'Structure model' chem_comp_atom                
2 3 'Structure model' chem_comp_bond                
3 3 'Structure model' citation                      
4 3 'Structure model' database_2                    
5 3 'Structure model' pdbx_initial_refinement_model 
6 3 'Structure model' pdbx_struct_oper_list         
7 4 'Structure model' pdbx_entry_details            
8 4 'Structure model' pdbx_modification_feature     
# 
loop_
_pdbx_audit_revision_item.ordinal 
_pdbx_audit_revision_item.revision_ordinal 
_pdbx_audit_revision_item.data_content_type 
_pdbx_audit_revision_item.item 
1 3 'Structure model' '_citation.journal_id_CSD'                  
2 3 'Structure model' '_database_2.pdbx_DOI'                      
3 3 'Structure model' '_database_2.pdbx_database_accession'       
4 3 'Structure model' '_pdbx_struct_oper_list.symmetry_operation' 
# 
_pdbx_database_status.status_code                     REL 
_pdbx_database_status.status_code_sf                  REL 
_pdbx_database_status.status_code_mr                  ? 
_pdbx_database_status.entry_id                        5KLC 
_pdbx_database_status.recvd_initial_deposition_date   2016-06-24 
_pdbx_database_status.SG_entry                        N 
_pdbx_database_status.deposit_site                    RCSB 
_pdbx_database_status.process_site                    RCSB 
_pdbx_database_status.status_code_cs                  ? 
_pdbx_database_status.methods_development_category    ? 
_pdbx_database_status.pdb_format_compatible           Y 
_pdbx_database_status.status_code_nmr_data            ? 
# 
loop_
_pdbx_database_related.content_type 
_pdbx_database_related.db_id 
_pdbx_database_related.db_name 
_pdbx_database_related.details 
unspecified 5KLE PDB . 
unspecified 5KLF PDB . 
# 
loop_
_audit_author.name 
_audit_author.pdbx_ordinal 
'Liberato, M.V.' 1 
'Campos, B.M.'   2 
'Zeri, A.C.M.'   3 
'Squina, F.M.'   4 
# 
_citation.abstract                  ? 
_citation.abstract_id_CAS           ? 
_citation.book_id_ISBN              ? 
_citation.book_publisher            ? 
_citation.book_publisher_city       ? 
_citation.book_title                ? 
_citation.coordinate_linkage        ? 
_citation.country                   US 
_citation.database_id_Medline       ? 
_citation.details                   ? 
_citation.id                        primary 
_citation.journal_abbrev            J.Biol.Chem. 
_citation.journal_id_ASTM           JBCHA3 
_citation.journal_id_CSD            0071 
_citation.journal_id_ISSN           1083-351X 
_citation.journal_full              ? 
_citation.journal_issue             ? 
_citation.journal_volume            291 
_citation.language                  ? 
_citation.page_first                23734 
_citation.page_last                 23743 
_citation.title                     
;A Novel Carbohydrate-binding Module from Sugar Cane Soil Metagenome Featuring Unique Structural and Carbohydrate Affinity Properties.
;
_citation.year                      2016 
_citation.database_id_CSD           ? 
_citation.pdbx_database_id_DOI      10.1074/jbc.M116.744383 
_citation.pdbx_database_id_PubMed   27621314 
_citation.unpublished_flag          ? 
# 
loop_
_citation_author.citation_id 
_citation_author.name 
_citation_author.ordinal 
_citation_author.identifier_ORCID 
primary 'Campos, B.M.'     1  ? 
primary 'Liberato, M.V.'   2  ? 
primary 'Alvarez, T.M.'    3  ? 
primary 'Zanphorlin, L.M.' 4  ? 
primary 'Ematsu, G.C.'     5  ? 
primary 'Barud, H.'        6  ? 
primary 'Polikarpov, I.'   7  ? 
primary 'Ruller, R.'       8  ? 
primary 'Gilbert, H.J.'    9  ? 
primary 'Zeri, A.C.'       10 ? 
primary 'Squina, F.M.'     11 ? 
# 
loop_
_entity.id 
_entity.type 
_entity.src_method 
_entity.pdbx_description 
_entity.formula_weight 
_entity.pdbx_number_of_molecules 
_entity.pdbx_ec 
_entity.pdbx_mutation 
_entity.pdbx_fragment 
_entity.details 
1 polymer man 'Carbohydrate binding module E1' 10011.957 1   ? ? ? ? 
2 water   nat water                            18.015    116 ? ? ? ? 
# 
_entity_poly.entity_id                      1 
_entity_poly.type                           'polypeptide(L)' 
_entity_poly.nstd_linkage                   no 
_entity_poly.nstd_monomer                   no 
_entity_poly.pdbx_seq_one_letter_code       
;GSHMSASCGSGNFNKTAAKGVEFSAVAGDCIKYNKSSGTLQIGSWTGVASSYNITSGPQGITNTGNGWTTVANAANGDLY
IKIVSASRSFNVKFDNW
;
_entity_poly.pdbx_seq_one_letter_code_can   
;GSHMSASCGSGNFNKTAAKGVEFSAVAGDCIKYNKSSGTLQIGSWTGVASSYNITSGPQGITNTGNGWTTVANAANGDLY
IKIVSASRSFNVKFDNW
;
_entity_poly.pdbx_strand_id                 A 
_entity_poly.pdbx_target_identifier         ? 
# 
_pdbx_entity_nonpoly.entity_id   2 
_pdbx_entity_nonpoly.name        water 
_pdbx_entity_nonpoly.comp_id     HOH 
# 
loop_
_entity_poly_seq.entity_id 
_entity_poly_seq.num 
_entity_poly_seq.mon_id 
_entity_poly_seq.hetero 
1 1  GLY n 
1 2  SER n 
1 3  HIS n 
1 4  MET n 
1 5  SER n 
1 6  ALA n 
1 7  SER n 
1 8  CYS n 
1 9  GLY n 
1 10 SER n 
1 11 GLY n 
1 12 ASN n 
1 13 PHE n 
1 14 ASN n 
1 15 LYS n 
1 16 THR n 
1 17 ALA n 
1 18 ALA n 
1 19 LYS n 
1 20 GLY n 
1 21 VAL n 
1 22 GLU n 
1 23 PHE n 
1 24 SER n 
1 25 ALA n 
1 26 VAL n 
1 27 ALA n 
1 28 GLY n 
1 29 ASP n 
1 30 CYS n 
1 31 ILE n 
1 32 LYS n 
1 33 TYR n 
1 34 ASN n 
1 35 LYS n 
1 36 SER n 
1 37 SER n 
1 38 GLY n 
1 39 THR n 
1 40 LEU n 
1 41 GLN n 
1 42 ILE n 
1 43 GLY n 
1 44 SER n 
1 45 TRP n 
1 46 THR n 
1 47 GLY n 
1 48 VAL n 
1 49 ALA n 
1 50 SER n 
1 51 SER n 
1 52 TYR n 
1 53 ASN n 
1 54 ILE n 
1 55 THR n 
1 56 SER n 
1 57 GLY n 
1 58 PRO n 
1 59 GLN n 
1 60 GLY n 
1 61 ILE n 
1 62 THR n 
1 63 ASN n 
1 64 THR n 
1 65 GLY n 
1 66 ASN n 
1 67 GLY n 
1 68 TRP n 
1 69 THR n 
1 70 THR n 
1 71 VAL n 
1 72 ALA n 
1 73 ASN n 
1 74 ALA n 
1 75 ALA n 
1 76 ASN n 
1 77 GLY n 
1 78 ASP n 
1 79 LEU n 
1 80 TYR n 
1 81 ILE n 
1 82 LYS n 
1 83 ILE n 
1 84 VAL n 
1 85 SER n 
1 86 ALA n 
1 87 SER n 
1 88 ARG n 
1 89 SER n 
1 90 PHE n 
1 91 ASN n 
1 92 VAL n 
1 93 LYS n 
1 94 PHE n 
1 95 ASP n 
1 96 ASN n 
1 97 TRP n 
# 
_entity_src_gen.entity_id                          1 
_entity_src_gen.pdbx_src_id                        1 
_entity_src_gen.pdbx_alt_source_flag               sample 
_entity_src_gen.pdbx_seq_type                      'Biological sequence' 
_entity_src_gen.pdbx_beg_seq_num                   1 
_entity_src_gen.pdbx_end_seq_num                   97 
_entity_src_gen.gene_src_common_name               ? 
_entity_src_gen.gene_src_genus                     ? 
_entity_src_gen.pdbx_gene_src_gene                 ? 
_entity_src_gen.gene_src_species                   ? 
_entity_src_gen.gene_src_strain                    ? 
_entity_src_gen.gene_src_tissue                    ? 
_entity_src_gen.gene_src_tissue_fraction           ? 
_entity_src_gen.gene_src_details                   ? 
_entity_src_gen.pdbx_gene_src_fragment             ? 
_entity_src_gen.pdbx_gene_src_scientific_name      'uncultured bacterium' 
_entity_src_gen.pdbx_gene_src_ncbi_taxonomy_id     77133 
_entity_src_gen.pdbx_gene_src_variant              ? 
_entity_src_gen.pdbx_gene_src_cell_line            ? 
_entity_src_gen.pdbx_gene_src_atcc                 ? 
_entity_src_gen.pdbx_gene_src_organ                ? 
_entity_src_gen.pdbx_gene_src_organelle            ? 
_entity_src_gen.pdbx_gene_src_cell                 ? 
_entity_src_gen.pdbx_gene_src_cellular_location    ? 
_entity_src_gen.host_org_common_name               ? 
_entity_src_gen.pdbx_host_org_scientific_name      'Escherichia coli' 
_entity_src_gen.pdbx_host_org_ncbi_taxonomy_id     562 
_entity_src_gen.host_org_genus                     ? 
_entity_src_gen.pdbx_host_org_gene                 ? 
_entity_src_gen.pdbx_host_org_organ                ? 
_entity_src_gen.host_org_species                   ? 
_entity_src_gen.pdbx_host_org_tissue               ? 
_entity_src_gen.pdbx_host_org_tissue_fraction      ? 
_entity_src_gen.pdbx_host_org_strain               ? 
_entity_src_gen.pdbx_host_org_variant              ? 
_entity_src_gen.pdbx_host_org_cell_line            ? 
_entity_src_gen.pdbx_host_org_atcc                 ? 
_entity_src_gen.pdbx_host_org_culture_collection   ? 
_entity_src_gen.pdbx_host_org_cell                 ? 
_entity_src_gen.pdbx_host_org_organelle            ? 
_entity_src_gen.pdbx_host_org_cellular_location    ? 
_entity_src_gen.pdbx_host_org_vector_type          ? 
_entity_src_gen.pdbx_host_org_vector               ? 
_entity_src_gen.host_org_details                   ? 
_entity_src_gen.expression_system_id               ? 
_entity_src_gen.plasmid_name                       ? 
_entity_src_gen.plasmid_details                    ? 
_entity_src_gen.pdbx_description                   ? 
# 
loop_
_chem_comp.id 
_chem_comp.type 
_chem_comp.mon_nstd_flag 
_chem_comp.name 
_chem_comp.pdbx_synonyms 
_chem_comp.formula 
_chem_comp.formula_weight 
ALA 'L-peptide linking' y ALANINE         ? 'C3 H7 N O2'     89.093  
ARG 'L-peptide linking' y ARGININE        ? 'C6 H15 N4 O2 1' 175.209 
ASN 'L-peptide linking' y ASPARAGINE      ? 'C4 H8 N2 O3'    132.118 
ASP 'L-peptide linking' y 'ASPARTIC ACID' ? 'C4 H7 N O4'     133.103 
CYS 'L-peptide linking' y CYSTEINE        ? 'C3 H7 N O2 S'   121.158 
GLN 'L-peptide linking' y GLUTAMINE       ? 'C5 H10 N2 O3'   146.144 
GLU 'L-peptide linking' y 'GLUTAMIC ACID' ? 'C5 H9 N O4'     147.129 
GLY 'peptide linking'   y GLYCINE         ? 'C2 H5 N O2'     75.067  
HIS 'L-peptide linking' y HISTIDINE       ? 'C6 H10 N3 O2 1' 156.162 
HOH non-polymer         . WATER           ? 'H2 O'           18.015  
ILE 'L-peptide linking' y ISOLEUCINE      ? 'C6 H13 N O2'    131.173 
LEU 'L-peptide linking' y LEUCINE         ? 'C6 H13 N O2'    131.173 
LYS 'L-peptide linking' y LYSINE          ? 'C6 H15 N2 O2 1' 147.195 
MET 'L-peptide linking' y METHIONINE      ? 'C5 H11 N O2 S'  149.211 
PHE 'L-peptide linking' y PHENYLALANINE   ? 'C9 H11 N O2'    165.189 
PRO 'L-peptide linking' y PROLINE         ? 'C5 H9 N O2'     115.130 
SER 'L-peptide linking' y SERINE          ? 'C3 H7 N O3'     105.093 
THR 'L-peptide linking' y THREONINE       ? 'C4 H9 N O3'     119.119 
TRP 'L-peptide linking' y TRYPTOPHAN      ? 'C11 H12 N2 O2'  204.225 
TYR 'L-peptide linking' y TYROSINE        ? 'C9 H11 N O3'    181.189 
VAL 'L-peptide linking' y VALINE          ? 'C5 H11 N O2'    117.146 
# 
loop_
_pdbx_poly_seq_scheme.asym_id 
_pdbx_poly_seq_scheme.entity_id 
_pdbx_poly_seq_scheme.seq_id 
_pdbx_poly_seq_scheme.mon_id 
_pdbx_poly_seq_scheme.ndb_seq_num 
_pdbx_poly_seq_scheme.pdb_seq_num 
_pdbx_poly_seq_scheme.auth_seq_num 
_pdbx_poly_seq_scheme.pdb_mon_id 
_pdbx_poly_seq_scheme.auth_mon_id 
_pdbx_poly_seq_scheme.pdb_strand_id 
_pdbx_poly_seq_scheme.pdb_ins_code 
_pdbx_poly_seq_scheme.hetero 
A 1 1  GLY 1  331 ?   ?   ?   A . n 
A 1 2  SER 2  332 ?   ?   ?   A . n 
A 1 3  HIS 3  333 ?   ?   ?   A . n 
A 1 4  MET 4  334 ?   ?   ?   A . n 
A 1 5  SER 5  335 335 SER SER A . n 
A 1 6  ALA 6  336 336 ALA ALA A . n 
A 1 7  SER 7  337 337 SER SER A . n 
A 1 8  CYS 8  338 338 CYS CYS A . n 
A 1 9  GLY 9  339 339 GLY GLY A . n 
A 1 10 SER 10 340 340 SER SER A . n 
A 1 11 GLY 11 341 341 GLY GLY A . n 
A 1 12 ASN 12 342 342 ASN ASN A . n 
A 1 13 PHE 13 343 343 PHE PHE A . n 
A 1 14 ASN 14 344 344 ASN ASN A . n 
A 1 15 LYS 15 345 345 LYS LYS A . n 
A 1 16 THR 16 346 346 THR THR A . n 
A 1 17 ALA 17 347 347 ALA ALA A . n 
A 1 18 ALA 18 348 348 ALA ALA A . n 
A 1 19 LYS 19 349 349 LYS LYS A . n 
A 1 20 GLY 20 350 350 GLY GLY A . n 
A 1 21 VAL 21 351 351 VAL VAL A . n 
A 1 22 GLU 22 352 352 GLU GLU A . n 
A 1 23 PHE 23 353 353 PHE PHE A . n 
A 1 24 SER 24 354 354 SER SER A . n 
A 1 25 ALA 25 355 355 ALA ALA A . n 
A 1 26 VAL 26 356 356 VAL VAL A . n 
A 1 27 ALA 27 357 357 ALA ALA A . n 
A 1 28 GLY 28 358 358 GLY GLY A . n 
A 1 29 ASP 29 359 359 ASP ASP A . n 
A 1 30 CYS 30 360 360 CYS CYS A . n 
A 1 31 ILE 31 361 361 ILE ILE A . n 
A 1 32 LYS 32 362 362 LYS LYS A . n 
A 1 33 TYR 33 363 363 TYR TYR A . n 
A 1 34 ASN 34 364 364 ASN ASN A . n 
A 1 35 LYS 35 365 365 LYS LYS A . n 
A 1 36 SER 36 366 366 SER SER A . n 
A 1 37 SER 37 367 367 SER SER A . n 
A 1 38 GLY 38 368 368 GLY GLY A . n 
A 1 39 THR 39 369 369 THR THR A . n 
A 1 40 LEU 40 370 370 LEU LEU A . n 
A 1 41 GLN 41 371 371 GLN GLN A . n 
A 1 42 ILE 42 372 372 ILE ILE A . n 
A 1 43 GLY 43 373 373 GLY GLY A . n 
A 1 44 SER 44 374 374 SER SER A . n 
A 1 45 TRP 45 375 375 TRP TRP A . n 
A 1 46 THR 46 376 376 THR THR A . n 
A 1 47 GLY 47 377 377 GLY GLY A . n 
A 1 48 VAL 48 378 378 VAL VAL A . n 
A 1 49 ALA 49 379 379 ALA ALA A . n 
A 1 50 SER 50 380 380 SER SER A . n 
A 1 51 SER 51 381 381 SER SER A . n 
A 1 52 TYR 52 382 382 TYR TYR A . n 
A 1 53 ASN 53 383 383 ASN ASN A . n 
A 1 54 ILE 54 384 384 ILE ILE A . n 
A 1 55 THR 55 385 385 THR THR A . n 
A 1 56 SER 56 386 386 SER SER A . n 
A 1 57 GLY 57 387 387 GLY GLY A . n 
A 1 58 PRO 58 388 388 PRO PRO A . n 
A 1 59 GLN 59 389 389 GLN GLN A . n 
A 1 60 GLY 60 390 390 GLY GLY A . n 
A 1 61 ILE 61 391 391 ILE ILE A . n 
A 1 62 THR 62 392 392 THR THR A . n 
A 1 63 ASN 63 393 393 ASN ASN A . n 
A 1 64 THR 64 394 394 THR THR A . n 
A 1 65 GLY 65 395 395 GLY GLY A . n 
A 1 66 ASN 66 396 396 ASN ASN A . n 
A 1 67 GLY 67 397 397 GLY GLY A . n 
A 1 68 TRP 68 398 398 TRP TRP A . n 
A 1 69 THR 69 399 399 THR THR A . n 
A 1 70 THR 70 400 400 THR THR A . n 
A 1 71 VAL 71 401 401 VAL VAL A . n 
A 1 72 ALA 72 402 402 ALA ALA A . n 
A 1 73 ASN 73 403 403 ASN ASN A . n 
A 1 74 ALA 74 404 404 ALA ALA A . n 
A 1 75 ALA 75 405 405 ALA ALA A . n 
A 1 76 ASN 76 406 406 ASN ASN A . n 
A 1 77 GLY 77 407 407 GLY GLY A . n 
A 1 78 ASP 78 408 408 ASP ASP A . n 
A 1 79 LEU 79 409 409 LEU LEU A . n 
A 1 80 TYR 80 410 410 TYR TYR A . n 
A 1 81 ILE 81 411 411 ILE ILE A . n 
A 1 82 LYS 82 412 412 LYS LYS A . n 
A 1 83 ILE 83 413 413 ILE ILE A . n 
A 1 84 VAL 84 414 414 VAL VAL A . n 
A 1 85 SER 85 415 415 SER SER A . n 
A 1 86 ALA 86 416 416 ALA ALA A . n 
A 1 87 SER 87 417 417 SER SER A . n 
A 1 88 ARG 88 418 418 ARG ARG A . n 
A 1 89 SER 89 419 419 SER SER A . n 
A 1 90 PHE 90 420 420 PHE PHE A . n 
A 1 91 ASN 91 421 421 ASN ASN A . n 
A 1 92 VAL 92 422 422 VAL VAL A . n 
A 1 93 LYS 93 423 423 LYS LYS A . n 
A 1 94 PHE 94 424 424 PHE PHE A . n 
A 1 95 ASP 95 425 425 ASP ASP A . n 
A 1 96 ASN 96 426 426 ASN ASN A . n 
A 1 97 TRP 97 427 427 TRP TRP A . n 
# 
loop_
_pdbx_nonpoly_scheme.asym_id 
_pdbx_nonpoly_scheme.entity_id 
_pdbx_nonpoly_scheme.mon_id 
_pdbx_nonpoly_scheme.ndb_seq_num 
_pdbx_nonpoly_scheme.pdb_seq_num 
_pdbx_nonpoly_scheme.auth_seq_num 
_pdbx_nonpoly_scheme.pdb_mon_id 
_pdbx_nonpoly_scheme.auth_mon_id 
_pdbx_nonpoly_scheme.pdb_strand_id 
_pdbx_nonpoly_scheme.pdb_ins_code 
B 2 HOH 1   501 102 HOH HOH A . 
B 2 HOH 2   502 76  HOH HOH A . 
B 2 HOH 3   503 61  HOH HOH A . 
B 2 HOH 4   504 22  HOH HOH A . 
B 2 HOH 5   505 49  HOH HOH A . 
B 2 HOH 6   506 80  HOH HOH A . 
B 2 HOH 7   507 78  HOH HOH A . 
B 2 HOH 8   508 53  HOH HOH A . 
B 2 HOH 9   509 51  HOH HOH A . 
B 2 HOH 10  510 1   HOH HOH A . 
B 2 HOH 11  511 48  HOH HOH A . 
B 2 HOH 12  512 8   HOH HOH A . 
B 2 HOH 13  513 24  HOH HOH A . 
B 2 HOH 14  514 40  HOH HOH A . 
B 2 HOH 15  515 11  HOH HOH A . 
B 2 HOH 16  516 45  HOH HOH A . 
B 2 HOH 17  517 75  HOH HOH A . 
B 2 HOH 18  518 12  HOH HOH A . 
B 2 HOH 19  519 74  HOH HOH A . 
B 2 HOH 20  520 27  HOH HOH A . 
B 2 HOH 21  521 97  HOH HOH A . 
B 2 HOH 22  522 44  HOH HOH A . 
B 2 HOH 23  523 58  HOH HOH A . 
B 2 HOH 24  524 82  HOH HOH A . 
B 2 HOH 25  525 54  HOH HOH A . 
B 2 HOH 26  526 23  HOH HOH A . 
B 2 HOH 27  527 4   HOH HOH A . 
B 2 HOH 28  528 30  HOH HOH A . 
B 2 HOH 29  529 88  HOH HOH A . 
B 2 HOH 30  530 37  HOH HOH A . 
B 2 HOH 31  531 34  HOH HOH A . 
B 2 HOH 32  532 98  HOH HOH A . 
B 2 HOH 33  533 60  HOH HOH A . 
B 2 HOH 34  534 87  HOH HOH A . 
B 2 HOH 35  535 36  HOH HOH A . 
B 2 HOH 36  536 3   HOH HOH A . 
B 2 HOH 37  537 64  HOH HOH A . 
B 2 HOH 38  538 41  HOH HOH A . 
B 2 HOH 39  539 17  HOH HOH A . 
B 2 HOH 40  540 10  HOH HOH A . 
B 2 HOH 41  541 91  HOH HOH A . 
B 2 HOH 42  542 39  HOH HOH A . 
B 2 HOH 43  543 68  HOH HOH A . 
B 2 HOH 44  544 18  HOH HOH A . 
B 2 HOH 45  545 46  HOH HOH A . 
B 2 HOH 46  546 35  HOH HOH A . 
B 2 HOH 47  547 67  HOH HOH A . 
B 2 HOH 48  548 14  HOH HOH A . 
B 2 HOH 49  549 43  HOH HOH A . 
B 2 HOH 50  550 42  HOH HOH A . 
B 2 HOH 51  551 31  HOH HOH A . 
B 2 HOH 52  552 29  HOH HOH A . 
B 2 HOH 53  553 28  HOH HOH A . 
B 2 HOH 54  554 72  HOH HOH A . 
B 2 HOH 55  555 19  HOH HOH A . 
B 2 HOH 56  556 7   HOH HOH A . 
B 2 HOH 57  557 55  HOH HOH A . 
B 2 HOH 58  558 85  HOH HOH A . 
B 2 HOH 59  559 25  HOH HOH A . 
B 2 HOH 60  560 100 HOH HOH A . 
B 2 HOH 61  561 94  HOH HOH A . 
B 2 HOH 62  562 32  HOH HOH A . 
B 2 HOH 63  563 15  HOH HOH A . 
B 2 HOH 64  564 38  HOH HOH A . 
B 2 HOH 65  565 47  HOH HOH A . 
B 2 HOH 66  566 16  HOH HOH A . 
B 2 HOH 67  567 71  HOH HOH A . 
B 2 HOH 68  568 21  HOH HOH A . 
B 2 HOH 69  569 57  HOH HOH A . 
B 2 HOH 70  570 89  HOH HOH A . 
B 2 HOH 71  571 6   HOH HOH A . 
B 2 HOH 72  572 92  HOH HOH A . 
B 2 HOH 73  573 70  HOH HOH A . 
B 2 HOH 74  574 111 HOH HOH A . 
B 2 HOH 75  575 33  HOH HOH A . 
B 2 HOH 76  576 95  HOH HOH A . 
B 2 HOH 77  577 2   HOH HOH A . 
B 2 HOH 78  578 20  HOH HOH A . 
B 2 HOH 79  579 114 HOH HOH A . 
B 2 HOH 80  580 13  HOH HOH A . 
B 2 HOH 81  581 5   HOH HOH A . 
B 2 HOH 82  582 105 HOH HOH A . 
B 2 HOH 83  583 59  HOH HOH A . 
B 2 HOH 84  584 63  HOH HOH A . 
B 2 HOH 85  585 50  HOH HOH A . 
B 2 HOH 86  586 69  HOH HOH A . 
B 2 HOH 87  587 9   HOH HOH A . 
B 2 HOH 88  588 52  HOH HOH A . 
B 2 HOH 89  589 108 HOH HOH A . 
B 2 HOH 90  590 115 HOH HOH A . 
B 2 HOH 91  591 66  HOH HOH A . 
B 2 HOH 92  592 99  HOH HOH A . 
B 2 HOH 93  593 101 HOH HOH A . 
B 2 HOH 94  594 110 HOH HOH A . 
B 2 HOH 95  595 56  HOH HOH A . 
B 2 HOH 96  596 109 HOH HOH A . 
B 2 HOH 97  597 79  HOH HOH A . 
B 2 HOH 98  598 103 HOH HOH A . 
B 2 HOH 99  599 81  HOH HOH A . 
B 2 HOH 100 600 113 HOH HOH A . 
B 2 HOH 101 601 65  HOH HOH A . 
B 2 HOH 102 602 93  HOH HOH A . 
B 2 HOH 103 603 84  HOH HOH A . 
B 2 HOH 104 604 62  HOH HOH A . 
B 2 HOH 105 605 106 HOH HOH A . 
B 2 HOH 106 606 104 HOH HOH A . 
B 2 HOH 107 607 83  HOH HOH A . 
B 2 HOH 108 608 73  HOH HOH A . 
B 2 HOH 109 609 96  HOH HOH A . 
B 2 HOH 110 610 116 HOH HOH A . 
B 2 HOH 111 611 90  HOH HOH A . 
B 2 HOH 112 612 112 HOH HOH A . 
B 2 HOH 113 613 77  HOH HOH A . 
B 2 HOH 114 614 107 HOH HOH A . 
B 2 HOH 115 615 26  HOH HOH A . 
B 2 HOH 116 616 86  HOH HOH A . 
# 
loop_
_software.citation_id 
_software.classification 
_software.compiler_name 
_software.compiler_version 
_software.contact_author 
_software.contact_author_email 
_software.date 
_software.description 
_software.dependencies 
_software.hardware 
_software.language 
_software.location 
_software.mods 
_software.name 
_software.os 
_software.os_version 
_software.type 
_software.version 
_software.pdbx_ordinal 
? 'data scaling'    ? ? ? ? ? ? ? ? ? ? ? Aimless     ? ? ? 0.5.2  1 
? phasing           ? ? ? ? ? ? ? ? ? ? ? PHASER      ? ? ? 2.5.7  2 
? refinement        ? ? ? ? ? ? ? ? ? ? ? PHENIX      ? ? ? 1.10.1 3 
? 'data extraction' ? ? ? ? ? ? ? ? ? ? ? PDB_EXTRACT ? ? ? 3.20   4 
? 'data reduction'  ? ? ? ? ? ? ? ? ? ? ? XDS         ? ? ? .      5 
# 
_cell.angle_alpha                  90.000 
_cell.angle_alpha_esd              ? 
_cell.angle_beta                   92.780 
_cell.angle_beta_esd               ? 
_cell.angle_gamma                  90.000 
_cell.angle_gamma_esd              ? 
_cell.entry_id                     5KLC 
_cell.details                      ? 
_cell.formula_units_Z              ? 
_cell.length_a                     28.391 
_cell.length_a_esd                 ? 
_cell.length_b                     26.514 
_cell.length_b_esd                 ? 
_cell.length_c                     99.294 
_cell.length_c_esd                 ? 
_cell.volume                       ? 
_cell.volume_esd                   ? 
_cell.Z_PDB                        4 
_cell.reciprocal_angle_alpha       ? 
_cell.reciprocal_angle_beta        ? 
_cell.reciprocal_angle_gamma       ? 
_cell.reciprocal_angle_alpha_esd   ? 
_cell.reciprocal_angle_beta_esd    ? 
_cell.reciprocal_angle_gamma_esd   ? 
_cell.reciprocal_length_a          ? 
_cell.reciprocal_length_b          ? 
_cell.reciprocal_length_c          ? 
_cell.reciprocal_length_a_esd      ? 
_cell.reciprocal_length_b_esd      ? 
_cell.reciprocal_length_c_esd      ? 
_cell.pdbx_unique_axis             ? 
# 
_symmetry.entry_id                         5KLC 
_symmetry.cell_setting                     ? 
_symmetry.Int_Tables_number                5 
_symmetry.space_group_name_Hall            ? 
_symmetry.space_group_name_H-M             'I 1 2 1' 
_symmetry.pdbx_full_space_group_name_H-M   ? 
# 
_exptl.absorpt_coefficient_mu     ? 
_exptl.absorpt_correction_T_max   ? 
_exptl.absorpt_correction_T_min   ? 
_exptl.absorpt_correction_type    ? 
_exptl.absorpt_process_details    ? 
_exptl.entry_id                   5KLC 
_exptl.crystals_number            1 
_exptl.details                    ? 
_exptl.method                     'X-RAY DIFFRACTION' 
_exptl.method_details             ? 
# 
_exptl_crystal.colour                      ? 
_exptl_crystal.density_diffrn              ? 
_exptl_crystal.density_Matthews            1.94 
_exptl_crystal.density_method              ? 
_exptl_crystal.density_percent_sol         36.74 
_exptl_crystal.description                 ? 
_exptl_crystal.F_000                       ? 
_exptl_crystal.id                          1 
_exptl_crystal.preparation                 ? 
_exptl_crystal.size_max                    ? 
_exptl_crystal.size_mid                    ? 
_exptl_crystal.size_min                    ? 
_exptl_crystal.size_rad                    ? 
_exptl_crystal.colour_lustre               ? 
_exptl_crystal.colour_modifier             ? 
_exptl_crystal.colour_primary              ? 
_exptl_crystal.density_meas                ? 
_exptl_crystal.density_meas_esd            ? 
_exptl_crystal.density_meas_gt             ? 
_exptl_crystal.density_meas_lt             ? 
_exptl_crystal.density_meas_temp           ? 
_exptl_crystal.density_meas_temp_esd       ? 
_exptl_crystal.density_meas_temp_gt        ? 
_exptl_crystal.density_meas_temp_lt        ? 
_exptl_crystal.pdbx_crystal_image_url      ? 
_exptl_crystal.pdbx_crystal_image_format   ? 
_exptl_crystal.pdbx_mosaicity              ? 
_exptl_crystal.pdbx_mosaicity_esd          ? 
# 
_exptl_crystal_grow.apparatus       ? 
_exptl_crystal_grow.atmosphere      ? 
_exptl_crystal_grow.crystal_id      1 
_exptl_crystal_grow.details         ? 
_exptl_crystal_grow.method          'VAPOR DIFFUSION, SITTING DROP' 
_exptl_crystal_grow.method_ref      ? 
_exptl_crystal_grow.pH              10.5 
_exptl_crystal_grow.pressure        ? 
_exptl_crystal_grow.pressure_esd    ? 
_exptl_crystal_grow.seeding         ? 
_exptl_crystal_grow.seeding_ref     ? 
_exptl_crystal_grow.temp            291 
_exptl_crystal_grow.temp_details    ? 
_exptl_crystal_grow.temp_esd        ? 
_exptl_crystal_grow.time            ? 
_exptl_crystal_grow.pdbx_details    '2 M ammonium sulfate, 0.2 M lithium sulfate and 0.1 M CAPS, pH 10.5' 
_exptl_crystal_grow.pdbx_pH_range   ? 
# 
_diffrn.ambient_environment    ? 
_diffrn.ambient_temp           100 
_diffrn.ambient_temp_details   ? 
_diffrn.ambient_temp_esd       ? 
_diffrn.crystal_id             1 
_diffrn.crystal_support        ? 
_diffrn.crystal_treatment      ? 
_diffrn.details                ? 
_diffrn.id                     1 
_diffrn.ambient_pressure       ? 
_diffrn.ambient_pressure_esd   ? 
_diffrn.ambient_pressure_gt    ? 
_diffrn.ambient_pressure_lt    ? 
_diffrn.ambient_temp_gt        ? 
_diffrn.ambient_temp_lt        ? 
# 
_diffrn_detector.details                      ? 
_diffrn_detector.detector                     CCD 
_diffrn_detector.diffrn_id                    1 
_diffrn_detector.type                         'MARMOSAIC 225 mm CCD' 
_diffrn_detector.area_resol_mean              ? 
_diffrn_detector.dtime                        ? 
_diffrn_detector.pdbx_frames_total            ? 
_diffrn_detector.pdbx_collection_time_total   ? 
_diffrn_detector.pdbx_collection_date         2014-04-08 
# 
_diffrn_radiation.collimation                      ? 
_diffrn_radiation.diffrn_id                        1 
_diffrn_radiation.filter_edge                      ? 
_diffrn_radiation.inhomogeneity                    ? 
_diffrn_radiation.monochromator                    ? 
_diffrn_radiation.polarisn_norm                    ? 
_diffrn_radiation.polarisn_ratio                   ? 
_diffrn_radiation.probe                            ? 
_diffrn_radiation.type                             ? 
_diffrn_radiation.xray_symbol                      ? 
_diffrn_radiation.wavelength_id                    1 
_diffrn_radiation.pdbx_monochromatic_or_laue_m_l   M 
_diffrn_radiation.pdbx_wavelength_list             ? 
_diffrn_radiation.pdbx_wavelength                  ? 
_diffrn_radiation.pdbx_diffrn_protocol             'SINGLE WAVELENGTH' 
_diffrn_radiation.pdbx_analyzer                    ? 
_diffrn_radiation.pdbx_scattering_type             x-ray 
# 
_diffrn_radiation_wavelength.id           1 
_diffrn_radiation_wavelength.wavelength   1.46 
_diffrn_radiation_wavelength.wt           1.0 
# 
_diffrn_source.current                     ? 
_diffrn_source.details                     ? 
_diffrn_source.diffrn_id                   1 
_diffrn_source.power                       ? 
_diffrn_source.size                        ? 
_diffrn_source.source                      SYNCHROTRON 
_diffrn_source.target                      ? 
_diffrn_source.type                        'LNLS BEAMLINE W01B-MX2' 
_diffrn_source.voltage                     ? 
_diffrn_source.take-off_angle              ? 
_diffrn_source.pdbx_wavelength_list        1.46 
_diffrn_source.pdbx_wavelength             ? 
_diffrn_source.pdbx_synchrotron_beamline   W01B-MX2 
_diffrn_source.pdbx_synchrotron_site       LNLS 
# 
_reflns.B_iso_Wilson_estimate            ? 
_reflns.entry_id                         5KLC 
_reflns.data_reduction_details           ? 
_reflns.data_reduction_method            ? 
_reflns.d_resolution_high                1.740 
_reflns.d_resolution_low                 27.620 
_reflns.details                          ? 
_reflns.limit_h_max                      ? 
_reflns.limit_h_min                      ? 
_reflns.limit_k_max                      ? 
_reflns.limit_k_min                      ? 
_reflns.limit_l_max                      ? 
_reflns.limit_l_min                      ? 
_reflns.number_all                       ? 
_reflns.number_obs                       7638 
_reflns.observed_criterion               ? 
_reflns.observed_criterion_F_max         ? 
_reflns.observed_criterion_F_min         ? 
_reflns.observed_criterion_I_max         ? 
_reflns.observed_criterion_I_min         ? 
_reflns.observed_criterion_sigma_F       ? 
_reflns.observed_criterion_sigma_I       ? 
_reflns.percent_possible_obs             98.900 
_reflns.R_free_details                   ? 
_reflns.Rmerge_F_all                     ? 
_reflns.Rmerge_F_obs                     ? 
_reflns.Friedel_coverage                 ? 
_reflns.number_gt                        ? 
_reflns.threshold_expression             ? 
_reflns.pdbx_redundancy                  6.800 
_reflns.pdbx_Rmerge_I_obs                0.084 
_reflns.pdbx_Rmerge_I_all                ? 
_reflns.pdbx_Rsym_value                  ? 
_reflns.pdbx_netI_over_av_sigmaI         ? 
_reflns.pdbx_netI_over_sigmaI            14.800 
_reflns.pdbx_res_netI_over_av_sigmaI_2   ? 
_reflns.pdbx_res_netI_over_sigmaI_2      ? 
_reflns.pdbx_chi_squared                 ? 
_reflns.pdbx_scaling_rejects             ? 
_reflns.pdbx_d_res_high_opt              ? 
_reflns.pdbx_d_res_low_opt               ? 
_reflns.pdbx_d_res_opt_method            ? 
_reflns.phase_calculation_details        ? 
_reflns.pdbx_Rrim_I_all                  ? 
_reflns.pdbx_Rpim_I_all                  ? 
_reflns.pdbx_d_opt                       ? 
_reflns.pdbx_number_measured_all         ? 
_reflns.pdbx_diffrn_id                   1 
_reflns.pdbx_ordinal                     1 
_reflns.pdbx_CC_half                     0.998 
_reflns.pdbx_R_split                     ? 
# 
loop_
_reflns_shell.d_res_high 
_reflns_shell.d_res_low 
_reflns_shell.meanI_over_sigI_all 
_reflns_shell.meanI_over_sigI_obs 
_reflns_shell.number_measured_all 
_reflns_shell.number_measured_obs 
_reflns_shell.number_possible 
_reflns_shell.number_unique_all 
_reflns_shell.number_unique_obs 
_reflns_shell.percent_possible_all 
_reflns_shell.percent_possible_obs 
_reflns_shell.Rmerge_F_all 
_reflns_shell.Rmerge_F_obs 
_reflns_shell.Rmerge_I_all 
_reflns_shell.Rmerge_I_obs 
_reflns_shell.meanI_over_sigI_gt 
_reflns_shell.meanI_over_uI_all 
_reflns_shell.meanI_over_uI_gt 
_reflns_shell.number_measured_gt 
_reflns_shell.number_unique_gt 
_reflns_shell.percent_possible_gt 
_reflns_shell.Rmerge_F_gt 
_reflns_shell.Rmerge_I_gt 
_reflns_shell.pdbx_redundancy 
_reflns_shell.pdbx_Rsym_value 
_reflns_shell.pdbx_chi_squared 
_reflns_shell.pdbx_netI_over_sigmaI_all 
_reflns_shell.pdbx_netI_over_sigmaI_obs 
_reflns_shell.pdbx_Rrim_I_all 
_reflns_shell.pdbx_Rpim_I_all 
_reflns_shell.pdbx_rejects 
_reflns_shell.pdbx_ordinal 
_reflns_shell.pdbx_diffrn_id 
_reflns_shell.pdbx_CC_half 
_reflns_shell.pdbx_R_split 
1.740 1.780  ? 1.9  ? ? ? ? ? 81.000 ? ? ? ? 0.972 ? ? ? ? ? ? ? ? 5.500 ? ? ? ? ? ? ? 1 1 ? ? 
9.060 27.620 ? 29.8 ? ? ? ? ? 97.100 ? ? ? ? 0.034 ? ? ? ? ? ? ? ? 5.900 ? ? ? ? ? ? ? 2 1 ? ? 
# 
_refine.aniso_B[1][1]                            ? 
_refine.aniso_B[1][2]                            ? 
_refine.aniso_B[1][3]                            ? 
_refine.aniso_B[2][2]                            ? 
_refine.aniso_B[2][3]                            ? 
_refine.aniso_B[3][3]                            ? 
_refine.B_iso_max                                48.250 
_refine.B_iso_mean                               17.0854 
_refine.B_iso_min                                8.320 
_refine.correlation_coeff_Fo_to_Fc               ? 
_refine.correlation_coeff_Fo_to_Fc_free          ? 
_refine.details                                  ? 
_refine.diff_density_max                         ? 
_refine.diff_density_max_esd                     ? 
_refine.diff_density_min                         ? 
_refine.diff_density_min_esd                     ? 
_refine.diff_density_rms                         ? 
_refine.diff_density_rms_esd                     ? 
_refine.entry_id                                 5KLC 
_refine.pdbx_refine_id                           'X-RAY DIFFRACTION' 
_refine.ls_abs_structure_details                 ? 
_refine.ls_abs_structure_Flack                   ? 
_refine.ls_abs_structure_Flack_esd               ? 
_refine.ls_abs_structure_Rogers                  ? 
_refine.ls_abs_structure_Rogers_esd              ? 
_refine.ls_d_res_high                            1.7460 
_refine.ls_d_res_low                             26.9220 
_refine.ls_extinction_coef                       ? 
_refine.ls_extinction_coef_esd                   ? 
_refine.ls_extinction_expression                 ? 
_refine.ls_extinction_method                     ? 
_refine.ls_goodness_of_fit_all                   ? 
_refine.ls_goodness_of_fit_all_esd               ? 
_refine.ls_goodness_of_fit_obs                   ? 
_refine.ls_goodness_of_fit_obs_esd               ? 
_refine.ls_hydrogen_treatment                    ? 
_refine.ls_matrix_type                           ? 
_refine.ls_number_constraints                    ? 
_refine.ls_number_parameters                     ? 
_refine.ls_number_reflns_all                     ? 
_refine.ls_number_reflns_obs                     7635 
_refine.ls_number_reflns_R_free                  412 
_refine.ls_number_reflns_R_work                  ? 
_refine.ls_number_restraints                     ? 
_refine.ls_percent_reflns_obs                    99.1700 
_refine.ls_percent_reflns_R_free                 5.4000 
_refine.ls_R_factor_all                          ? 
_refine.ls_R_factor_obs                          0.1566 
_refine.ls_R_factor_R_free                       0.2073 
_refine.ls_R_factor_R_free_error                 ? 
_refine.ls_R_factor_R_free_error_details         ? 
_refine.ls_R_factor_R_work                       0.1539 
_refine.ls_R_Fsqd_factor_obs                     ? 
_refine.ls_R_I_factor_obs                        ? 
_refine.ls_redundancy_reflns_all                 ? 
_refine.ls_redundancy_reflns_obs                 ? 
_refine.ls_restrained_S_all                      ? 
_refine.ls_restrained_S_obs                      ? 
_refine.ls_shift_over_esd_max                    ? 
_refine.ls_shift_over_esd_mean                   ? 
_refine.ls_structure_factor_coef                 ? 
_refine.ls_weighting_details                     ? 
_refine.ls_weighting_scheme                      ? 
_refine.ls_wR_factor_all                         ? 
_refine.ls_wR_factor_obs                         ? 
_refine.ls_wR_factor_R_free                      ? 
_refine.ls_wR_factor_R_work                      ? 
_refine.occupancy_max                            ? 
_refine.occupancy_min                            ? 
_refine.solvent_model_details                    ? 
_refine.solvent_model_param_bsol                 ? 
_refine.solvent_model_param_ksol                 ? 
_refine.ls_R_factor_gt                           ? 
_refine.ls_goodness_of_fit_gt                    ? 
_refine.ls_goodness_of_fit_ref                   ? 
_refine.ls_shift_over_su_max                     ? 
_refine.ls_shift_over_su_max_lt                  ? 
_refine.ls_shift_over_su_mean                    ? 
_refine.ls_shift_over_su_mean_lt                 ? 
_refine.pdbx_ls_sigma_I                          ? 
_refine.pdbx_ls_sigma_F                          1.350 
_refine.pdbx_ls_sigma_Fsqd                       ? 
_refine.pdbx_data_cutoff_high_absF               ? 
_refine.pdbx_data_cutoff_high_rms_absF           ? 
_refine.pdbx_data_cutoff_low_absF                ? 
_refine.pdbx_isotropic_thermal_model             ? 
_refine.pdbx_ls_cross_valid_method               'FREE R-VALUE' 
_refine.pdbx_method_to_determine_struct          'MOLECULAR REPLACEMENT' 
_refine.pdbx_starting_model                      5KLF 
_refine.pdbx_stereochemistry_target_values       ? 
_refine.pdbx_R_Free_selection_details            ? 
_refine.pdbx_stereochem_target_val_spec_case     ? 
_refine.pdbx_overall_ESU_R                       ? 
_refine.pdbx_overall_ESU_R_Free                  ? 
_refine.pdbx_solvent_vdw_probe_radii             1.1100 
_refine.pdbx_solvent_ion_probe_radii             ? 
_refine.pdbx_solvent_shrinkage_radii             0.9000 
_refine.pdbx_real_space_R                        ? 
_refine.pdbx_density_correlation                 ? 
_refine.pdbx_pd_number_of_powder_patterns        ? 
_refine.pdbx_pd_number_of_points                 ? 
_refine.pdbx_pd_meas_number_of_points            ? 
_refine.pdbx_pd_proc_ls_prof_R_factor            ? 
_refine.pdbx_pd_proc_ls_prof_wR_factor           ? 
_refine.pdbx_pd_Marquardt_correlation_coeff      ? 
_refine.pdbx_pd_Fsqrd_R_factor                   ? 
_refine.pdbx_pd_ls_matrix_band_width             ? 
_refine.pdbx_overall_phase_error                 21.2400 
_refine.pdbx_overall_SU_R_free_Cruickshank_DPI   ? 
_refine.pdbx_overall_SU_R_free_Blow_DPI          ? 
_refine.pdbx_overall_SU_R_Blow_DPI               ? 
_refine.pdbx_TLS_residual_ADP_flag               ? 
_refine.pdbx_diffrn_id                           1 
_refine.overall_SU_B                             ? 
_refine.overall_SU_ML                            0.1800 
_refine.overall_SU_R_Cruickshank_DPI             ? 
_refine.overall_SU_R_free                        ? 
_refine.overall_FOM_free_R_set                   ? 
_refine.overall_FOM_work_R_set                   ? 
_refine.pdbx_average_fsc_overall                 ? 
_refine.pdbx_average_fsc_work                    ? 
_refine.pdbx_average_fsc_free                    ? 
# 
_refine_hist.cycle_id                         final 
_refine_hist.pdbx_refine_id                   'X-RAY DIFFRACTION' 
_refine_hist.d_res_high                       1.7460 
_refine_hist.d_res_low                        26.9220 
_refine_hist.pdbx_number_atoms_ligand         0 
_refine_hist.number_atoms_solvent             116 
_refine_hist.number_atoms_total               792 
_refine_hist.pdbx_number_residues_total       93 
_refine_hist.pdbx_B_iso_mean_solvent          29.64 
_refine_hist.pdbx_number_atoms_protein        676 
_refine_hist.pdbx_number_atoms_nucleic_acid   0 
# 
loop_
_refine_ls_restr.pdbx_refine_id 
_refine_ls_restr.criterion 
_refine_ls_restr.dev_ideal 
_refine_ls_restr.dev_ideal_target 
_refine_ls_restr.number 
_refine_ls_restr.rejects 
_refine_ls_restr.type 
_refine_ls_restr.weight 
_refine_ls_restr.pdbx_restraint_function 
'X-RAY DIFFRACTION' ? 0.006 ? 690 ? f_bond_d           ? ? 
'X-RAY DIFFRACTION' ? 0.815 ? 937 ? f_angle_d          ? ? 
'X-RAY DIFFRACTION' ? 0.059 ? 103 ? f_chiral_restr     ? ? 
'X-RAY DIFFRACTION' ? 0.004 ? 121 ? f_plane_restr      ? ? 
'X-RAY DIFFRACTION' ? 7.846 ? 393 ? f_dihedral_angle_d ? ? 
# 
loop_
_refine_ls_shell.pdbx_refine_id 
_refine_ls_shell.d_res_high 
_refine_ls_shell.d_res_low 
_refine_ls_shell.number_reflns_all 
_refine_ls_shell.number_reflns_obs 
_refine_ls_shell.number_reflns_R_free 
_refine_ls_shell.number_reflns_R_work 
_refine_ls_shell.percent_reflns_obs 
_refine_ls_shell.percent_reflns_R_free 
_refine_ls_shell.R_factor_all 
_refine_ls_shell.R_factor_obs 
_refine_ls_shell.R_factor_R_free 
_refine_ls_shell.R_factor_R_free_error 
_refine_ls_shell.R_factor_R_work 
_refine_ls_shell.redundancy_reflns_all 
_refine_ls_shell.redundancy_reflns_obs 
_refine_ls_shell.wR_factor_all 
_refine_ls_shell.wR_factor_obs 
_refine_ls_shell.wR_factor_R_free 
_refine_ls_shell.wR_factor_R_work 
_refine_ls_shell.pdbx_total_number_of_bins_used 
_refine_ls_shell.pdbx_phase_error 
_refine_ls_shell.pdbx_fsc_work 
_refine_ls_shell.pdbx_fsc_free 
'X-RAY DIFFRACTION' 1.7464 1.9991  2470 . 134 2336 98.0000  . . . 0.2794 . 0.1859 . . . . . . 3 . . . 
'X-RAY DIFFRACTION' 1.9991 2.5183  2546 . 173 2373 100.0000 . . . 0.1840 . 0.1479 . . . . . . 3 . . . 
'X-RAY DIFFRACTION' 2.5183 26.9248 2619 . 105 2514 100.0000 . . . 0.2010 . 0.1478 . . . . . . 3 . . . 
# 
_struct.entry_id                     5KLC 
_struct.title                        'Structure of CBM_E1, a novel carbohydrate-binding module found by sugar cane soil metagenome' 
_struct.pdbx_model_details           ? 
_struct.pdbx_formula_weight          ? 
_struct.pdbx_formula_weight_method   ? 
_struct.pdbx_model_type_details      ? 
_struct.pdbx_CASP_flag               N 
# 
_struct_keywords.entry_id        5KLC 
_struct_keywords.text            'Carbohydrate-binding protein, metagenomics, cellulose, biofuels, SUGAR BINDING PROTEIN' 
_struct_keywords.pdbx_keywords   'SUGAR BINDING PROTEIN' 
# 
loop_
_struct_asym.id 
_struct_asym.pdbx_blank_PDB_chainid_flag 
_struct_asym.pdbx_modified 
_struct_asym.entity_id 
_struct_asym.details 
A N N 1 ? 
B N N 2 ? 
# 
_struct_ref.id                         1 
_struct_ref.db_name                    UNP 
_struct_ref.db_code                    A0A0R5P8X1_9BACT 
_struct_ref.pdbx_db_accession          A0A0R5P8X1 
_struct_ref.pdbx_db_isoform            ? 
_struct_ref.entity_id                  1 
_struct_ref.pdbx_seq_one_letter_code   
;SASCGSGNFNKTAAKGVEFSAVAGDCIKYNKSSGTLQIGSWTGVASSYNITSGPQGITNTGNGWTTVANAANGDLYIKIV
SASRSFNVKFDNW
;
_struct_ref.pdbx_align_begin           1 
# 
_struct_ref_seq.align_id                      1 
_struct_ref_seq.ref_id                        1 
_struct_ref_seq.pdbx_PDB_id_code              5KLC 
_struct_ref_seq.pdbx_strand_id                A 
_struct_ref_seq.seq_align_beg                 5 
_struct_ref_seq.pdbx_seq_align_beg_ins_code   ? 
_struct_ref_seq.seq_align_end                 97 
_struct_ref_seq.pdbx_seq_align_end_ins_code   ? 
_struct_ref_seq.pdbx_db_accession             A0A0R5P8X1 
_struct_ref_seq.db_align_beg                  1 
_struct_ref_seq.pdbx_db_align_beg_ins_code    ? 
_struct_ref_seq.db_align_end                  93 
_struct_ref_seq.pdbx_db_align_end_ins_code    ? 
_struct_ref_seq.pdbx_auth_seq_align_beg       335 
_struct_ref_seq.pdbx_auth_seq_align_end       427 
# 
loop_
_struct_ref_seq_dif.align_id 
_struct_ref_seq_dif.pdbx_pdb_id_code 
_struct_ref_seq_dif.mon_id 
_struct_ref_seq_dif.pdbx_pdb_strand_id 
_struct_ref_seq_dif.seq_num 
_struct_ref_seq_dif.pdbx_pdb_ins_code 
_struct_ref_seq_dif.pdbx_seq_db_name 
_struct_ref_seq_dif.pdbx_seq_db_accession_code 
_struct_ref_seq_dif.db_mon_id 
_struct_ref_seq_dif.pdbx_seq_db_seq_num 
_struct_ref_seq_dif.details 
_struct_ref_seq_dif.pdbx_auth_seq_num 
_struct_ref_seq_dif.pdbx_ordinal 
1 5KLC GLY A 1 ? UNP A0A0R5P8X1 ? ? 'expression tag' 331 1 
1 5KLC SER A 2 ? UNP A0A0R5P8X1 ? ? 'expression tag' 332 2 
1 5KLC HIS A 3 ? UNP A0A0R5P8X1 ? ? 'expression tag' 333 3 
1 5KLC MET A 4 ? UNP A0A0R5P8X1 ? ? 'expression tag' 334 4 
# 
_pdbx_struct_assembly.id                   1 
_pdbx_struct_assembly.details              author_and_software_defined_assembly 
_pdbx_struct_assembly.method_details       PISA 
_pdbx_struct_assembly.oligomeric_details   monomeric 
_pdbx_struct_assembly.oligomeric_count     1 
# 
_pdbx_struct_assembly_gen.assembly_id       1 
_pdbx_struct_assembly_gen.oper_expression   1 
_pdbx_struct_assembly_gen.asym_id_list      A,B 
# 
_pdbx_struct_oper_list.id                   1 
_pdbx_struct_oper_list.type                 'identity operation' 
_pdbx_struct_oper_list.name                 1_555 
_pdbx_struct_oper_list.symmetry_operation   x,y,z 
_pdbx_struct_oper_list.matrix[1][1]         1.0000000000 
_pdbx_struct_oper_list.matrix[1][2]         0.0000000000 
_pdbx_struct_oper_list.matrix[1][3]         0.0000000000 
_pdbx_struct_oper_list.vector[1]            0.0000000000 
_pdbx_struct_oper_list.matrix[2][1]         0.0000000000 
_pdbx_struct_oper_list.matrix[2][2]         1.0000000000 
_pdbx_struct_oper_list.matrix[2][3]         0.0000000000 
_pdbx_struct_oper_list.vector[2]            0.0000000000 
_pdbx_struct_oper_list.matrix[3][1]         0.0000000000 
_pdbx_struct_oper_list.matrix[3][2]         0.0000000000 
_pdbx_struct_oper_list.matrix[3][3]         1.0000000000 
_pdbx_struct_oper_list.vector[3]            0.0000000000 
# 
_struct_conn.id                            disulf1 
_struct_conn.conn_type_id                  disulf 
_struct_conn.pdbx_leaving_atom_flag        ? 
_struct_conn.pdbx_PDB_id                   ? 
_struct_conn.ptnr1_label_asym_id           A 
_struct_conn.ptnr1_label_comp_id           CYS 
_struct_conn.ptnr1_label_seq_id            8 
_struct_conn.ptnr1_label_atom_id           SG 
_struct_conn.pdbx_ptnr1_label_alt_id       ? 
_struct_conn.pdbx_ptnr1_PDB_ins_code       ? 
_struct_conn.pdbx_ptnr1_standard_comp_id   ? 
_struct_conn.ptnr1_symmetry                1_555 
_struct_conn.ptnr2_label_asym_id           A 
_struct_conn.ptnr2_label_comp_id           CYS 
_struct_conn.ptnr2_label_seq_id            30 
_struct_conn.ptnr2_label_atom_id           SG 
_struct_conn.pdbx_ptnr2_label_alt_id       ? 
_struct_conn.pdbx_ptnr2_PDB_ins_code       ? 
_struct_conn.ptnr1_auth_asym_id            A 
_struct_conn.ptnr1_auth_comp_id            CYS 
_struct_conn.ptnr1_auth_seq_id             338 
_struct_conn.ptnr2_auth_asym_id            A 
_struct_conn.ptnr2_auth_comp_id            CYS 
_struct_conn.ptnr2_auth_seq_id             360 
_struct_conn.ptnr2_symmetry                1_555 
_struct_conn.pdbx_ptnr3_label_atom_id      ? 
_struct_conn.pdbx_ptnr3_label_seq_id       ? 
_struct_conn.pdbx_ptnr3_label_comp_id      ? 
_struct_conn.pdbx_ptnr3_label_asym_id      ? 
_struct_conn.pdbx_ptnr3_label_alt_id       ? 
_struct_conn.pdbx_ptnr3_PDB_ins_code       ? 
_struct_conn.details                       ? 
_struct_conn.pdbx_dist_value               2.025 
_struct_conn.pdbx_value_order              ? 
_struct_conn.pdbx_role                     ? 
# 
_struct_conn_type.id          disulf 
_struct_conn_type.criteria    ? 
_struct_conn_type.reference   ? 
# 
_pdbx_modification_feature.ordinal                            1 
_pdbx_modification_feature.label_comp_id                      CYS 
_pdbx_modification_feature.label_asym_id                      A 
_pdbx_modification_feature.label_seq_id                       8 
_pdbx_modification_feature.label_alt_id                       ? 
_pdbx_modification_feature.modified_residue_label_comp_id     CYS 
_pdbx_modification_feature.modified_residue_label_asym_id     A 
_pdbx_modification_feature.modified_residue_label_seq_id      30 
_pdbx_modification_feature.modified_residue_label_alt_id      ? 
_pdbx_modification_feature.auth_comp_id                       CYS 
_pdbx_modification_feature.auth_asym_id                       A 
_pdbx_modification_feature.auth_seq_id                        338 
_pdbx_modification_feature.PDB_ins_code                       ? 
_pdbx_modification_feature.symmetry                           1_555 
_pdbx_modification_feature.modified_residue_auth_comp_id      CYS 
_pdbx_modification_feature.modified_residue_auth_asym_id      A 
_pdbx_modification_feature.modified_residue_auth_seq_id       360 
_pdbx_modification_feature.modified_residue_PDB_ins_code      ? 
_pdbx_modification_feature.modified_residue_symmetry          1_555 
_pdbx_modification_feature.comp_id_linking_atom               SG 
_pdbx_modification_feature.modified_residue_id_linking_atom   SG 
_pdbx_modification_feature.modified_residue_id                . 
_pdbx_modification_feature.ref_pcm_id                         . 
_pdbx_modification_feature.ref_comp_id                        . 
_pdbx_modification_feature.type                               None 
_pdbx_modification_feature.category                           'Disulfide bridge' 
# 
loop_
_struct_sheet.id 
_struct_sheet.type 
_struct_sheet.number_strands 
_struct_sheet.details 
AA1 ? 5 ? 
AA2 ? 4 ? 
# 
loop_
_struct_sheet_order.sheet_id 
_struct_sheet_order.range_id_1 
_struct_sheet_order.range_id_2 
_struct_sheet_order.offset 
_struct_sheet_order.sense 
AA1 1 2 ? parallel      
AA1 2 3 ? anti-parallel 
AA1 3 4 ? anti-parallel 
AA1 4 5 ? anti-parallel 
AA2 1 2 ? anti-parallel 
AA2 2 3 ? anti-parallel 
AA2 3 4 ? anti-parallel 
# 
loop_
_struct_sheet_range.sheet_id 
_struct_sheet_range.id 
_struct_sheet_range.beg_label_comp_id 
_struct_sheet_range.beg_label_asym_id 
_struct_sheet_range.beg_label_seq_id 
_struct_sheet_range.pdbx_beg_PDB_ins_code 
_struct_sheet_range.end_label_comp_id 
_struct_sheet_range.end_label_asym_id 
_struct_sheet_range.end_label_seq_id 
_struct_sheet_range.pdbx_end_PDB_ins_code 
_struct_sheet_range.beg_auth_comp_id 
_struct_sheet_range.beg_auth_asym_id 
_struct_sheet_range.beg_auth_seq_id 
_struct_sheet_range.end_auth_comp_id 
_struct_sheet_range.end_auth_asym_id 
_struct_sheet_range.end_auth_seq_id 
AA1 1 LYS A 15 ? THR A 16 ? LYS A 345 THR A 346 
AA1 2 CYS A 30 ? LYS A 35 ? CYS A 360 LYS A 365 
AA1 3 GLY A 77 ? ALA A 86 ? GLY A 407 ALA A 416 
AA1 4 SER A 50 ? ILE A 54 ? SER A 380 ILE A 384 
AA1 5 ILE A 61 ? ASN A 63 ? ILE A 391 ASN A 393 
AA2 1 PHE A 23 ? ALA A 25 ? PHE A 353 ALA A 355 
AA2 2 PHE A 90 ? TRP A 97 ? PHE A 420 TRP A 427 
AA2 3 THR A 39 ? SER A 44 ? THR A 369 SER A 374 
AA2 4 GLY A 67 ? VAL A 71 ? GLY A 397 VAL A 401 
# 
loop_
_pdbx_struct_sheet_hbond.sheet_id 
_pdbx_struct_sheet_hbond.range_id_1 
_pdbx_struct_sheet_hbond.range_id_2 
_pdbx_struct_sheet_hbond.range_1_label_atom_id 
_pdbx_struct_sheet_hbond.range_1_label_comp_id 
_pdbx_struct_sheet_hbond.range_1_label_asym_id 
_pdbx_struct_sheet_hbond.range_1_label_seq_id 
_pdbx_struct_sheet_hbond.range_1_PDB_ins_code 
_pdbx_struct_sheet_hbond.range_1_auth_atom_id 
_pdbx_struct_sheet_hbond.range_1_auth_comp_id 
_pdbx_struct_sheet_hbond.range_1_auth_asym_id 
_pdbx_struct_sheet_hbond.range_1_auth_seq_id 
_pdbx_struct_sheet_hbond.range_2_label_atom_id 
_pdbx_struct_sheet_hbond.range_2_label_comp_id 
_pdbx_struct_sheet_hbond.range_2_label_asym_id 
_pdbx_struct_sheet_hbond.range_2_label_seq_id 
_pdbx_struct_sheet_hbond.range_2_PDB_ins_code 
_pdbx_struct_sheet_hbond.range_2_auth_atom_id 
_pdbx_struct_sheet_hbond.range_2_auth_comp_id 
_pdbx_struct_sheet_hbond.range_2_auth_asym_id 
_pdbx_struct_sheet_hbond.range_2_auth_seq_id 
AA1 1 2 N LYS A 15 ? N LYS A 345 O LYS A 32 ? O LYS A 362 
AA1 2 3 N TYR A 33 ? N TYR A 363 O LEU A 79 ? O LEU A 409 
AA1 3 4 O LYS A 82 ? O LYS A 412 N ASN A 53 ? N ASN A 383 
AA1 4 5 N SER A 50 ? N SER A 380 O ASN A 63 ? O ASN A 393 
AA2 1 2 N ALA A 25 ? N ALA A 355 O PHE A 90 ? O PHE A 420 
AA2 2 3 O LYS A 93 ? O LYS A 423 N GLY A 43 ? N GLY A 373 
AA2 3 4 N ILE A 42 ? N ILE A 372 O THR A 69 ? O THR A 399 
# 
_pdbx_entry_details.entry_id                   5KLC 
_pdbx_entry_details.compound_details           ? 
_pdbx_entry_details.source_details             ? 
_pdbx_entry_details.nonpolymer_details         ? 
_pdbx_entry_details.sequence_details           ? 
_pdbx_entry_details.has_ligand_of_interest     ? 
_pdbx_entry_details.has_protein_modification   Y 
# 
loop_
_pdbx_validate_close_contact.id 
_pdbx_validate_close_contact.PDB_model_num 
_pdbx_validate_close_contact.auth_atom_id_1 
_pdbx_validate_close_contact.auth_asym_id_1 
_pdbx_validate_close_contact.auth_comp_id_1 
_pdbx_validate_close_contact.auth_seq_id_1 
_pdbx_validate_close_contact.PDB_ins_code_1 
_pdbx_validate_close_contact.label_alt_id_1 
_pdbx_validate_close_contact.auth_atom_id_2 
_pdbx_validate_close_contact.auth_asym_id_2 
_pdbx_validate_close_contact.auth_comp_id_2 
_pdbx_validate_close_contact.auth_seq_id_2 
_pdbx_validate_close_contact.PDB_ins_code_2 
_pdbx_validate_close_contact.label_alt_id_2 
_pdbx_validate_close_contact.dist 
1 1 NE2 A GLN 389 ? ? O A HOH 501 ? ? 1.92 
2 1 OE2 A GLU 352 ? ? O A HOH 502 ? ? 2.04 
3 1 O   A HOH 543 ? ? O A HOH 573 ? ? 2.06 
# 
loop_
_pdbx_validate_symm_contact.id 
_pdbx_validate_symm_contact.PDB_model_num 
_pdbx_validate_symm_contact.auth_atom_id_1 
_pdbx_validate_symm_contact.auth_asym_id_1 
_pdbx_validate_symm_contact.auth_comp_id_1 
_pdbx_validate_symm_contact.auth_seq_id_1 
_pdbx_validate_symm_contact.PDB_ins_code_1 
_pdbx_validate_symm_contact.label_alt_id_1 
_pdbx_validate_symm_contact.site_symmetry_1 
_pdbx_validate_symm_contact.auth_atom_id_2 
_pdbx_validate_symm_contact.auth_asym_id_2 
_pdbx_validate_symm_contact.auth_comp_id_2 
_pdbx_validate_symm_contact.auth_seq_id_2 
_pdbx_validate_symm_contact.PDB_ins_code_2 
_pdbx_validate_symm_contact.label_alt_id_2 
_pdbx_validate_symm_contact.site_symmetry_2 
_pdbx_validate_symm_contact.dist 
1 1 O A HOH 557 ? ? 1_555 O A HOH 608 ? ? 1_655 2.04 
2 1 O A HOH 594 ? ? 1_555 O A HOH 612 ? ? 4_454 2.07 
3 1 O A HOH 582 ? ? 1_555 O A HOH 594 ? ? 4_444 2.07 
# 
loop_
_pdbx_validate_torsion.id 
_pdbx_validate_torsion.PDB_model_num 
_pdbx_validate_torsion.auth_comp_id 
_pdbx_validate_torsion.auth_asym_id 
_pdbx_validate_torsion.auth_seq_id 
_pdbx_validate_torsion.PDB_ins_code 
_pdbx_validate_torsion.label_alt_id 
_pdbx_validate_torsion.phi 
_pdbx_validate_torsion.psi 
1 1 ASN A 342 ? ? -144.26 10.83  
2 1 ASN A 396 ? ? -147.55 47.98  
3 1 ALA A 416 ? ? -174.03 125.72 
# 
_pdbx_struct_special_symmetry.id              1 
_pdbx_struct_special_symmetry.PDB_model_num   1 
_pdbx_struct_special_symmetry.auth_asym_id    A 
_pdbx_struct_special_symmetry.auth_comp_id    HOH 
_pdbx_struct_special_symmetry.auth_seq_id     589 
_pdbx_struct_special_symmetry.PDB_ins_code    ? 
_pdbx_struct_special_symmetry.label_asym_id   B 
_pdbx_struct_special_symmetry.label_comp_id   HOH 
_pdbx_struct_special_symmetry.label_seq_id    . 
# 
loop_
_pdbx_refine_tls.pdbx_refine_id 
_pdbx_refine_tls.id 
_pdbx_refine_tls.details 
_pdbx_refine_tls.method 
_pdbx_refine_tls.origin_x 
_pdbx_refine_tls.origin_y 
_pdbx_refine_tls.origin_z 
_pdbx_refine_tls.T[1][1] 
_pdbx_refine_tls.T[2][2] 
_pdbx_refine_tls.T[3][3] 
_pdbx_refine_tls.T[1][2] 
_pdbx_refine_tls.T[1][3] 
_pdbx_refine_tls.T[2][3] 
_pdbx_refine_tls.L[1][1] 
_pdbx_refine_tls.L[2][2] 
_pdbx_refine_tls.L[3][3] 
_pdbx_refine_tls.L[1][2] 
_pdbx_refine_tls.L[1][3] 
_pdbx_refine_tls.L[2][3] 
_pdbx_refine_tls.S[1][1] 
_pdbx_refine_tls.S[2][2] 
_pdbx_refine_tls.S[3][3] 
_pdbx_refine_tls.S[1][2] 
_pdbx_refine_tls.S[1][3] 
_pdbx_refine_tls.S[2][3] 
_pdbx_refine_tls.S[2][1] 
_pdbx_refine_tls.S[3][1] 
_pdbx_refine_tls.S[3][2] 
'X-RAY DIFFRACTION' 1 ? refined 6.8977  -2.5038 -3.4028 0.1027 0.1626 0.1226 0.0099  0.0123  -0.0086 1.3779 2.6757 1.4132  -0.0852 0.1719  0.5721  0.0959  -0.1440 0.0522  0.0159  0.0129  0.0634  0.0214  0.1015  0.0655  
'X-RAY DIFFRACTION' 2 ? refined -0.1729 -0.8395 -8.7710 0.1710 0.0929 0.1121 0.0065  -0.0025 0.0123  2.7565 5.7724 0.1893  0.4226  -0.2501 -1.0182 0.1750  -0.1731 0.1012  0.1341  0.0444  -0.2395 -0.1269 -0.0835 0.2095  
'X-RAY DIFFRACTION' 3 ? refined 7.2654  0.3985  1.5426  0.0908 0.1357 0.1447 -0.0026 -0.0145 0.0062  3.9195 5.5499 4.4937  0.8511  1.7858  3.1544  0.0192  0.1783  -0.2059 -0.0985 0.0841  -0.4201 -0.0290 -0.0374 0.2186  
'X-RAY DIFFRACTION' 4 ? refined 0.5202  6.1482  6.2255  0.1214 0.1428 0.1269 -0.0027 -0.0062 -0.0420 1.9422 3.0977 3.0229  -1.0143 0.4875  0.0089  0.0092  0.0973  -0.1106 -0.3020 0.1215  -0.2554 0.1802  -0.0634 0.0001  
'X-RAY DIFFRACTION' 5 ? refined -9.6972 6.3169  -6.0099 0.1285 0.1391 0.1386 0.0245  -0.0244 -0.0302 2.7700 4.9929 2.7184  0.1250  1.0463  0.6606  -0.0319 -0.1558 0.1529  0.0424  -0.0484 0.1198  -0.3763 -0.0210 0.0003  
'X-RAY DIFFRACTION' 6 ? refined -5.2005 -0.6265 3.1494  0.0958 0.1087 0.1138 -0.0042 0.0047  0.0013  1.9910 3.3968 2.3051  -0.4019 0.7006  0.3628  0.0161  -0.0092 0.0286  -0.1047 -0.0976 0.1968  0.0867  0.0833  -0.0736 
'X-RAY DIFFRACTION' 7 ? refined 2.3001  -3.1642 3.4636  0.1245 0.1132 0.1038 -0.0008 0.0106  0.0237  3.9037 2.4426 3.2477  -0.8126 2.6553  0.1186  0.0854  0.0821  -0.1914 -0.1116 -0.0877 -0.1349 0.2340  0.0599  -0.0100 
'X-RAY DIFFRACTION' 8 ? refined -2.3720 5.6821  -2.8360 0.1407 0.0890 0.1167 -0.0131 -0.0109 0.0209  2.6302 5.0957 10.0686 2.0175  4.2359  6.1269  0.1373  -0.1005 -0.0595 0.1005  0.1054  -0.0767 -0.1116 -0.1194 0.0781  
# 
loop_
_pdbx_refine_tls_group.pdbx_refine_id 
_pdbx_refine_tls_group.id 
_pdbx_refine_tls_group.refine_tls_id 
_pdbx_refine_tls_group.beg_auth_asym_id 
_pdbx_refine_tls_group.beg_auth_seq_id 
_pdbx_refine_tls_group.end_auth_asym_id 
_pdbx_refine_tls_group.end_auth_seq_id 
_pdbx_refine_tls_group.selection_details 
_pdbx_refine_tls_group.beg_label_asym_id 
_pdbx_refine_tls_group.beg_label_seq_id 
_pdbx_refine_tls_group.end_label_asym_id 
_pdbx_refine_tls_group.end_label_seq_id 
_pdbx_refine_tls_group.selection 
'X-RAY DIFFRACTION' 1 1 A 335 A 352 
;chain 'A' and (resid 335 through 352 )
;
? ? ? ? ? 
'X-RAY DIFFRACTION' 2 2 A 353 A 359 
;chain 'A' and (resid 353 through 359 )
;
? ? ? ? ? 
'X-RAY DIFFRACTION' 3 3 A 360 A 365 
;chain 'A' and (resid 360 through 365 )
;
? ? ? ? ? 
'X-RAY DIFFRACTION' 4 4 A 366 A 374 
;chain 'A' and (resid 366 through 374 )
;
? ? ? ? ? 
'X-RAY DIFFRACTION' 5 5 A 375 A 379 
;chain 'A' and (resid 375 through 379 )
;
? ? ? ? ? 
'X-RAY DIFFRACTION' 6 6 A 380 A 401 
;chain 'A' and (resid 380 through 401 )
;
? ? ? ? ? 
'X-RAY DIFFRACTION' 7 7 A 402 A 416 
;chain 'A' and (resid 402 through 416 )
;
? ? ? ? ? 
'X-RAY DIFFRACTION' 8 8 A 417 A 427 
;chain 'A' and (resid 417 through 427 )
;
? ? ? ? ? 
# 
_phasing.method   MR 
# 
loop_
_pdbx_unobs_or_zero_occ_residues.id 
_pdbx_unobs_or_zero_occ_residues.PDB_model_num 
_pdbx_unobs_or_zero_occ_residues.polymer_flag 
_pdbx_unobs_or_zero_occ_residues.occupancy_flag 
_pdbx_unobs_or_zero_occ_residues.auth_asym_id 
_pdbx_unobs_or_zero_occ_residues.auth_comp_id 
_pdbx_unobs_or_zero_occ_residues.auth_seq_id 
_pdbx_unobs_or_zero_occ_residues.PDB_ins_code 
_pdbx_unobs_or_zero_occ_residues.label_asym_id 
_pdbx_unobs_or_zero_occ_residues.label_comp_id 
_pdbx_unobs_or_zero_occ_residues.label_seq_id 
1 1 Y 1 A GLY 331 ? A GLY 1 
2 1 Y 1 A SER 332 ? A SER 2 
3 1 Y 1 A HIS 333 ? A HIS 3 
4 1 Y 1 A MET 334 ? A MET 4 
# 
loop_
_chem_comp_atom.comp_id 
_chem_comp_atom.atom_id 
_chem_comp_atom.type_symbol 
_chem_comp_atom.pdbx_aromatic_flag 
_chem_comp_atom.pdbx_stereo_config 
_chem_comp_atom.pdbx_ordinal 
ALA N    N N N 1   
ALA CA   C N S 2   
ALA C    C N N 3   
ALA O    O N N 4   
ALA CB   C N N 5   
ALA OXT  O N N 6   
ALA H    H N N 7   
ALA H2   H N N 8   
ALA HA   H N N 9   
ALA HB1  H N N 10  
ALA HB2  H N N 11  
ALA HB3  H N N 12  
ALA HXT  H N N 13  
ARG N    N N N 14  
ARG CA   C N S 15  
ARG C    C N N 16  
ARG O    O N N 17  
ARG CB   C N N 18  
ARG CG   C N N 19  
ARG CD   C N N 20  
ARG NE   N N N 21  
ARG CZ   C N N 22  
ARG NH1  N N N 23  
ARG NH2  N N N 24  
ARG OXT  O N N 25  
ARG H    H N N 26  
ARG H2   H N N 27  
ARG HA   H N N 28  
ARG HB2  H N N 29  
ARG HB3  H N N 30  
ARG HG2  H N N 31  
ARG HG3  H N N 32  
ARG HD2  H N N 33  
ARG HD3  H N N 34  
ARG HE   H N N 35  
ARG HH11 H N N 36  
ARG HH12 H N N 37  
ARG HH21 H N N 38  
ARG HH22 H N N 39  
ARG HXT  H N N 40  
ASN N    N N N 41  
ASN CA   C N S 42  
ASN C    C N N 43  
ASN O    O N N 44  
ASN CB   C N N 45  
ASN CG   C N N 46  
ASN OD1  O N N 47  
ASN ND2  N N N 48  
ASN OXT  O N N 49  
ASN H    H N N 50  
ASN H2   H N N 51  
ASN HA   H N N 52  
ASN HB2  H N N 53  
ASN HB3  H N N 54  
ASN HD21 H N N 55  
ASN HD22 H N N 56  
ASN HXT  H N N 57  
ASP N    N N N 58  
ASP CA   C N S 59  
ASP C    C N N 60  
ASP O    O N N 61  
ASP CB   C N N 62  
ASP CG   C N N 63  
ASP OD1  O N N 64  
ASP OD2  O N N 65  
ASP OXT  O N N 66  
ASP H    H N N 67  
ASP H2   H N N 68  
ASP HA   H N N 69  
ASP HB2  H N N 70  
ASP HB3  H N N 71  
ASP HD2  H N N 72  
ASP HXT  H N N 73  
CYS N    N N N 74  
CYS CA   C N R 75  
CYS C    C N N 76  
CYS O    O N N 77  
CYS CB   C N N 78  
CYS SG   S N N 79  
CYS OXT  O N N 80  
CYS H    H N N 81  
CYS H2   H N N 82  
CYS HA   H N N 83  
CYS HB2  H N N 84  
CYS HB3  H N N 85  
CYS HG   H N N 86  
CYS HXT  H N N 87  
GLN N    N N N 88  
GLN CA   C N S 89  
GLN C    C N N 90  
GLN O    O N N 91  
GLN CB   C N N 92  
GLN CG   C N N 93  
GLN CD   C N N 94  
GLN OE1  O N N 95  
GLN NE2  N N N 96  
GLN OXT  O N N 97  
GLN H    H N N 98  
GLN H2   H N N 99  
GLN HA   H N N 100 
GLN HB2  H N N 101 
GLN HB3  H N N 102 
GLN HG2  H N N 103 
GLN HG3  H N N 104 
GLN HE21 H N N 105 
GLN HE22 H N N 106 
GLN HXT  H N N 107 
GLU N    N N N 108 
GLU CA   C N S 109 
GLU C    C N N 110 
GLU O    O N N 111 
GLU CB   C N N 112 
GLU CG   C N N 113 
GLU CD   C N N 114 
GLU OE1  O N N 115 
GLU OE2  O N N 116 
GLU OXT  O N N 117 
GLU H    H N N 118 
GLU H2   H N N 119 
GLU HA   H N N 120 
GLU HB2  H N N 121 
GLU HB3  H N N 122 
GLU HG2  H N N 123 
GLU HG3  H N N 124 
GLU HE2  H N N 125 
GLU HXT  H N N 126 
GLY N    N N N 127 
GLY CA   C N N 128 
GLY C    C N N 129 
GLY O    O N N 130 
GLY OXT  O N N 131 
GLY H    H N N 132 
GLY H2   H N N 133 
GLY HA2  H N N 134 
GLY HA3  H N N 135 
GLY HXT  H N N 136 
HIS N    N N N 137 
HIS CA   C N S 138 
HIS C    C N N 139 
HIS O    O N N 140 
HIS CB   C N N 141 
HIS CG   C Y N 142 
HIS ND1  N Y N 143 
HIS CD2  C Y N 144 
HIS CE1  C Y N 145 
HIS NE2  N Y N 146 
HIS OXT  O N N 147 
HIS H    H N N 148 
HIS H2   H N N 149 
HIS HA   H N N 150 
HIS HB2  H N N 151 
HIS HB3  H N N 152 
HIS HD1  H N N 153 
HIS HD2  H N N 154 
HIS HE1  H N N 155 
HIS HE2  H N N 156 
HIS HXT  H N N 157 
HOH O    O N N 158 
HOH H1   H N N 159 
HOH H2   H N N 160 
ILE N    N N N 161 
ILE CA   C N S 162 
ILE C    C N N 163 
ILE O    O N N 164 
ILE CB   C N S 165 
ILE CG1  C N N 166 
ILE CG2  C N N 167 
ILE CD1  C N N 168 
ILE OXT  O N N 169 
ILE H    H N N 170 
ILE H2   H N N 171 
ILE HA   H N N 172 
ILE HB   H N N 173 
ILE HG12 H N N 174 
ILE HG13 H N N 175 
ILE HG21 H N N 176 
ILE HG22 H N N 177 
ILE HG23 H N N 178 
ILE HD11 H N N 179 
ILE HD12 H N N 180 
ILE HD13 H N N 181 
ILE HXT  H N N 182 
LEU N    N N N 183 
LEU CA   C N S 184 
LEU C    C N N 185 
LEU O    O N N 186 
LEU CB   C N N 187 
LEU CG   C N N 188 
LEU CD1  C N N 189 
LEU CD2  C N N 190 
LEU OXT  O N N 191 
LEU H    H N N 192 
LEU H2   H N N 193 
LEU HA   H N N 194 
LEU HB2  H N N 195 
LEU HB3  H N N 196 
LEU HG   H N N 197 
LEU HD11 H N N 198 
LEU HD12 H N N 199 
LEU HD13 H N N 200 
LEU HD21 H N N 201 
LEU HD22 H N N 202 
LEU HD23 H N N 203 
LEU HXT  H N N 204 
LYS N    N N N 205 
LYS CA   C N S 206 
LYS C    C N N 207 
LYS O    O N N 208 
LYS CB   C N N 209 
LYS CG   C N N 210 
LYS CD   C N N 211 
LYS CE   C N N 212 
LYS NZ   N N N 213 
LYS OXT  O N N 214 
LYS H    H N N 215 
LYS H2   H N N 216 
LYS HA   H N N 217 
LYS HB2  H N N 218 
LYS HB3  H N N 219 
LYS HG2  H N N 220 
LYS HG3  H N N 221 
LYS HD2  H N N 222 
LYS HD3  H N N 223 
LYS HE2  H N N 224 
LYS HE3  H N N 225 
LYS HZ1  H N N 226 
LYS HZ2  H N N 227 
LYS HZ3  H N N 228 
LYS HXT  H N N 229 
MET N    N N N 230 
MET CA   C N S 231 
MET C    C N N 232 
MET O    O N N 233 
MET CB   C N N 234 
MET CG   C N N 235 
MET SD   S N N 236 
MET CE   C N N 237 
MET OXT  O N N 238 
MET H    H N N 239 
MET H2   H N N 240 
MET HA   H N N 241 
MET HB2  H N N 242 
MET HB3  H N N 243 
MET HG2  H N N 244 
MET HG3  H N N 245 
MET HE1  H N N 246 
MET HE2  H N N 247 
MET HE3  H N N 248 
MET HXT  H N N 249 
PHE N    N N N 250 
PHE CA   C N S 251 
PHE C    C N N 252 
PHE O    O N N 253 
PHE CB   C N N 254 
PHE CG   C Y N 255 
PHE CD1  C Y N 256 
PHE CD2  C Y N 257 
PHE CE1  C Y N 258 
PHE CE2  C Y N 259 
PHE CZ   C Y N 260 
PHE OXT  O N N 261 
PHE H    H N N 262 
PHE H2   H N N 263 
PHE HA   H N N 264 
PHE HB2  H N N 265 
PHE HB3  H N N 266 
PHE HD1  H N N 267 
PHE HD2  H N N 268 
PHE HE1  H N N 269 
PHE HE2  H N N 270 
PHE HZ   H N N 271 
PHE HXT  H N N 272 
PRO N    N N N 273 
PRO CA   C N S 274 
PRO C    C N N 275 
PRO O    O N N 276 
PRO CB   C N N 277 
PRO CG   C N N 278 
PRO CD   C N N 279 
PRO OXT  O N N 280 
PRO H    H N N 281 
PRO HA   H N N 282 
PRO HB2  H N N 283 
PRO HB3  H N N 284 
PRO HG2  H N N 285 
PRO HG3  H N N 286 
PRO HD2  H N N 287 
PRO HD3  H N N 288 
PRO HXT  H N N 289 
SER N    N N N 290 
SER CA   C N S 291 
SER C    C N N 292 
SER O    O N N 293 
SER CB   C N N 294 
SER OG   O N N 295 
SER OXT  O N N 296 
SER H    H N N 297 
SER H2   H N N 298 
SER HA   H N N 299 
SER HB2  H N N 300 
SER HB3  H N N 301 
SER HG   H N N 302 
SER HXT  H N N 303 
THR N    N N N 304 
THR CA   C N S 305 
THR C    C N N 306 
THR O    O N N 307 
THR CB   C N R 308 
THR OG1  O N N 309 
THR CG2  C N N 310 
THR OXT  O N N 311 
THR H    H N N 312 
THR H2   H N N 313 
THR HA   H N N 314 
THR HB   H N N 315 
THR HG1  H N N 316 
THR HG21 H N N 317 
THR HG22 H N N 318 
THR HG23 H N N 319 
THR HXT  H N N 320 
TRP N    N N N 321 
TRP CA   C N S 322 
TRP C    C N N 323 
TRP O    O N N 324 
TRP CB   C N N 325 
TRP CG   C Y N 326 
TRP CD1  C Y N 327 
TRP CD2  C Y N 328 
TRP NE1  N Y N 329 
TRP CE2  C Y N 330 
TRP CE3  C Y N 331 
TRP CZ2  C Y N 332 
TRP CZ3  C Y N 333 
TRP CH2  C Y N 334 
TRP OXT  O N N 335 
TRP H    H N N 336 
TRP H2   H N N 337 
TRP HA   H N N 338 
TRP HB2  H N N 339 
TRP HB3  H N N 340 
TRP HD1  H N N 341 
TRP HE1  H N N 342 
TRP HE3  H N N 343 
TRP HZ2  H N N 344 
TRP HZ3  H N N 345 
TRP HH2  H N N 346 
TRP HXT  H N N 347 
TYR N    N N N 348 
TYR CA   C N S 349 
TYR C    C N N 350 
TYR O    O N N 351 
TYR CB   C N N 352 
TYR CG   C Y N 353 
TYR CD1  C Y N 354 
TYR CD2  C Y N 355 
TYR CE1  C Y N 356 
TYR CE2  C Y N 357 
TYR CZ   C Y N 358 
TYR OH   O N N 359 
TYR OXT  O N N 360 
TYR H    H N N 361 
TYR H2   H N N 362 
TYR HA   H N N 363 
TYR HB2  H N N 364 
TYR HB3  H N N 365 
TYR HD1  H N N 366 
TYR HD2  H N N 367 
TYR HE1  H N N 368 
TYR HE2  H N N 369 
TYR HH   H N N 370 
TYR HXT  H N N 371 
VAL N    N N N 372 
VAL CA   C N S 373 
VAL C    C N N 374 
VAL O    O N N 375 
VAL CB   C N N 376 
VAL CG1  C N N 377 
VAL CG2  C N N 378 
VAL OXT  O N N 379 
VAL H    H N N 380 
VAL H2   H N N 381 
VAL HA   H N N 382 
VAL HB   H N N 383 
VAL HG11 H N N 384 
VAL HG12 H N N 385 
VAL HG13 H N N 386 
VAL HG21 H N N 387 
VAL HG22 H N N 388 
VAL HG23 H N N 389 
VAL HXT  H N N 390 
# 
loop_
_chem_comp_bond.comp_id 
_chem_comp_bond.atom_id_1 
_chem_comp_bond.atom_id_2 
_chem_comp_bond.value_order 
_chem_comp_bond.pdbx_aromatic_flag 
_chem_comp_bond.pdbx_stereo_config 
_chem_comp_bond.pdbx_ordinal 
ALA N   CA   sing N N 1   
ALA N   H    sing N N 2   
ALA N   H2   sing N N 3   
ALA CA  C    sing N N 4   
ALA CA  CB   sing N N 5   
ALA CA  HA   sing N N 6   
ALA C   O    doub N N 7   
ALA C   OXT  sing N N 8   
ALA CB  HB1  sing N N 9   
ALA CB  HB2  sing N N 10  
ALA CB  HB3  sing N N 11  
ALA OXT HXT  sing N N 12  
ARG N   CA   sing N N 13  
ARG N   H    sing N N 14  
ARG N   H2   sing N N 15  
ARG CA  C    sing N N 16  
ARG CA  CB   sing N N 17  
ARG CA  HA   sing N N 18  
ARG C   O    doub N N 19  
ARG C   OXT  sing N N 20  
ARG CB  CG   sing N N 21  
ARG CB  HB2  sing N N 22  
ARG CB  HB3  sing N N 23  
ARG CG  CD   sing N N 24  
ARG CG  HG2  sing N N 25  
ARG CG  HG3  sing N N 26  
ARG CD  NE   sing N N 27  
ARG CD  HD2  sing N N 28  
ARG CD  HD3  sing N N 29  
ARG NE  CZ   sing N N 30  
ARG NE  HE   sing N N 31  
ARG CZ  NH1  sing N N 32  
ARG CZ  NH2  doub N N 33  
ARG NH1 HH11 sing N N 34  
ARG NH1 HH12 sing N N 35  
ARG NH2 HH21 sing N N 36  
ARG NH2 HH22 sing N N 37  
ARG OXT HXT  sing N N 38  
ASN N   CA   sing N N 39  
ASN N   H    sing N N 40  
ASN N   H2   sing N N 41  
ASN CA  C    sing N N 42  
ASN CA  CB   sing N N 43  
ASN CA  HA   sing N N 44  
ASN C   O    doub N N 45  
ASN C   OXT  sing N N 46  
ASN CB  CG   sing N N 47  
ASN CB  HB2  sing N N 48  
ASN CB  HB3  sing N N 49  
ASN CG  OD1  doub N N 50  
ASN CG  ND2  sing N N 51  
ASN ND2 HD21 sing N N 52  
ASN ND2 HD22 sing N N 53  
ASN OXT HXT  sing N N 54  
ASP N   CA   sing N N 55  
ASP N   H    sing N N 56  
ASP N   H2   sing N N 57  
ASP CA  C    sing N N 58  
ASP CA  CB   sing N N 59  
ASP CA  HA   sing N N 60  
ASP C   O    doub N N 61  
ASP C   OXT  sing N N 62  
ASP CB  CG   sing N N 63  
ASP CB  HB2  sing N N 64  
ASP CB  HB3  sing N N 65  
ASP CG  OD1  doub N N 66  
ASP CG  OD2  sing N N 67  
ASP OD2 HD2  sing N N 68  
ASP OXT HXT  sing N N 69  
CYS N   CA   sing N N 70  
CYS N   H    sing N N 71  
CYS N   H2   sing N N 72  
CYS CA  C    sing N N 73  
CYS CA  CB   sing N N 74  
CYS CA  HA   sing N N 75  
CYS C   O    doub N N 76  
CYS C   OXT  sing N N 77  
CYS CB  SG   sing N N 78  
CYS CB  HB2  sing N N 79  
CYS CB  HB3  sing N N 80  
CYS SG  HG   sing N N 81  
CYS OXT HXT  sing N N 82  
GLN N   CA   sing N N 83  
GLN N   H    sing N N 84  
GLN N   H2   sing N N 85  
GLN CA  C    sing N N 86  
GLN CA  CB   sing N N 87  
GLN CA  HA   sing N N 88  
GLN C   O    doub N N 89  
GLN C   OXT  sing N N 90  
GLN CB  CG   sing N N 91  
GLN CB  HB2  sing N N 92  
GLN CB  HB3  sing N N 93  
GLN CG  CD   sing N N 94  
GLN CG  HG2  sing N N 95  
GLN CG  HG3  sing N N 96  
GLN CD  OE1  doub N N 97  
GLN CD  NE2  sing N N 98  
GLN NE2 HE21 sing N N 99  
GLN NE2 HE22 sing N N 100 
GLN OXT HXT  sing N N 101 
GLU N   CA   sing N N 102 
GLU N   H    sing N N 103 
GLU N   H2   sing N N 104 
GLU CA  C    sing N N 105 
GLU CA  CB   sing N N 106 
GLU CA  HA   sing N N 107 
GLU C   O    doub N N 108 
GLU C   OXT  sing N N 109 
GLU CB  CG   sing N N 110 
GLU CB  HB2  sing N N 111 
GLU CB  HB3  sing N N 112 
GLU CG  CD   sing N N 113 
GLU CG  HG2  sing N N 114 
GLU CG  HG3  sing N N 115 
GLU CD  OE1  doub N N 116 
GLU CD  OE2  sing N N 117 
GLU OE2 HE2  sing N N 118 
GLU OXT HXT  sing N N 119 
GLY N   CA   sing N N 120 
GLY N   H    sing N N 121 
GLY N   H2   sing N N 122 
GLY CA  C    sing N N 123 
GLY CA  HA2  sing N N 124 
GLY CA  HA3  sing N N 125 
GLY C   O    doub N N 126 
GLY C   OXT  sing N N 127 
GLY OXT HXT  sing N N 128 
HIS N   CA   sing N N 129 
HIS N   H    sing N N 130 
HIS N   H2   sing N N 131 
HIS CA  C    sing N N 132 
HIS CA  CB   sing N N 133 
HIS CA  HA   sing N N 134 
HIS C   O    doub N N 135 
HIS C   OXT  sing N N 136 
HIS CB  CG   sing N N 137 
HIS CB  HB2  sing N N 138 
HIS CB  HB3  sing N N 139 
HIS CG  ND1  sing Y N 140 
HIS CG  CD2  doub Y N 141 
HIS ND1 CE1  doub Y N 142 
HIS ND1 HD1  sing N N 143 
HIS CD2 NE2  sing Y N 144 
HIS CD2 HD2  sing N N 145 
HIS CE1 NE2  sing Y N 146 
HIS CE1 HE1  sing N N 147 
HIS NE2 HE2  sing N N 148 
HIS OXT HXT  sing N N 149 
HOH O   H1   sing N N 150 
HOH O   H2   sing N N 151 
ILE N   CA   sing N N 152 
ILE N   H    sing N N 153 
ILE N   H2   sing N N 154 
ILE CA  C    sing N N 155 
ILE CA  CB   sing N N 156 
ILE CA  HA   sing N N 157 
ILE C   O    doub N N 158 
ILE C   OXT  sing N N 159 
ILE CB  CG1  sing N N 160 
ILE CB  CG2  sing N N 161 
ILE CB  HB   sing N N 162 
ILE CG1 CD1  sing N N 163 
ILE CG1 HG12 sing N N 164 
ILE CG1 HG13 sing N N 165 
ILE CG2 HG21 sing N N 166 
ILE CG2 HG22 sing N N 167 
ILE CG2 HG23 sing N N 168 
ILE CD1 HD11 sing N N 169 
ILE CD1 HD12 sing N N 170 
ILE CD1 HD13 sing N N 171 
ILE OXT HXT  sing N N 172 
LEU N   CA   sing N N 173 
LEU N   H    sing N N 174 
LEU N   H2   sing N N 175 
LEU CA  C    sing N N 176 
LEU CA  CB   sing N N 177 
LEU CA  HA   sing N N 178 
LEU C   O    doub N N 179 
LEU C   OXT  sing N N 180 
LEU CB  CG   sing N N 181 
LEU CB  HB2  sing N N 182 
LEU CB  HB3  sing N N 183 
LEU CG  CD1  sing N N 184 
LEU CG  CD2  sing N N 185 
LEU CG  HG   sing N N 186 
LEU CD1 HD11 sing N N 187 
LEU CD1 HD12 sing N N 188 
LEU CD1 HD13 sing N N 189 
LEU CD2 HD21 sing N N 190 
LEU CD2 HD22 sing N N 191 
LEU CD2 HD23 sing N N 192 
LEU OXT HXT  sing N N 193 
LYS N   CA   sing N N 194 
LYS N   H    sing N N 195 
LYS N   H2   sing N N 196 
LYS CA  C    sing N N 197 
LYS CA  CB   sing N N 198 
LYS CA  HA   sing N N 199 
LYS C   O    doub N N 200 
LYS C   OXT  sing N N 201 
LYS CB  CG   sing N N 202 
LYS CB  HB2  sing N N 203 
LYS CB  HB3  sing N N 204 
LYS CG  CD   sing N N 205 
LYS CG  HG2  sing N N 206 
LYS CG  HG3  sing N N 207 
LYS CD  CE   sing N N 208 
LYS CD  HD2  sing N N 209 
LYS CD  HD3  sing N N 210 
LYS CE  NZ   sing N N 211 
LYS CE  HE2  sing N N 212 
LYS CE  HE3  sing N N 213 
LYS NZ  HZ1  sing N N 214 
LYS NZ  HZ2  sing N N 215 
LYS NZ  HZ3  sing N N 216 
LYS OXT HXT  sing N N 217 
MET N   CA   sing N N 218 
MET N   H    sing N N 219 
MET N   H2   sing N N 220 
MET CA  C    sing N N 221 
MET CA  CB   sing N N 222 
MET CA  HA   sing N N 223 
MET C   O    doub N N 224 
MET C   OXT  sing N N 225 
MET CB  CG   sing N N 226 
MET CB  HB2  sing N N 227 
MET CB  HB3  sing N N 228 
MET CG  SD   sing N N 229 
MET CG  HG2  sing N N 230 
MET CG  HG3  sing N N 231 
MET SD  CE   sing N N 232 
MET CE  HE1  sing N N 233 
MET CE  HE2  sing N N 234 
MET CE  HE3  sing N N 235 
MET OXT HXT  sing N N 236 
PHE N   CA   sing N N 237 
PHE N   H    sing N N 238 
PHE N   H2   sing N N 239 
PHE CA  C    sing N N 240 
PHE CA  CB   sing N N 241 
PHE CA  HA   sing N N 242 
PHE C   O    doub N N 243 
PHE C   OXT  sing N N 244 
PHE CB  CG   sing N N 245 
PHE CB  HB2  sing N N 246 
PHE CB  HB3  sing N N 247 
PHE CG  CD1  doub Y N 248 
PHE CG  CD2  sing Y N 249 
PHE CD1 CE1  sing Y N 250 
PHE CD1 HD1  sing N N 251 
PHE CD2 CE2  doub Y N 252 
PHE CD2 HD2  sing N N 253 
PHE CE1 CZ   doub Y N 254 
PHE CE1 HE1  sing N N 255 
PHE CE2 CZ   sing Y N 256 
PHE CE2 HE2  sing N N 257 
PHE CZ  HZ   sing N N 258 
PHE OXT HXT  sing N N 259 
PRO N   CA   sing N N 260 
PRO N   CD   sing N N 261 
PRO N   H    sing N N 262 
PRO CA  C    sing N N 263 
PRO CA  CB   sing N N 264 
PRO CA  HA   sing N N 265 
PRO C   O    doub N N 266 
PRO C   OXT  sing N N 267 
PRO CB  CG   sing N N 268 
PRO CB  HB2  sing N N 269 
PRO CB  HB3  sing N N 270 
PRO CG  CD   sing N N 271 
PRO CG  HG2  sing N N 272 
PRO CG  HG3  sing N N 273 
PRO CD  HD2  sing N N 274 
PRO CD  HD3  sing N N 275 
PRO OXT HXT  sing N N 276 
SER N   CA   sing N N 277 
SER N   H    sing N N 278 
SER N   H2   sing N N 279 
SER CA  C    sing N N 280 
SER CA  CB   sing N N 281 
SER CA  HA   sing N N 282 
SER C   O    doub N N 283 
SER C   OXT  sing N N 284 
SER CB  OG   sing N N 285 
SER CB  HB2  sing N N 286 
SER CB  HB3  sing N N 287 
SER OG  HG   sing N N 288 
SER OXT HXT  sing N N 289 
THR N   CA   sing N N 290 
THR N   H    sing N N 291 
THR N   H2   sing N N 292 
THR CA  C    sing N N 293 
THR CA  CB   sing N N 294 
THR CA  HA   sing N N 295 
THR C   O    doub N N 296 
THR C   OXT  sing N N 297 
THR CB  OG1  sing N N 298 
THR CB  CG2  sing N N 299 
THR CB  HB   sing N N 300 
THR OG1 HG1  sing N N 301 
THR CG2 HG21 sing N N 302 
THR CG2 HG22 sing N N 303 
THR CG2 HG23 sing N N 304 
THR OXT HXT  sing N N 305 
TRP N   CA   sing N N 306 
TRP N   H    sing N N 307 
TRP N   H2   sing N N 308 
TRP CA  C    sing N N 309 
TRP CA  CB   sing N N 310 
TRP CA  HA   sing N N 311 
TRP C   O    doub N N 312 
TRP C   OXT  sing N N 313 
TRP CB  CG   sing N N 314 
TRP CB  HB2  sing N N 315 
TRP CB  HB3  sing N N 316 
TRP CG  CD1  doub Y N 317 
TRP CG  CD2  sing Y N 318 
TRP CD1 NE1  sing Y N 319 
TRP CD1 HD1  sing N N 320 
TRP CD2 CE2  doub Y N 321 
TRP CD2 CE3  sing Y N 322 
TRP NE1 CE2  sing Y N 323 
TRP NE1 HE1  sing N N 324 
TRP CE2 CZ2  sing Y N 325 
TRP CE3 CZ3  doub Y N 326 
TRP CE3 HE3  sing N N 327 
TRP CZ2 CH2  doub Y N 328 
TRP CZ2 HZ2  sing N N 329 
TRP CZ3 CH2  sing Y N 330 
TRP CZ3 HZ3  sing N N 331 
TRP CH2 HH2  sing N N 332 
TRP OXT HXT  sing N N 333 
TYR N   CA   sing N N 334 
TYR N   H    sing N N 335 
TYR N   H2   sing N N 336 
TYR CA  C    sing N N 337 
TYR CA  CB   sing N N 338 
TYR CA  HA   sing N N 339 
TYR C   O    doub N N 340 
TYR C   OXT  sing N N 341 
TYR CB  CG   sing N N 342 
TYR CB  HB2  sing N N 343 
TYR CB  HB3  sing N N 344 
TYR CG  CD1  doub Y N 345 
TYR CG  CD2  sing Y N 346 
TYR CD1 CE1  sing Y N 347 
TYR CD1 HD1  sing N N 348 
TYR CD2 CE2  doub Y N 349 
TYR CD2 HD2  sing N N 350 
TYR CE1 CZ   doub Y N 351 
TYR CE1 HE1  sing N N 352 
TYR CE2 CZ   sing Y N 353 
TYR CE2 HE2  sing N N 354 
TYR CZ  OH   sing N N 355 
TYR OH  HH   sing N N 356 
TYR OXT HXT  sing N N 357 
VAL N   CA   sing N N 358 
VAL N   H    sing N N 359 
VAL N   H2   sing N N 360 
VAL CA  C    sing N N 361 
VAL CA  CB   sing N N 362 
VAL CA  HA   sing N N 363 
VAL C   O    doub N N 364 
VAL C   OXT  sing N N 365 
VAL CB  CG1  sing N N 366 
VAL CB  CG2  sing N N 367 
VAL CB  HB   sing N N 368 
VAL CG1 HG11 sing N N 369 
VAL CG1 HG12 sing N N 370 
VAL CG1 HG13 sing N N 371 
VAL CG2 HG21 sing N N 372 
VAL CG2 HG22 sing N N 373 
VAL CG2 HG23 sing N N 374 
VAL OXT HXT  sing N N 375 
# 
_pdbx_initial_refinement_model.id               1 
_pdbx_initial_refinement_model.entity_id_list   ? 
_pdbx_initial_refinement_model.type             'experimental model' 
_pdbx_initial_refinement_model.source_name      PDB 
_pdbx_initial_refinement_model.accession_code   5KLF 
_pdbx_initial_refinement_model.details          ? 
# 
_atom_sites.entry_id                    5KLC 
_atom_sites.fract_transf_matrix[1][1]   -0.01264414 
_atom_sites.fract_transf_matrix[1][2]   0.01985041 
_atom_sites.fract_transf_matrix[1][3]   -0.02626043 
_atom_sites.fract_transf_matrix[2][1]   -0.02692814 
_atom_sites.fract_transf_matrix[2][2]   -0.02562031 
_atom_sites.fract_transf_matrix[2][3]   -0.00640090 
_atom_sites.fract_transf_matrix[3][1]   -0.00623236 
_atom_sites.fract_transf_matrix[3][2]   0.00501753 
_atom_sites.fract_transf_matrix[3][3]   0.00613588 
_atom_sites.fract_transf_vector[1]      -0.173988 
_atom_sites.fract_transf_vector[2]      -0.187754 
_atom_sites.fract_transf_vector[3]      -0.128349 
# 
loop_
_atom_type.symbol 
C 
N 
O 
S 
# 
loop_
_atom_site.group_PDB 
_atom_site.id 
_atom_site.type_symbol 
_atom_site.label_atom_id 
_atom_site.label_alt_id 
_atom_site.label_comp_id 
_atom_site.label_asym_id 
_atom_site.label_entity_id 
_atom_site.label_seq_id 
_atom_site.pdbx_PDB_ins_code 
_atom_site.Cartn_x 
_atom_site.Cartn_y 
_atom_site.Cartn_z 
_atom_site.occupancy 
_atom_site.B_iso_or_equiv 
_atom_site.pdbx_formal_charge 
_atom_site.auth_seq_id 
_atom_site.auth_comp_id 
_atom_site.auth_asym_id 
_atom_site.auth_atom_id 
_atom_site.pdbx_PDB_model_num 
ATOM   1   N N   . SER A 1 5  ? 8.275   -17.568 -1.747  1.00 20.61 ? 335 SER A N   1 
ATOM   2   C CA  . SER A 1 5  ? 7.781   -17.323 -3.099  1.00 16.89 ? 335 SER A CA  1 
ATOM   3   C C   . SER A 1 5  ? 6.317   -16.894 -3.085  1.00 18.81 ? 335 SER A C   1 
ATOM   4   O O   . SER A 1 5  ? 5.867   -16.221 -4.009  1.00 20.58 ? 335 SER A O   1 
ATOM   5   C CB  . SER A 1 5  ? 7.954   -18.567 -3.975  1.00 23.61 ? 335 SER A CB  1 
ATOM   6   O OG  . SER A 1 5  ? 7.063   -19.593 -3.576  1.00 28.79 ? 335 SER A OG  1 
ATOM   7   N N   . ALA A 1 6  ? 5.580   -17.265 -2.033  1.00 18.50 ? 336 ALA A N   1 
ATOM   8   C CA  . ALA A 1 6  ? 4.173   -16.905 -1.902  1.00 20.65 ? 336 ALA A CA  1 
ATOM   9   C C   . ALA A 1 6  ? 3.952   -15.626 -1.101  1.00 24.99 ? 336 ALA A C   1 
ATOM   10  O O   . ALA A 1 6  ? 2.801   -15.206 -0.935  1.00 26.12 ? 336 ALA A O   1 
ATOM   11  C CB  . ALA A 1 6  ? 3.390   -18.050 -1.252  1.00 23.94 ? 336 ALA A CB  1 
ATOM   12  N N   . SER A 1 7  ? 5.013   -14.997 -0.603  1.00 20.71 ? 337 SER A N   1 
ATOM   13  C CA  . SER A 1 7  ? 4.899   -13.802 0.218   1.00 22.92 ? 337 SER A CA  1 
ATOM   14  C C   . SER A 1 7  ? 5.503   -12.622 -0.520  1.00 23.10 ? 337 SER A C   1 
ATOM   15  O O   . SER A 1 7  ? 6.633   -12.705 -1.018  1.00 21.77 ? 337 SER A O   1 
ATOM   16  C CB  . SER A 1 7  ? 5.594   -13.984 1.572   1.00 26.43 ? 337 SER A CB  1 
ATOM   17  O OG  . SER A 1 7  ? 4.729   -14.591 2.514   1.00 31.69 ? 337 SER A OG  1 
ATOM   18  N N   . CYS A 1 8  ? 4.742   -11.536 -0.595  1.00 16.87 ? 338 CYS A N   1 
ATOM   19  C CA  . CYS A 1 8  ? 5.269   -10.277 -1.099  1.00 12.85 ? 338 CYS A CA  1 
ATOM   20  C C   . CYS A 1 8  ? 6.371   -9.806  -0.164  1.00 12.59 ? 338 CYS A C   1 
ATOM   21  O O   . CYS A 1 8  ? 6.147   -9.647  1.040   1.00 14.10 ? 338 CYS A O   1 
ATOM   22  C CB  . CYS A 1 8  ? 4.124   -9.262  -1.206  1.00 14.57 ? 338 CYS A CB  1 
ATOM   23  S SG  . CYS A 1 8  ? 4.554   -7.513  -1.367  1.00 12.68 ? 338 CYS A SG  1 
ATOM   24  N N   . GLY A 1 9  ? 7.575   -9.632  -0.699  1.00 12.36 ? 339 GLY A N   1 
ATOM   25  C CA  . GLY A 1 9  ? 8.696   -9.310  0.158   1.00 12.53 ? 339 GLY A CA  1 
ATOM   26  C C   . GLY A 1 9  ? 9.897   -8.836  -0.625  1.00 12.30 ? 339 GLY A C   1 
ATOM   27  O O   . GLY A 1 9  ? 9.808   -8.519  -1.809  1.00 11.94 ? 339 GLY A O   1 
ATOM   28  N N   . SER A 1 10 ? 11.043  -8.816  0.066   1.00 13.63 ? 340 SER A N   1 
ATOM   29  C CA  . SER A 1 10 ? 12.233  -8.165  -0.479  1.00 12.69 ? 340 SER A CA  1 
ATOM   30  C C   . SER A 1 10 ? 12.678  -8.778  -1.798  1.00 17.55 ? 340 SER A C   1 
ATOM   31  O O   . SER A 1 10 ? 13.266  -8.084  -2.635  1.00 18.13 ? 340 SER A O   1 
ATOM   32  C CB  . SER A 1 10 ? 13.371  -8.234  0.541   1.00 13.41 ? 340 SER A CB  1 
ATOM   33  O OG  . SER A 1 10 ? 13.799  -9.577  0.703   1.00 17.08 ? 340 SER A OG  1 
ATOM   34  N N   . GLY A 1 11 ? 12.410  -10.066 -2.006  1.00 13.20 ? 341 GLY A N   1 
ATOM   35  C CA  . GLY A 1 11 ? 12.874  -10.750 -3.196  1.00 19.02 ? 341 GLY A CA  1 
ATOM   36  C C   . GLY A 1 11 ? 11.978  -10.654 -4.412  1.00 16.79 ? 341 GLY A C   1 
ATOM   37  O O   . GLY A 1 11 ? 12.372  -11.097 -5.491  1.00 18.54 ? 341 GLY A O   1 
ATOM   38  N N   . ASN A 1 12 ? 10.776  -10.095 -4.283  1.00 12.55 ? 342 ASN A N   1 
ATOM   39  C CA  . ASN A 1 12 ? 9.873   -10.091 -5.427  1.00 15.11 ? 342 ASN A CA  1 
ATOM   40  C C   . ASN A 1 12 ? 9.016   -8.838  -5.540  1.00 15.80 ? 342 ASN A C   1 
ATOM   41  O O   . ASN A 1 12 ? 8.079   -8.828  -6.348  1.00 16.36 ? 342 ASN A O   1 
ATOM   42  C CB  . ASN A 1 12 ? 8.960   -11.325 -5.395  1.00 13.74 ? 342 ASN A CB  1 
ATOM   43  C CG  . ASN A 1 12 ? 8.211   -11.454 -4.100  1.00 15.65 ? 342 ASN A CG  1 
ATOM   44  O OD1 . ASN A 1 12 ? 7.802   -10.457 -3.501  1.00 13.89 ? 342 ASN A OD1 1 
ATOM   45  N ND2 . ASN A 1 12 ? 8.029   -12.685 -3.645  1.00 17.46 ? 342 ASN A ND2 1 
ATOM   46  N N   . PHE A 1 13 ? 9.287   -7.785  -4.768  1.00 14.37 ? 343 PHE A N   1 
ATOM   47  C CA  . PHE A 1 13 ? 8.521   -6.562  -4.939  1.00 14.49 ? 343 PHE A CA  1 
ATOM   48  C C   . PHE A 1 13 ? 8.873   -5.944  -6.283  1.00 11.80 ? 343 PHE A C   1 
ATOM   49  O O   . PHE A 1 13 ? 10.027  -5.987  -6.719  1.00 11.80 ? 343 PHE A O   1 
ATOM   50  C CB  . PHE A 1 13 ? 8.776   -5.577  -3.789  1.00 12.89 ? 343 PHE A CB  1 
ATOM   51  C CG  . PHE A 1 13 ? 10.152  -4.949  -3.791  1.00 12.51 ? 343 PHE A CG  1 
ATOM   52  C CD1 . PHE A 1 13 ? 11.238  -5.616  -3.237  1.00 15.22 ? 343 PHE A CD1 1 
ATOM   53  C CD2 . PHE A 1 13 ? 10.347  -3.673  -4.303  1.00 14.05 ? 343 PHE A CD2 1 
ATOM   54  C CE1 . PHE A 1 13 ? 12.499  -5.030  -3.224  1.00 15.96 ? 343 PHE A CE1 1 
ATOM   55  C CE2 . PHE A 1 13 ? 11.604  -3.083  -4.291  1.00 16.71 ? 343 PHE A CE2 1 
ATOM   56  C CZ  . PHE A 1 13 ? 12.680  -3.765  -3.748  1.00 14.81 ? 343 PHE A CZ  1 
ATOM   57  N N   . ASN A 1 14 ? 7.858   -5.407  -6.964  1.00 10.97 ? 344 ASN A N   1 
ATOM   58  C CA  . ASN A 1 14 ? 8.048   -4.849  -8.296  1.00 16.20 ? 344 ASN A CA  1 
ATOM   59  C C   . ASN A 1 14 ? 7.927   -3.331  -8.355  1.00 14.20 ? 344 ASN A C   1 
ATOM   60  O O   . ASN A 1 14 ? 8.221   -2.751  -9.407  1.00 14.11 ? 344 ASN A O   1 
ATOM   61  C CB  . ASN A 1 14 ? 7.058   -5.480  -9.297  1.00 17.43 ? 344 ASN A CB  1 
ATOM   62  C CG  . ASN A 1 14 ? 5.601   -5.160  -8.979  1.00 18.45 ? 344 ASN A CG  1 
ATOM   63  O OD1 . ASN A 1 14 ? 5.106   -5.465  -7.895  1.00 16.95 ? 344 ASN A OD1 1 
ATOM   64  N ND2 . ASN A 1 14 ? 4.909   -4.549  -9.934  1.00 15.03 ? 344 ASN A ND2 1 
ATOM   65  N N   . LYS A 1 15 ? 7.514   -2.675  -7.270  1.00 12.04 ? 345 LYS A N   1 
ATOM   66  C CA  . LYS A 1 15 ? 7.445   -1.221  -7.214  1.00 11.74 ? 345 LYS A CA  1 
ATOM   67  C C   . LYS A 1 15 ? 7.921   -0.735  -5.852  1.00 12.64 ? 345 LYS A C   1 
ATOM   68  O O   . LYS A 1 15 ? 7.764   -1.424  -4.843  1.00 10.45 ? 345 LYS A O   1 
ATOM   69  C CB  . LYS A 1 15 ? 6.017   -0.704  -7.469  1.00 11.17 ? 345 LYS A CB  1 
ATOM   70  C CG  . LYS A 1 15 ? 5.556   -0.854  -8.909  1.00 12.73 ? 345 LYS A CG  1 
ATOM   71  C CD  . LYS A 1 15 ? 4.088   -0.495  -9.100  1.00 14.61 ? 345 LYS A CD  1 
ATOM   72  C CE  . LYS A 1 15 ? 3.688   -0.689  -10.559 1.00 15.03 ? 345 LYS A CE  1 
ATOM   73  N NZ  . LYS A 1 15 ? 2.244   -0.441  -10.800 1.00 12.61 ? 345 LYS A NZ  1 
ATOM   74  N N   . THR A 1 16 ? 8.491   0.467   -5.828  1.00 10.52 ? 346 THR A N   1 
ATOM   75  C CA  . THR A 1 16 ? 8.871   1.128   -4.585  1.00 11.15 ? 346 THR A CA  1 
ATOM   76  C C   . THR A 1 16 ? 8.097   2.435   -4.480  1.00 14.04 ? 346 THR A C   1 
ATOM   77  O O   . THR A 1 16 ? 8.105   3.242   -5.416  1.00 15.91 ? 346 THR A O   1 
ATOM   78  C CB  . THR A 1 16 ? 10.383  1.399   -4.516  1.00 13.72 ? 346 THR A CB  1 
ATOM   79  O OG1 . THR A 1 16 ? 11.098  0.169   -4.654  1.00 12.66 ? 346 THR A OG1 1 
ATOM   80  C CG2 . THR A 1 16 ? 10.760  2.039   -3.188  1.00 13.54 ? 346 THR A CG2 1 
ATOM   81  N N   . ALA A 1 17 ? 7.420   2.632   -3.351  1.00 11.19 ? 347 ALA A N   1 
ATOM   82  C CA  . ALA A 1 17 ? 6.641   3.836   -3.113  1.00 11.59 ? 347 ALA A CA  1 
ATOM   83  C C   . ALA A 1 17 ? 7.450   4.819   -2.284  1.00 10.80 ? 347 ALA A C   1 
ATOM   84  O O   . ALA A 1 17 ? 8.124   4.431   -1.326  1.00 13.90 ? 347 ALA A O   1 
ATOM   85  C CB  . ALA A 1 17 ? 5.331   3.515   -2.389  1.00 13.74 ? 347 ALA A CB  1 
ATOM   86  N N   . ALA A 1 18 ? 7.364   6.096   -2.648  1.00 11.80 ? 348 ALA A N   1 
ATOM   87  C CA  . ALA A 1 18 ? 8.012   7.167   -1.903  1.00 11.52 ? 348 ALA A CA  1 
ATOM   88  C C   . ALA A 1 18 ? 6.963   7.949   -1.122  1.00 11.77 ? 348 ALA A C   1 
ATOM   89  O O   . ALA A 1 18 ? 5.825   8.112   -1.574  1.00 11.84 ? 348 ALA A O   1 
ATOM   90  C CB  . ALA A 1 18 ? 8.788   8.106   -2.834  1.00 11.97 ? 348 ALA A CB  1 
ATOM   91  N N   . LYS A 1 19 ? 7.353   8.422   0.061   1.00 14.20 ? 349 LYS A N   1 
ATOM   92  C CA  . LYS A 1 19 ? 6.430   9.101   0.960   1.00 12.46 ? 349 LYS A CA  1 
ATOM   93  C C   . LYS A 1 19 ? 5.695   10.229  0.250   1.00 13.63 ? 349 LYS A C   1 
ATOM   94  O O   . LYS A 1 19 ? 6.320   11.143  -0.294  1.00 14.09 ? 349 LYS A O   1 
ATOM   95  C CB  . LYS A 1 19 ? 7.207   9.646   2.156   1.00 12.94 ? 349 LYS A CB  1 
ATOM   96  C CG  . LYS A 1 19 ? 6.332   10.271  3.228   1.00 13.52 ? 349 LYS A CG  1 
ATOM   97  C CD  . LYS A 1 19 ? 7.194   10.968  4.278   1.00 14.19 ? 349 LYS A CD  1 
ATOM   98  C CE  . LYS A 1 19 ? 6.328   11.409  5.456   1.00 16.48 ? 349 LYS A CE  1 
ATOM   99  N NZ  . LYS A 1 19 ? 5.360   12.450  5.049   1.00 17.62 ? 349 LYS A NZ  1 
ATOM   100 N N   . GLY A 1 20 ? 4.365   10.149  0.243   1.00 14.19 ? 350 GLY A N   1 
ATOM   101 C CA  . GLY A 1 20 ? 3.526   11.191  -0.314  1.00 13.56 ? 350 GLY A CA  1 
ATOM   102 C C   . GLY A 1 20 ? 3.554   11.341  -1.818  1.00 13.57 ? 350 GLY A C   1 
ATOM   103 O O   . GLY A 1 20 ? 2.975   12.300  -2.335  1.00 20.30 ? 350 GLY A O   1 
ATOM   104 N N   . VAL A 1 21 ? 4.193   10.430  -2.544  1.00 13.02 ? 351 VAL A N   1 
ATOM   105 C CA  . VAL A 1 21 ? 4.374   10.575  -3.984  1.00 13.21 ? 351 VAL A CA  1 
ATOM   106 C C   . VAL A 1 21 ? 3.461   9.583   -4.697  1.00 15.08 ? 351 VAL A C   1 
ATOM   107 O O   . VAL A 1 21 ? 3.647   8.365   -4.593  1.00 14.42 ? 351 VAL A O   1 
ATOM   108 C CB  . VAL A 1 21 ? 5.838   10.369  -4.395  1.00 13.44 ? 351 VAL A CB  1 
ATOM   109 C CG1 . VAL A 1 21 ? 5.965   10.478  -5.904  1.00 13.42 ? 351 VAL A CG1 1 
ATOM   110 C CG2 . VAL A 1 21 ? 6.715   11.412  -3.718  1.00 13.80 ? 351 VAL A CG2 1 
ATOM   111 N N   . GLU A 1 22 ? 2.496   10.114  -5.436  1.00 13.63 ? 352 GLU A N   1 
ATOM   112 C CA  . GLU A 1 22 ? 1.480   9.301   -6.085  1.00 13.70 ? 352 GLU A CA  1 
ATOM   113 C C   . GLU A 1 22 ? 2.094   8.455   -7.192  1.00 17.02 ? 352 GLU A C   1 
ATOM   114 O O   . GLU A 1 22 ? 3.031   8.877   -7.875  1.00 19.11 ? 352 GLU A O   1 
ATOM   115 C CB  . GLU A 1 22 ? 0.394   10.209  -6.663  1.00 18.53 ? 352 GLU A CB  1 
ATOM   116 C CG  . GLU A 1 22 ? -1.010  9.689   -6.541  1.00 26.47 ? 352 GLU A CG  1 
ATOM   117 C CD  . GLU A 1 22 ? -2.048  10.758  -6.829  1.00 29.16 ? 352 GLU A CD  1 
ATOM   118 O OE1 . GLU A 1 22 ? -1.682  11.949  -6.887  1.00 31.16 ? 352 GLU A OE1 1 
ATOM   119 O OE2 . GLU A 1 22 ? -3.231  10.409  -6.989  1.00 32.51 ? 352 GLU A OE2 1 
ATOM   120 N N   . PHE A 1 23 ? 1.552   7.251   -7.378  1.00 14.88 ? 353 PHE A N   1 
ATOM   121 C CA  . PHE A 1 23 ? 1.969   6.405   -8.494  1.00 14.48 ? 353 PHE A CA  1 
ATOM   122 C C   . PHE A 1 23 ? 0.804   5.533   -8.933  1.00 14.18 ? 353 PHE A C   1 
ATOM   123 O O   . PHE A 1 23 ? -0.138  5.301   -8.179  1.00 12.30 ? 353 PHE A O   1 
ATOM   124 C CB  . PHE A 1 23 ? 3.175   5.519   -8.150  1.00 14.91 ? 353 PHE A CB  1 
ATOM   125 C CG  . PHE A 1 23 ? 2.908   4.515   -7.060  1.00 15.65 ? 353 PHE A CG  1 
ATOM   126 C CD1 . PHE A 1 23 ? 2.967   4.885   -5.728  1.00 16.59 ? 353 PHE A CD1 1 
ATOM   127 C CD2 . PHE A 1 23 ? 2.622   3.196   -7.368  1.00 16.93 ? 353 PHE A CD2 1 
ATOM   128 C CE1 . PHE A 1 23 ? 2.729   3.973   -4.723  1.00 17.30 ? 353 PHE A CE1 1 
ATOM   129 C CE2 . PHE A 1 23 ? 2.380   2.280   -6.366  1.00 18.04 ? 353 PHE A CE2 1 
ATOM   130 C CZ  . PHE A 1 23 ? 2.438   2.670   -5.041  1.00 15.98 ? 353 PHE A CZ  1 
ATOM   131 N N   . SER A 1 24 ? 0.892   5.039   -10.169 1.00 12.18 ? 354 SER A N   1 
ATOM   132 C CA  . SER A 1 24 ? -0.145  4.177   -10.714 1.00 11.87 ? 354 SER A CA  1 
ATOM   133 C C   . SER A 1 24 ? 0.072   2.749   -10.230 1.00 11.94 ? 354 SER A C   1 
ATOM   134 O O   . SER A 1 24 ? 1.178   2.203   -10.332 1.00 12.89 ? 354 SER A O   1 
ATOM   135 C CB  . SER A 1 24 ? -0.147  4.230   -12.241 1.00 13.22 ? 354 SER A CB  1 
ATOM   136 O OG  . SER A 1 24 ? -1.161  3.392   -12.776 1.00 18.43 ? 354 SER A OG  1 
ATOM   137 N N   . ALA A 1 25 ? -0.993  2.144   -9.717  1.00 12.03 ? 355 ALA A N   1 
ATOM   138 C CA  . ALA A 1 25 ? -0.941  0.828   -9.113  1.00 11.65 ? 355 ALA A CA  1 
ATOM   139 C C   . ALA A 1 25 ? -1.974  -0.064  -9.785  1.00 13.75 ? 355 ALA A C   1 
ATOM   140 O O   . ALA A 1 25 ? -2.949  0.424   -10.362 1.00 12.10 ? 355 ALA A O   1 
ATOM   141 C CB  . ALA A 1 25 ? -1.200  0.914   -7.610  1.00 14.77 ? 355 ALA A CB  1 
ATOM   142 N N   . VAL A 1 26 ? -1.731  -1.381  -9.728  1.00 10.98 ? 356 VAL A N   1 
ATOM   143 C CA  . VAL A 1 26 ? -2.666  -2.380  -10.237 1.00 9.57  ? 356 VAL A CA  1 
ATOM   144 C C   . VAL A 1 26 ? -2.705  -3.553  -9.266  1.00 9.13  ? 356 VAL A C   1 
ATOM   145 O O   . VAL A 1 26 ? -1.764  -3.785  -8.500  1.00 9.12  ? 356 VAL A O   1 
ATOM   146 C CB  . VAL A 1 26 ? -2.298  -2.883  -11.653 1.00 15.76 ? 356 VAL A CB  1 
ATOM   147 C CG1 . VAL A 1 26 ? -2.440  -1.780  -12.679 1.00 12.02 ? 356 VAL A CG1 1 
ATOM   148 C CG2 . VAL A 1 26 ? -0.884  -3.483  -11.671 1.00 14.71 ? 356 VAL A CG2 1 
ATOM   149 N N   . ALA A 1 27 ? -3.820  -4.281  -9.287  1.00 10.48 ? 357 ALA A N   1 
ATOM   150 C CA  . ALA A 1 27 ? -3.907  -5.528  -8.540  1.00 13.26 ? 357 ALA A CA  1 
ATOM   151 C C   . ALA A 1 27 ? -2.714  -6.410  -8.873  1.00 11.91 ? 357 ALA A C   1 
ATOM   152 O O   . ALA A 1 27 ? -2.295  -6.504  -10.032 1.00 12.13 ? 357 ALA A O   1 
ATOM   153 C CB  . ALA A 1 27 ? -5.210  -6.255  -8.869  1.00 13.33 ? 357 ALA A CB  1 
ATOM   154 N N   . GLY A 1 28 ? -2.159  -7.052  -7.849  1.00 9.10  ? 358 GLY A N   1 
ATOM   155 C CA  . GLY A 1 28 ? -1.002  -7.896  -8.020  1.00 9.67  ? 358 GLY A CA  1 
ATOM   156 C C   . GLY A 1 28 ? 0.312   -7.211  -7.706  1.00 11.48 ? 358 GLY A C   1 
ATOM   157 O O   . GLY A 1 28 ? 1.314   -7.903  -7.448  1.00 10.88 ? 358 GLY A O   1 
ATOM   158 N N   . ASP A 1 29 ? 0.333   -5.878  -7.719  1.00 9.88  ? 359 ASP A N   1 
ATOM   159 C CA  . ASP A 1 29 ? 1.546   -5.150  -7.371  1.00 12.46 ? 359 ASP A CA  1 
ATOM   160 C C   . ASP A 1 29 ? 1.999   -5.514  -5.964  1.00 11.67 ? 359 ASP A C   1 
ATOM   161 O O   . ASP A 1 29 ? 1.185   -5.705  -5.059  1.00 12.74 ? 359 ASP A O   1 
ATOM   162 C CB  . ASP A 1 29 ? 1.313   -3.642  -7.463  1.00 10.25 ? 359 ASP A CB  1 
ATOM   163 C CG  . ASP A 1 29 ? 1.425   -3.125  -8.874  1.00 12.61 ? 359 ASP A CG  1 
ATOM   164 O OD1 . ASP A 1 29 ? 1.965   -3.859  -9.721  1.00 11.86 ? 359 ASP A OD1 1 
ATOM   165 O OD2 . ASP A 1 29 ? 0.982   -1.982  -9.128  1.00 14.37 ? 359 ASP A OD2 1 
ATOM   166 N N   . CYS A 1 30 ? 3.314   -5.612  -5.788  1.00 10.70 ? 360 CYS A N   1 
ATOM   167 C CA  . CYS A 1 30 ? 3.928   -5.843  -4.486  1.00 10.25 ? 360 CYS A CA  1 
ATOM   168 C C   . CYS A 1 30 ? 4.877   -4.676  -4.253  1.00 12.28 ? 360 CYS A C   1 
ATOM   169 O O   . CYS A 1 30 ? 5.894   -4.546  -4.945  1.00 11.03 ? 360 CYS A O   1 
ATOM   170 C CB  . CYS A 1 30 ? 4.644   -7.193  -4.442  1.00 11.14 ? 360 CYS A CB  1 
ATOM   171 S SG  . CYS A 1 30 ? 5.734   -7.431  -3.012  1.00 12.27 ? 360 CYS A SG  1 
ATOM   172 N N   . ILE A 1 31 ? 4.517   -3.812  -3.309  1.00 10.42 ? 361 ILE A N   1 
ATOM   173 C CA  . ILE A 1 31 ? 5.106   -2.488  -3.153  1.00 12.45 ? 361 ILE A CA  1 
ATOM   174 C C   . ILE A 1 31 ? 6.000   -2.485  -1.928  1.00 9.59  ? 361 ILE A C   1 
ATOM   175 O O   . ILE A 1 31 ? 5.566   -2.883  -0.843  1.00 11.86 ? 361 ILE A O   1 
ATOM   176 C CB  . ILE A 1 31 ? 4.022   -1.411  -2.983  1.00 12.90 ? 361 ILE A CB  1 
ATOM   177 C CG1 . ILE A 1 31 ? 2.893   -1.585  -4.007  1.00 16.89 ? 361 ILE A CG1 1 
ATOM   178 C CG2 . ILE A 1 31 ? 4.662   -0.018  -3.009  1.00 15.98 ? 361 ILE A CG2 1 
ATOM   179 C CD1 . ILE A 1 31 ? 3.250   -1.144  -5.357  1.00 20.12 ? 361 ILE A CD1 1 
ATOM   180 N N   . LYS A 1 32 ? 7.230   -2.008  -2.087  1.00 10.72 ? 362 LYS A N   1 
ATOM   181 C CA  . LYS A 1 32 ? 8.095   -1.721  -0.954  1.00 10.51 ? 362 LYS A CA  1 
ATOM   182 C C   . LYS A 1 32 ? 7.857   -0.284  -0.516  1.00 11.59 ? 362 LYS A C   1 
ATOM   183 O O   . LYS A 1 32 ? 7.852   0.631   -1.350  1.00 11.43 ? 362 LYS A O   1 
ATOM   184 C CB  . LYS A 1 32 ? 9.568   -1.928  -1.324  1.00 14.53 ? 362 LYS A CB  1 
ATOM   185 C CG  . LYS A 1 32 ? 10.556  -1.764  -0.169  1.00 16.44 ? 362 LYS A CG  1 
ATOM   186 C CD  . LYS A 1 32 ? 11.974  -1.646  -0.730  1.00 14.82 ? 362 LYS A CD  1 
ATOM   187 C CE  . LYS A 1 32 ? 12.999  -1.318  0.324   1.00 22.22 ? 362 LYS A CE  1 
ATOM   188 N NZ  . LYS A 1 32 ? 14.344  -1.176  -0.308  1.00 26.19 ? 362 LYS A NZ  1 
ATOM   189 N N   . TYR A 1 33 ? 7.634   -0.096  0.785   1.00 10.52 ? 363 TYR A N   1 
ATOM   190 C CA  . TYR A 1 33 ? 7.493   1.225   1.386   1.00 11.61 ? 363 TYR A CA  1 
ATOM   191 C C   . TYR A 1 33 ? 8.221   1.237   2.717   1.00 11.44 ? 363 TYR A C   1 
ATOM   192 O O   . TYR A 1 33 ? 8.034   0.335   3.539   1.00 15.42 ? 363 TYR A O   1 
ATOM   193 C CB  . TYR A 1 33 ? 6.023   1.606   1.608   1.00 10.77 ? 363 TYR A CB  1 
ATOM   194 C CG  . TYR A 1 33 ? 5.862   3.015   2.140   1.00 10.59 ? 363 TYR A CG  1 
ATOM   195 C CD1 . TYR A 1 33 ? 6.130   4.105   1.332   1.00 11.73 ? 363 TYR A CD1 1 
ATOM   196 C CD2 . TYR A 1 33 ? 5.447   3.252   3.443   1.00 12.08 ? 363 TYR A CD2 1 
ATOM   197 C CE1 . TYR A 1 33 ? 5.988   5.404   1.802   1.00 13.10 ? 363 TYR A CE1 1 
ATOM   198 C CE2 . TYR A 1 33 ? 5.296   4.552   3.929   1.00 12.05 ? 363 TYR A CE2 1 
ATOM   199 C CZ  . TYR A 1 33 ? 5.570   5.621   3.098   1.00 12.55 ? 363 TYR A CZ  1 
ATOM   200 O OH  . TYR A 1 33 ? 5.431   6.913   3.548   1.00 12.60 ? 363 TYR A OH  1 
ATOM   201 N N   . ASN A 1 34 ? 9.044   2.252   2.938   1.00 11.50 ? 364 ASN A N   1 
ATOM   202 C CA  . ASN A 1 34 ? 9.751   2.394   4.199   1.00 12.40 ? 364 ASN A CA  1 
ATOM   203 C C   . ASN A 1 34 ? 9.057   3.464   5.032   1.00 15.95 ? 364 ASN A C   1 
ATOM   204 O O   . ASN A 1 34 ? 8.931   4.609   4.593   1.00 16.36 ? 364 ASN A O   1 
ATOM   205 C CB  . ASN A 1 34 ? 11.217  2.755   3.977   1.00 14.85 ? 364 ASN A CB  1 
ATOM   206 C CG  . ASN A 1 34 ? 11.974  2.849   5.272   1.00 15.90 ? 364 ASN A CG  1 
ATOM   207 O OD1 . ASN A 1 34 ? 11.948  3.881   5.939   1.00 17.53 ? 364 ASN A OD1 1 
ATOM   208 N ND2 . ASN A 1 34 ? 12.658  1.766   5.644   1.00 17.55 ? 364 ASN A ND2 1 
ATOM   209 N N   . LYS A 1 35 ? 8.603   3.094   6.221   1.00 13.87 ? 365 LYS A N   1 
ATOM   210 C CA  . LYS A 1 35 ? 7.952   4.033   7.124   1.00 13.71 ? 365 LYS A CA  1 
ATOM   211 C C   . LYS A 1 35 ? 8.918   4.391   8.237   1.00 16.55 ? 365 LYS A C   1 
ATOM   212 O O   . LYS A 1 35 ? 9.316   3.523   9.018   1.00 15.45 ? 365 LYS A O   1 
ATOM   213 C CB  . LYS A 1 35 ? 6.670   3.451   7.710   1.00 14.41 ? 365 LYS A CB  1 
ATOM   214 C CG  . LYS A 1 35 ? 5.993   4.396   8.704   1.00 16.43 ? 365 LYS A CG  1 
ATOM   215 C CD  . LYS A 1 35 ? 4.519   4.058   8.896   1.00 18.74 ? 365 LYS A CD  1 
ATOM   216 C CE  . LYS A 1 35 ? 4.334   2.854   9.798   1.00 19.12 ? 365 LYS A CE  1 
ATOM   217 N NZ  . LYS A 1 35 ? 4.741   3.120   11.207  1.00 21.15 ? 365 LYS A NZ  1 
ATOM   218 N N   . SER A 1 36 ? 9.291   5.662   8.317   1.00 18.15 ? 366 SER A N   1 
ATOM   219 C CA  . SER A 1 36 ? 10.274  6.042   9.321   1.00 22.63 ? 366 SER A CA  1 
ATOM   220 C C   . SER A 1 36 ? 9.643   6.267   10.688  1.00 25.51 ? 366 SER A C   1 
ATOM   221 O O   . SER A 1 36 ? 10.305  6.053   11.709  1.00 28.55 ? 366 SER A O   1 
ATOM   222 C CB  . SER A 1 36 ? 11.025  7.293   8.869   1.00 27.48 ? 366 SER A CB  1 
ATOM   223 O OG  . SER A 1 36 ? 10.112  8.320   8.537   1.00 32.44 ? 366 SER A OG  1 
ATOM   224 N N   . SER A 1 37 ? 8.376   6.669   10.733  1.00 20.86 ? 367 SER A N   1 
ATOM   225 C CA  . SER A 1 37 ? 7.745   7.066   11.983  1.00 23.48 ? 367 SER A CA  1 
ATOM   226 C C   . SER A 1 37 ? 6.246   7.196   11.759  1.00 17.00 ? 367 SER A C   1 
ATOM   227 O O   . SER A 1 37 ? 5.749   7.079   10.634  1.00 18.72 ? 367 SER A O   1 
ATOM   228 C CB  . SER A 1 37 ? 8.320   8.387   12.492  1.00 26.48 ? 367 SER A CB  1 
ATOM   229 O OG  . SER A 1 37 ? 8.101   9.400   11.524  1.00 27.34 ? 367 SER A OG  1 
ATOM   230 N N   . GLY A 1 38 ? 5.527   7.437   12.852  1.00 17.54 ? 368 GLY A N   1 
ATOM   231 C CA  . GLY A 1 38 ? 4.128   7.787   12.730  1.00 20.87 ? 368 GLY A CA  1 
ATOM   232 C C   . GLY A 1 38 ? 3.272   6.616   12.282  1.00 19.72 ? 368 GLY A C   1 
ATOM   233 O O   . GLY A 1 38 ? 3.586   5.449   12.514  1.00 19.02 ? 368 GLY A O   1 
ATOM   234 N N   . THR A 1 39 ? 2.171   6.944   11.618  1.00 14.49 ? 369 THR A N   1 
ATOM   235 C CA  . THR A 1 39 ? 1.149   5.976   11.250  1.00 13.65 ? 369 THR A CA  1 
ATOM   236 C C   . THR A 1 39 ? 0.990   5.944   9.735   1.00 12.42 ? 369 THR A C   1 
ATOM   237 O O   . THR A 1 39 ? 0.849   6.998   9.102   1.00 13.45 ? 369 THR A O   1 
ATOM   238 C CB  . THR A 1 39 ? -0.185  6.325   11.918  1.00 15.24 ? 369 THR A CB  1 
ATOM   239 O OG1 . THR A 1 39 ? -0.028  6.283   13.342  1.00 19.18 ? 369 THR A OG1 1 
ATOM   240 C CG2 . THR A 1 39 ? -1.256  5.316   11.513  1.00 13.49 ? 369 THR A CG2 1 
ATOM   241 N N   . LEU A 1 40 ? 0.994   4.736   9.166   1.00 11.88 ? 370 LEU A N   1 
ATOM   242 C CA  . LEU A 1 40 ? 0.855   4.558   7.724   1.00 10.95 ? 370 LEU A CA  1 
ATOM   243 C C   . LEU A 1 40 ? -0.505  5.054   7.247   1.00 11.99 ? 370 LEU A C   1 
ATOM   244 O O   . LEU A 1 40 ? -1.525  4.826   7.894   1.00 14.52 ? 370 LEU A O   1 
ATOM   245 C CB  . LEU A 1 40 ? 1.024   3.079   7.362   1.00 10.80 ? 370 LEU A CB  1 
ATOM   246 C CG  . LEU A 1 40 ? 0.900   2.664   5.891   1.00 10.11 ? 370 LEU A CG  1 
ATOM   247 C CD1 . LEU A 1 40 ? 2.020   3.277   5.046   1.00 10.08 ? 370 LEU A CD1 1 
ATOM   248 C CD2 . LEU A 1 40 ? 0.891   1.135   5.770   1.00 15.75 ? 370 LEU A CD2 1 
ATOM   249 N N   . GLN A 1 41 ? -0.515  5.713   6.092   1.00 10.73 ? 371 GLN A N   1 
ATOM   250 C CA  . GLN A 1 41 ? -1.733  6.205   5.463   1.00 11.91 ? 371 GLN A CA  1 
ATOM   251 C C   . GLN A 1 41 ? -1.695  5.796   3.997   1.00 11.80 ? 371 GLN A C   1 
ATOM   252 O O   . GLN A 1 41 ? -0.649  5.902   3.347   1.00 10.38 ? 371 GLN A O   1 
ATOM   253 C CB  . GLN A 1 41 ? -1.838  7.737   5.572   1.00 10.04 ? 371 GLN A CB  1 
ATOM   254 C CG  . GLN A 1 41 ? -1.442  8.354   6.927   1.00 14.57 ? 371 GLN A CG  1 
ATOM   255 C CD  . GLN A 1 41 ? -2.469  8.189   8.043   1.00 17.66 ? 371 GLN A CD  1 
ATOM   256 O OE1 . GLN A 1 41 ? -2.122  8.213   9.239   1.00 19.32 ? 371 GLN A OE1 1 
ATOM   257 N NE2 . GLN A 1 41 ? -3.723  8.039   7.671   1.00 11.28 ? 371 GLN A NE2 1 
ATOM   258 N N   . ILE A 1 42 ? -2.820  5.313   3.473   1.00 9.37  ? 372 ILE A N   1 
ATOM   259 C CA  . ILE A 1 42 ? -2.928  4.911   2.072   1.00 8.73  ? 372 ILE A CA  1 
ATOM   260 C C   . ILE A 1 42 ? -4.025  5.753   1.449   1.00 9.80  ? 372 ILE A C   1 
ATOM   261 O O   . ILE A 1 42 ? -5.181  5.703   1.894   1.00 12.87 ? 372 ILE A O   1 
ATOM   262 C CB  . ILE A 1 42 ? -3.234  3.412   1.912   1.00 9.93  ? 372 ILE A CB  1 
ATOM   263 C CG1 . ILE A 1 42 ? -2.096  2.570   2.482   1.00 12.23 ? 372 ILE A CG1 1 
ATOM   264 C CG2 . ILE A 1 42 ? -3.487  3.075   0.445   1.00 10.63 ? 372 ILE A CG2 1 
ATOM   265 C CD1 . ILE A 1 42 ? -2.435  1.094   2.614   1.00 10.47 ? 372 ILE A CD1 1 
ATOM   266 N N   . GLY A 1 43 ? -3.668  6.527   0.435   1.00 9.42  ? 373 GLY A N   1 
ATOM   267 C CA  . GLY A 1 43 ? -4.564  7.523   -0.140  1.00 9.13  ? 373 GLY A CA  1 
ATOM   268 C C   . GLY A 1 43 ? -4.817  7.300   -1.615  1.00 12.27 ? 373 GLY A C   1 
ATOM   269 O O   . GLY A 1 43 ? -3.888  7.033   -2.381  1.00 9.90  ? 373 GLY A O   1 
ATOM   270 N N   . SER A 1 44 ? -6.081  7.431   -2.018  1.00 10.87 ? 374 SER A N   1 
ATOM   271 C CA  . SER A 1 44 ? -6.407  7.333   -3.429  1.00 10.11 ? 374 SER A CA  1 
ATOM   272 C C   . SER A 1 44 ? -7.688  8.104   -3.695  1.00 14.76 ? 374 SER A C   1 
ATOM   273 O O   . SER A 1 44 ? -8.562  8.206   -2.830  1.00 11.08 ? 374 SER A O   1 
ATOM   274 C CB  . SER A 1 44 ? -6.564  5.881   -3.887  1.00 10.17 ? 374 SER A CB  1 
ATOM   275 O OG  . SER A 1 44 ? -6.839  5.873   -5.281  1.00 12.49 ? 374 SER A OG  1 
ATOM   276 N N   . TRP A 1 45 ? -7.784  8.652   -4.907  1.00 15.35 ? 375 TRP A N   1 
ATOM   277 C CA  . TRP A 1 45 ? -8.898  9.510   -5.281  1.00 16.37 ? 375 TRP A CA  1 
ATOM   278 C C   . TRP A 1 45 ? -9.460  9.146   -6.647  1.00 15.54 ? 375 TRP A C   1 
ATOM   279 O O   . TRP A 1 45 ? -10.281 9.895   -7.192  1.00 16.26 ? 375 TRP A O   1 
ATOM   280 C CB  . TRP A 1 45 ? -8.462  10.981  -5.220  1.00 14.20 ? 375 TRP A CB  1 
ATOM   281 C CG  . TRP A 1 45 ? -8.073  11.340  -3.815  1.00 10.92 ? 375 TRP A CG  1 
ATOM   282 C CD1 . TRP A 1 45 ? -8.885  11.878  -2.848  1.00 13.14 ? 375 TRP A CD1 1 
ATOM   283 C CD2 . TRP A 1 45 ? -6.799  11.117  -3.190  1.00 10.89 ? 375 TRP A CD2 1 
ATOM   284 N NE1 . TRP A 1 45 ? -8.184  12.019  -1.671  1.00 11.07 ? 375 TRP A NE1 1 
ATOM   285 C CE2 . TRP A 1 45 ? -6.906  11.553  -1.853  1.00 10.96 ? 375 TRP A CE2 1 
ATOM   286 C CE3 . TRP A 1 45 ? -5.579  10.603  -3.637  1.00 13.61 ? 375 TRP A CE3 1 
ATOM   287 C CZ2 . TRP A 1 45 ? -5.837  11.496  -0.961  1.00 13.61 ? 375 TRP A CZ2 1 
ATOM   288 C CZ3 . TRP A 1 45 ? -4.517  10.536  -2.744  1.00 16.28 ? 375 TRP A CZ3 1 
ATOM   289 C CH2 . TRP A 1 45 ? -4.657  10.982  -1.422  1.00 14.91 ? 375 TRP A CH2 1 
ATOM   290 N N   . THR A 1 46 ? -9.069  7.998   -7.196  1.00 11.30 ? 376 THR A N   1 
ATOM   291 C CA  . THR A 1 46 ? -9.526  7.558   -8.510  1.00 12.94 ? 376 THR A CA  1 
ATOM   292 C C   . THR A 1 46 ? -10.962 7.041   -8.495  1.00 12.24 ? 376 THR A C   1 
ATOM   293 O O   . THR A 1 46 ? -11.576 6.919   -9.559  1.00 13.97 ? 376 THR A O   1 
ATOM   294 C CB  . THR A 1 46 ? -8.566  6.478   -9.030  1.00 20.45 ? 376 THR A CB  1 
ATOM   295 O OG1 . THR A 1 46 ? -7.229  6.992   -9.017  1.00 20.87 ? 376 THR A OG1 1 
ATOM   296 C CG2 . THR A 1 46 ? -8.904  6.066   -10.447 1.00 22.05 ? 376 THR A CG2 1 
ATOM   297 N N   . GLY A 1 47 ? -11.529 6.771   -7.325  1.00 15.12 ? 377 GLY A N   1 
ATOM   298 C CA  . GLY A 1 47 ? -12.852 6.187   -7.251  1.00 12.16 ? 377 GLY A CA  1 
ATOM   299 C C   . GLY A 1 47 ? -12.882 4.679   -7.351  1.00 15.12 ? 377 GLY A C   1 
ATOM   300 O O   . GLY A 1 47 ? -13.966 4.103   -7.453  1.00 15.67 ? 377 GLY A O   1 
ATOM   301 N N   . VAL A 1 48 ? -11.727 4.026   -7.339  1.00 11.99 ? 378 VAL A N   1 
ATOM   302 C CA  . VAL A 1 48 ? -11.627 2.575   -7.448  1.00 12.41 ? 378 VAL A CA  1 
ATOM   303 C C   . VAL A 1 48 ? -11.343 2.017   -6.065  1.00 13.44 ? 378 VAL A C   1 
ATOM   304 O O   . VAL A 1 48 ? -10.405 2.462   -5.395  1.00 14.18 ? 378 VAL A O   1 
ATOM   305 C CB  . VAL A 1 48 ? -10.519 2.167   -8.435  1.00 12.84 ? 378 VAL A CB  1 
ATOM   306 C CG1 . VAL A 1 48 ? -10.311 0.663   -8.426  1.00 15.40 ? 378 VAL A CG1 1 
ATOM   307 C CG2 . VAL A 1 48 ? -10.872 2.620   -9.828  1.00 16.07 ? 378 VAL A CG2 1 
ATOM   308 N N   . ALA A 1 49 ? -12.154 1.050   -5.634  1.00 14.89 ? 379 ALA A N   1 
ATOM   309 C CA  . ALA A 1 49 ? -11.892 0.356   -4.380  1.00 16.04 ? 379 ALA A CA  1 
ATOM   310 C C   . ALA A 1 49 ? -10.674 -0.544  -4.525  1.00 14.34 ? 379 ALA A C   1 
ATOM   311 O O   . ALA A 1 49 ? -10.500 -1.221  -5.539  1.00 16.88 ? 379 ALA A O   1 
ATOM   312 C CB  . ALA A 1 49 ? -13.102 -0.475  -3.963  1.00 15.68 ? 379 ALA A CB  1 
ATOM   313 N N   . SER A 1 50 ? -9.829  -0.562  -3.497  1.00 11.50 ? 380 SER A N   1 
ATOM   314 C CA  . SER A 1 50 ? -8.643  -1.405  -3.520  1.00 12.46 ? 380 SER A CA  1 
ATOM   315 C C   . SER A 1 50 ? -8.452  -2.023  -2.141  1.00 12.43 ? 380 SER A C   1 
ATOM   316 O O   . SER A 1 50 ? -8.998  -1.546  -1.144  1.00 12.45 ? 380 SER A O   1 
ATOM   317 C CB  . SER A 1 50 ? -7.404  -0.605  -3.939  1.00 11.35 ? 380 SER A CB  1 
ATOM   318 O OG  . SER A 1 50 ? -7.226  0.527   -3.113  1.00 13.71 ? 380 SER A OG  1 
ATOM   319 N N   . SER A 1 51 ? -7.680  -3.101  -2.088  1.00 11.97 ? 381 SER A N   1 
ATOM   320 C CA  . SER A 1 51 ? -7.427  -3.768  -0.823  1.00 10.54 ? 381 SER A CA  1 
ATOM   321 C C   . SER A 1 51 ? -5.978  -4.220  -0.781  1.00 9.52  ? 381 SER A C   1 
ATOM   322 O O   . SER A 1 51 ? -5.363  -4.491  -1.823  1.00 9.65  ? 381 SER A O   1 
ATOM   323 C CB  . SER A 1 51 ? -8.370  -4.956  -0.590  1.00 16.77 ? 381 SER A CB  1 
ATOM   324 O OG  . SER A 1 51 ? -8.075  -6.035  -1.459  1.00 25.88 ? 381 SER A OG  1 
ATOM   325 N N   . TYR A 1 52 ? -5.449  -4.311  0.441   1.00 9.30  ? 382 TYR A N   1 
ATOM   326 C CA  . TYR A 1 52 ? -4.021  -4.466  0.677   1.00 9.07  ? 382 TYR A CA  1 
ATOM   327 C C   . TYR A 1 52 ? -3.782  -5.461  1.797   1.00 9.68  ? 382 TYR A C   1 
ATOM   328 O O   . TYR A 1 52 ? -4.497  -5.452  2.800   1.00 9.74  ? 382 TYR A O   1 
ATOM   329 C CB  . TYR A 1 52 ? -3.376  -3.130  1.066   1.00 8.51  ? 382 TYR A CB  1 
ATOM   330 C CG  . TYR A 1 52 ? -3.702  -2.009  0.103   1.00 10.57 ? 382 TYR A CG  1 
ATOM   331 C CD1 . TYR A 1 52 ? -4.939  -1.363  0.148   1.00 10.80 ? 382 TYR A CD1 1 
ATOM   332 C CD2 . TYR A 1 52 ? -2.772  -1.592  -0.847  1.00 11.45 ? 382 TYR A CD2 1 
ATOM   333 C CE1 . TYR A 1 52 ? -5.241  -0.347  -0.722  1.00 10.38 ? 382 TYR A CE1 1 
ATOM   334 C CE2 . TYR A 1 52 ? -3.063  -0.566  -1.721  1.00 9.40  ? 382 TYR A CE2 1 
ATOM   335 C CZ  . TYR A 1 52 ? -4.302  0.055   -1.651  1.00 8.32  ? 382 TYR A CZ  1 
ATOM   336 O OH  . TYR A 1 52 ? -4.628  1.068   -2.525  1.00 10.46 ? 382 TYR A OH  1 
ATOM   337 N N   . ASN A 1 53 ? -2.765  -6.301  1.617   1.00 9.83  ? 383 ASN A N   1 
ATOM   338 C CA  . ASN A 1 53 ? -2.192  -7.118  2.684   1.00 10.37 ? 383 ASN A CA  1 
ATOM   339 C C   . ASN A 1 53 ? -0.739  -6.705  2.876   1.00 10.25 ? 383 ASN A C   1 
ATOM   340 O O   . ASN A 1 53 ? 0.028   -6.671  1.910   1.00 12.66 ? 383 ASN A O   1 
ATOM   341 C CB  . ASN A 1 53 ? -2.257  -8.624  2.365   1.00 11.30 ? 383 ASN A CB  1 
ATOM   342 C CG  . ASN A 1 53 ? -3.666  -9.153  2.300   1.00 15.68 ? 383 ASN A CG  1 
ATOM   343 O OD1 . ASN A 1 53 ? -4.588  -8.540  2.827   1.00 14.93 ? 383 ASN A OD1 1 
ATOM   344 N ND2 . ASN A 1 53 ? -3.843  -10.316 1.676   1.00 14.29 ? 383 ASN A ND2 1 
ATOM   345 N N   . ILE A 1 54 ? -0.358  -6.412  4.116   1.00 10.37 ? 384 ILE A N   1 
ATOM   346 C CA  . ILE A 1 54 ? 1.026   -6.124  4.462   1.00 10.59 ? 384 ILE A CA  1 
ATOM   347 C C   . ILE A 1 54 ? 1.655   -7.400  4.987   1.00 11.63 ? 384 ILE A C   1 
ATOM   348 O O   . ILE A 1 54 ? 1.140   -8.014  5.930   1.00 12.19 ? 384 ILE A O   1 
ATOM   349 C CB  . ILE A 1 54 ? 1.129   -5.004  5.505   1.00 10.39 ? 384 ILE A CB  1 
ATOM   350 C CG1 . ILE A 1 54 ? 0.536   -3.691  4.958   1.00 9.55  ? 384 ILE A CG1 1 
ATOM   351 C CG2 . ILE A 1 54 ? 2.585   -4.838  5.930   1.00 10.96 ? 384 ILE A CG2 1 
ATOM   352 C CD1 . ILE A 1 54 ? 0.525   -2.558  5.978   1.00 13.07 ? 384 ILE A CD1 1 
ATOM   353 N N   . THR A 1 55 ? 2.764   -7.801  4.374   1.00 12.12 ? 385 THR A N   1 
ATOM   354 C CA  . THR A 1 55 ? 3.441   -9.026  4.788   1.00 15.23 ? 385 THR A CA  1 
ATOM   355 C C   . THR A 1 55 ? 3.903   -8.899  6.232   1.00 13.93 ? 385 THR A C   1 
ATOM   356 O O   . THR A 1 55 ? 4.536   -7.911  6.606   1.00 13.76 ? 385 THR A O   1 
ATOM   357 C CB  . THR A 1 55 ? 4.626   -9.309  3.868   1.00 13.94 ? 385 THR A CB  1 
ATOM   358 O OG1 . THR A 1 55 ? 4.159   -9.429  2.524   1.00 13.60 ? 385 THR A OG1 1 
ATOM   359 C CG2 . THR A 1 55 ? 5.332   -10.617 4.268   1.00 15.43 ? 385 THR A CG2 1 
ATOM   360 N N   . SER A 1 56 ? 3.565   -9.901  7.044   1.00 14.86 ? 386 SER A N   1 
ATOM   361 C CA  . SER A 1 56 ? 3.793   -9.892  8.488   1.00 15.72 ? 386 SER A CA  1 
ATOM   362 C C   . SER A 1 56 ? 3.140   -8.703  9.181   1.00 16.82 ? 386 SER A C   1 
ATOM   363 O O   . SER A 1 56 ? 3.543   -8.341  10.290  1.00 18.90 ? 386 SER A O   1 
ATOM   364 C CB  . SER A 1 56 ? 5.289   -9.929  8.814   1.00 17.34 ? 386 SER A CB  1 
ATOM   365 O OG  . SER A 1 56 ? 5.939   -10.961 8.088   1.00 19.43 ? 386 SER A OG  1 
ATOM   366 N N   . GLY A 1 57 ? 2.138   -8.098  8.546   1.00 15.30 ? 387 GLY A N   1 
ATOM   367 C CA  . GLY A 1 57 ? 1.485   -6.928  9.073   1.00 14.89 ? 387 GLY A CA  1 
ATOM   368 C C   . GLY A 1 57 ? -0.021  -6.992  8.912   1.00 13.71 ? 387 GLY A C   1 
ATOM   369 O O   . GLY A 1 57 ? -0.600  -8.046  8.633   1.00 13.74 ? 387 GLY A O   1 
ATOM   370 N N   . PRO A 1 58 ? -0.687  -5.855  9.116   1.00 12.31 ? 388 PRO A N   1 
ATOM   371 C CA  . PRO A 1 58 ? -2.147  -5.810  8.964   1.00 15.92 ? 388 PRO A CA  1 
ATOM   372 C C   . PRO A 1 58 ? -2.591  -6.259  7.585   1.00 15.42 ? 388 PRO A C   1 
ATOM   373 O O   . PRO A 1 58 ? -1.942  -5.966  6.578   1.00 15.87 ? 388 PRO A O   1 
ATOM   374 C CB  . PRO A 1 58 ? -2.476  -4.332  9.194   1.00 16.04 ? 388 PRO A CB  1 
ATOM   375 C CG  . PRO A 1 58 ? -1.383  -3.858  10.088  1.00 17.39 ? 388 PRO A CG  1 
ATOM   376 C CD  . PRO A 1 58 ? -0.146  -4.588  9.638   1.00 16.38 ? 388 PRO A CD  1 
ATOM   377 N N   . GLN A 1 59 ? -3.712  -6.976  7.540   1.00 14.17 ? 389 GLN A N   1 
ATOM   378 C CA  . GLN A 1 59 ? -4.240  -7.487  6.282   1.00 14.54 ? 389 GLN A CA  1 
ATOM   379 C C   . GLN A 1 59 ? -5.716  -7.135  6.144   1.00 13.24 ? 389 GLN A C   1 
ATOM   380 O O   . GLN A 1 59 ? -6.380  -6.753  7.109   1.00 16.57 ? 389 GLN A O   1 
ATOM   381 C CB  . GLN A 1 59 ? -4.015  -8.998  6.176   1.00 23.66 ? 389 GLN A CB  1 
ATOM   382 C CG  . GLN A 1 59 ? -2.564  -9.358  6.484   1.00 25.20 ? 389 GLN A CG  1 
ATOM   383 C CD  . GLN A 1 59 ? -1.991  -10.382 5.544   1.00 25.65 ? 389 GLN A CD  1 
ATOM   384 O OE1 . GLN A 1 59 ? -2.696  -11.276 5.076   1.00 21.30 ? 389 GLN A OE1 1 
ATOM   385 N NE2 . GLN A 1 59 ? -0.698  -10.261 5.258   1.00 24.37 ? 389 GLN A NE2 1 
ATOM   386 N N   . GLY A 1 60 ? -6.222  -7.248  4.921   1.00 13.25 ? 390 GLY A N   1 
ATOM   387 C CA  . GLY A 1 60 ? -7.586  -6.823  4.660   1.00 12.98 ? 390 GLY A CA  1 
ATOM   388 C C   . GLY A 1 60 ? -7.788  -5.329  4.755   1.00 13.41 ? 390 GLY A C   1 
ATOM   389 O O   . GLY A 1 60 ? -8.881  -4.876  5.111   1.00 14.53 ? 390 GLY A O   1 
ATOM   390 N N   . ILE A 1 61 ? -6.747  -4.550  4.465   1.00 11.15 ? 391 ILE A N   1 
ATOM   391 C CA  . ILE A 1 61 ? -6.857  -3.097  4.429   1.00 10.41 ? 391 ILE A CA  1 
ATOM   392 C C   . ILE A 1 61 ? -7.654  -2.709  3.197   1.00 11.14 ? 391 ILE A C   1 
ATOM   393 O O   . ILE A 1 61 ? -7.388  -3.210  2.103   1.00 11.94 ? 391 ILE A O   1 
ATOM   394 C CB  . ILE A 1 61 ? -5.460  -2.464  4.374   1.00 9.17  ? 391 ILE A CB  1 
ATOM   395 C CG1 . ILE A 1 61 ? -4.594  -2.905  5.556   1.00 13.93 ? 391 ILE A CG1 1 
ATOM   396 C CG2 . ILE A 1 61 ? -5.556  -0.936  4.302   1.00 8.79  ? 391 ILE A CG2 1 
ATOM   397 C CD1 . ILE A 1 61 ? -3.108  -2.633  5.310   1.00 14.68 ? 391 ILE A CD1 1 
ATOM   398 N N   . THR A 1 62 ? -8.633  -1.819  3.356   1.00 11.45 ? 392 THR A N   1 
ATOM   399 C CA  . THR A 1 62 ? -9.422  -1.386  2.217   1.00 10.23 ? 392 THR A CA  1 
ATOM   400 C C   . THR A 1 62 ? -9.378  0.130   2.090   1.00 12.72 ? 392 THR A C   1 
ATOM   401 O O   . THR A 1 62 ? -9.310  0.856   3.086   1.00 12.22 ? 392 THR A O   1 
ATOM   402 C CB  . THR A 1 62 ? -10.873 -1.855  2.321   1.00 15.42 ? 392 THR A CB  1 
ATOM   403 O OG1 . THR A 1 62 ? -11.441 -1.399  3.563   1.00 18.70 ? 392 THR A OG1 1 
ATOM   404 C CG2 . THR A 1 62 ? -10.942 -3.385  2.236   1.00 14.49 ? 392 THR A CG2 1 
ATOM   405 N N   . ASN A 1 63 ? -9.407  0.591   0.841   1.00 10.71 ? 393 ASN A N   1 
ATOM   406 C CA  . ASN A 1 63 ? -9.508  2.006   0.506   1.00 9.77  ? 393 ASN A CA  1 
ATOM   407 C C   . ASN A 1 63 ? -10.571 2.128   -0.571  1.00 12.76 ? 393 ASN A C   1 
ATOM   408 O O   . ASN A 1 63 ? -10.522 1.406   -1.569  1.00 10.63 ? 393 ASN A O   1 
ATOM   409 C CB  . ASN A 1 63 ? -8.159  2.562   0.020   1.00 9.10  ? 393 ASN A CB  1 
ATOM   410 C CG  . ASN A 1 63 ? -8.237  4.025   -0.378  1.00 9.33  ? 393 ASN A CG  1 
ATOM   411 O OD1 . ASN A 1 63 ? -8.747  4.375   -1.439  1.00 14.28 ? 393 ASN A OD1 1 
ATOM   412 N ND2 . ASN A 1 63 ? -7.761  4.889   0.500   1.00 11.16 ? 393 ASN A ND2 1 
ATOM   413 N N   . THR A 1 64 ? -11.551 3.005   -0.366  1.00 13.10 ? 394 THR A N   1 
ATOM   414 C CA  . THR A 1 64 ? -12.683 3.072   -1.283  1.00 12.27 ? 394 THR A CA  1 
ATOM   415 C C   . THR A 1 64 ? -12.482 4.065   -2.412  1.00 12.42 ? 394 THR A C   1 
ATOM   416 O O   . THR A 1 64 ? -13.389 4.227   -3.233  1.00 15.07 ? 394 THR A O   1 
ATOM   417 C CB  . THR A 1 64 ? -13.970 3.421   -0.533  1.00 20.25 ? 394 THR A CB  1 
ATOM   418 O OG1 . THR A 1 64 ? -13.819 4.677   0.140   1.00 17.85 ? 394 THR A OG1 1 
ATOM   419 C CG2 . THR A 1 64 ? -14.313 2.337   0.473   1.00 23.51 ? 394 THR A CG2 1 
ATOM   420 N N   . GLY A 1 65 ? -11.329 4.722   -2.476  1.00 11.67 ? 395 GLY A N   1 
ATOM   421 C CA  . GLY A 1 65 ? -10.983 5.531   -3.625  1.00 11.99 ? 395 GLY A CA  1 
ATOM   422 C C   . GLY A 1 65 ? -11.339 6.992   -3.519  1.00 12.64 ? 395 GLY A C   1 
ATOM   423 O O   . GLY A 1 65 ? -11.394 7.677   -4.546  1.00 13.37 ? 395 GLY A O   1 
ATOM   424 N N   . ASN A 1 66 ? -11.591 7.496   -2.319  1.00 13.53 ? 396 ASN A N   1 
ATOM   425 C CA  . ASN A 1 66 ? -11.893 8.912   -2.150  1.00 13.94 ? 396 ASN A CA  1 
ATOM   426 C C   . ASN A 1 66 ? -11.367 9.398   -0.798  1.00 12.98 ? 396 ASN A C   1 
ATOM   427 O O   . ASN A 1 66 ? -12.060 10.079  -0.043  1.00 13.76 ? 396 ASN A O   1 
ATOM   428 C CB  . ASN A 1 66 ? -13.391 9.170   -2.302  1.00 16.45 ? 396 ASN A CB  1 
ATOM   429 C CG  . ASN A 1 66 ? -13.716 10.653  -2.378  1.00 24.25 ? 396 ASN A CG  1 
ATOM   430 O OD1 . ASN A 1 66 ? -12.908 11.460  -2.850  1.00 22.67 ? 396 ASN A OD1 1 
ATOM   431 N ND2 . ASN A 1 66 ? -14.898 11.021  -1.907  1.00 28.35 ? 396 ASN A ND2 1 
ATOM   432 N N   . GLY A 1 67 ? -10.122 9.071   -0.485  1.00 11.96 ? 397 GLY A N   1 
ATOM   433 C CA  . GLY A 1 67 ? -9.483  9.629   0.689   1.00 11.77 ? 397 GLY A CA  1 
ATOM   434 C C   . GLY A 1 67 ? -8.401  8.703   1.209   1.00 10.75 ? 397 GLY A C   1 
ATOM   435 O O   . GLY A 1 67 ? -7.842  7.906   0.468   1.00 10.19 ? 397 GLY A O   1 
ATOM   436 N N   . TRP A 1 68 ? -8.140  8.834   2.506   1.00 10.75 ? 398 TRP A N   1 
ATOM   437 C CA  . TRP A 1 68 ? -7.024  8.173   3.171   1.00 10.09 ? 398 TRP A CA  1 
ATOM   438 C C   . TRP A 1 68 ? -7.518  7.054   4.076   1.00 11.44 ? 398 TRP A C   1 
ATOM   439 O O   . TRP A 1 68 ? -8.411  7.268   4.900   1.00 10.98 ? 398 TRP A O   1 
ATOM   440 C CB  . TRP A 1 68 ? -6.243  9.168   4.022   1.00 10.44 ? 398 TRP A CB  1 
ATOM   441 C CG  . TRP A 1 68 ? -5.523  10.228  3.270   1.00 10.71 ? 398 TRP A CG  1 
ATOM   442 C CD1 . TRP A 1 68 ? -5.956  11.495  3.005   1.00 11.56 ? 398 TRP A CD1 1 
ATOM   443 C CD2 . TRP A 1 68 ? -4.223  10.113  2.691   1.00 10.40 ? 398 TRP A CD2 1 
ATOM   444 N NE1 . TRP A 1 68 ? -4.996  12.179  2.293   1.00 12.82 ? 398 TRP A NE1 1 
ATOM   445 C CE2 . TRP A 1 68 ? -3.921  11.347  2.092   1.00 11.48 ? 398 TRP A CE2 1 
ATOM   446 C CE3 . TRP A 1 68 ? -3.288  9.072   2.614   1.00 11.52 ? 398 TRP A CE3 1 
ATOM   447 C CZ2 . TRP A 1 68 ? -2.708  11.581  1.428   1.00 12.79 ? 398 TRP A CZ2 1 
ATOM   448 C CZ3 . TRP A 1 68 ? -2.086  9.302   1.960   1.00 12.28 ? 398 TRP A CZ3 1 
ATOM   449 C CH2 . TRP A 1 68 ? -1.807  10.554  1.381   1.00 12.27 ? 398 TRP A CH2 1 
ATOM   450 N N   . THR A 1 69 ? -6.885  5.889   3.977   1.00 10.07 ? 399 THR A N   1 
ATOM   451 C CA  . THR A 1 69 ? -7.102  4.798   4.913   1.00 9.49  ? 399 THR A CA  1 
ATOM   452 C C   . THR A 1 69 ? -5.953  4.793   5.908   1.00 12.16 ? 399 THR A C   1 
ATOM   453 O O   . THR A 1 69 ? -4.795  4.682   5.506   1.00 8.96  ? 399 THR A O   1 
ATOM   454 C CB  . THR A 1 69 ? -7.173  3.448   4.200   1.00 9.12  ? 399 THR A CB  1 
ATOM   455 O OG1 . THR A 1 69 ? -8.288  3.445   3.298   1.00 13.64 ? 399 THR A OG1 1 
ATOM   456 C CG2 . THR A 1 69 ? -7.374  2.334   5.244   1.00 16.21 ? 399 THR A CG2 1 
ATOM   457 N N   . THR A 1 70 ? -6.269  4.921   7.192   1.00 10.13 ? 400 THR A N   1 
ATOM   458 C CA  . THR A 1 70 ? -5.254  4.879   8.237   1.00 12.73 ? 400 THR A CA  1 
ATOM   459 C C   . THR A 1 70 ? -4.974  3.425   8.606   1.00 13.98 ? 400 THR A C   1 
ATOM   460 O O   . THR A 1 70 ? -5.898  2.624   8.754   1.00 13.60 ? 400 THR A O   1 
ATOM   461 C CB  . THR A 1 70 ? -5.726  5.668   9.457   1.00 14.09 ? 400 THR A CB  1 
ATOM   462 O OG1 . THR A 1 70 ? -5.986  7.030   9.069   1.00 13.89 ? 400 THR A OG1 1 
ATOM   463 C CG2 . THR A 1 70 ? -4.655  5.661   10.556  1.00 12.60 ? 400 THR A CG2 1 
ATOM   464 N N   . VAL A 1 71 ? -3.701  3.078   8.721   1.00 10.11 ? 401 VAL A N   1 
ATOM   465 C CA  . VAL A 1 71 ? -3.296  1.704   9.017   1.00 10.21 ? 401 VAL A CA  1 
ATOM   466 C C   . VAL A 1 71 ? -2.493  1.746   10.312  1.00 11.04 ? 401 VAL A C   1 
ATOM   467 O O   . VAL A 1 71 ? -1.264  1.832   10.314  1.00 14.12 ? 401 VAL A O   1 
ATOM   468 C CB  . VAL A 1 71 ? -2.507  1.067   7.869   1.00 11.62 ? 401 VAL A CB  1 
ATOM   469 C CG1 . VAL A 1 71 ? -2.223  -0.401  8.187   1.00 10.95 ? 401 VAL A CG1 1 
ATOM   470 C CG2 . VAL A 1 71 ? -3.296  1.176   6.552   1.00 11.49 ? 401 VAL A CG2 1 
ATOM   471 N N   . ALA A 1 72 ? -3.198  1.630   11.438  1.00 17.62 ? 402 ALA A N   1 
ATOM   472 C CA  . ALA A 1 72 ? -2.616  1.986   12.729  1.00 21.87 ? 402 ALA A CA  1 
ATOM   473 C C   . ALA A 1 72 ? -1.481  1.062   13.152  1.00 28.90 ? 402 ALA A C   1 
ATOM   474 O O   . ALA A 1 72 ? -0.595  1.483   13.909  1.00 32.95 ? 402 ALA A O   1 
ATOM   475 C CB  . ALA A 1 72 ? -3.699  1.987   13.806  1.00 24.80 ? 402 ALA A CB  1 
ATOM   476 N N   . ASN A 1 73 ? -1.490  -0.198  12.728  1.00 17.92 ? 403 ASN A N   1 
ATOM   477 C CA  . ASN A 1 73 ? -0.565  -1.158  13.321  1.00 27.34 ? 403 ASN A CA  1 
ATOM   478 C C   . ASN A 1 73 ? 0.568   -1.557  12.381  1.00 25.79 ? 403 ASN A C   1 
ATOM   479 O O   . ASN A 1 73 ? 1.195   -2.602  12.585  1.00 24.17 ? 403 ASN A O   1 
ATOM   480 C CB  . ASN A 1 73 ? -1.322  -2.395  13.804  1.00 31.42 ? 403 ASN A CB  1 
ATOM   481 C CG  . ASN A 1 73 ? -2.107  -2.140  15.082  1.00 40.71 ? 403 ASN A CG  1 
ATOM   482 O OD1 . ASN A 1 73 ? -1.586  -1.582  16.055  1.00 42.81 ? 403 ASN A OD1 1 
ATOM   483 N ND2 . ASN A 1 73 ? -3.370  -2.549  15.083  1.00 46.93 ? 403 ASN A ND2 1 
ATOM   484 N N   . ALA A 1 74 ? 0.855   -0.750  11.363  1.00 23.58 ? 404 ALA A N   1 
ATOM   485 C CA  . ALA A 1 74 ? 1.961   -1.051  10.462  1.00 19.71 ? 404 ALA A CA  1 
ATOM   486 C C   . ALA A 1 74 ? 3.280   -0.637  11.107  1.00 20.06 ? 404 ALA A C   1 
ATOM   487 O O   . ALA A 1 74 ? 3.390   0.459   11.665  1.00 22.91 ? 404 ALA A O   1 
ATOM   488 C CB  . ALA A 1 74 ? 1.769   -0.346  9.120   1.00 15.76 ? 404 ALA A CB  1 
ATOM   489 N N   . ALA A 1 75 ? 4.277   -1.510  11.029  1.00 18.96 ? 405 ALA A N   1 
ATOM   490 C CA  . ALA A 1 75 ? 5.537   -1.251  11.706  1.00 20.42 ? 405 ALA A CA  1 
ATOM   491 C C   . ALA A 1 75 ? 6.369   -0.228  10.939  1.00 21.44 ? 405 ALA A C   1 
ATOM   492 O O   . ALA A 1 75 ? 6.176   0.008   9.744   1.00 20.68 ? 405 ALA A O   1 
ATOM   493 C CB  . ALA A 1 75 ? 6.335   -2.542  11.873  1.00 24.02 ? 405 ALA A CB  1 
ATOM   494 N N   . ASN A 1 76 ? 7.288   0.406   11.657  1.00 21.49 ? 406 ASN A N   1 
ATOM   495 C CA  . ASN A 1 76 ? 8.301   1.209   10.996  1.00 18.57 ? 406 ASN A CA  1 
ATOM   496 C C   . ASN A 1 76 ? 9.273   0.292   10.258  1.00 19.78 ? 406 ASN A C   1 
ATOM   497 O O   . ASN A 1 76 ? 9.348   -0.909  10.519  1.00 23.68 ? 406 ASN A O   1 
ATOM   498 C CB  . ASN A 1 76 ? 9.035   2.083   12.010  1.00 21.29 ? 406 ASN A CB  1 
ATOM   499 C CG  . ASN A 1 76 ? 8.123   3.094   12.675  1.00 24.28 ? 406 ASN A CG  1 
ATOM   500 O OD1 . ASN A 1 76 ? 7.182   3.602   12.060  1.00 20.71 ? 406 ASN A OD1 1 
ATOM   501 N ND2 . ASN A 1 76 ? 8.392   3.388   13.944  1.00 27.90 ? 406 ASN A ND2 1 
ATOM   502 N N   . GLY A 1 77 ? 10.017  0.864   9.325   1.00 16.44 ? 407 GLY A N   1 
ATOM   503 C CA  . GLY A 1 77 ? 10.945  0.085   8.530   1.00 19.40 ? 407 GLY A CA  1 
ATOM   504 C C   . GLY A 1 77 ? 10.377  -0.259  7.165   1.00 16.70 ? 407 GLY A C   1 
ATOM   505 O O   . GLY A 1 77 ? 9.397   0.324   6.696   1.00 17.16 ? 407 GLY A O   1 
ATOM   506 N N   . ASP A 1 78 ? 11.033  -1.219  6.516   1.00 15.67 ? 408 ASP A N   1 
ATOM   507 C CA  . ASP A 1 78 ? 10.611  -1.662  5.185   1.00 13.26 ? 408 ASP A CA  1 
ATOM   508 C C   . ASP A 1 78 ? 9.328   -2.471  5.276   1.00 21.44 ? 408 ASP A C   1 
ATOM   509 O O   . ASP A 1 78 ? 9.301   -3.535  5.901   1.00 23.44 ? 408 ASP A O   1 
ATOM   510 C CB  . ASP A 1 78 ? 11.698  -2.505  4.530   1.00 14.32 ? 408 ASP A CB  1 
ATOM   511 C CG  . ASP A 1 78 ? 12.813  -1.668  3.958   1.00 17.98 ? 408 ASP A CG  1 
ATOM   512 O OD1 . ASP A 1 78 ? 12.668  -0.418  3.907   1.00 19.22 ? 408 ASP A OD1 1 
ATOM   513 O OD2 . ASP A 1 78 ? 13.847  -2.267  3.590   1.00 19.84 ? 408 ASP A OD2 1 
ATOM   514 N N   . LEU A 1 79 ? 8.274   -1.981  4.636   1.00 11.45 ? 409 LEU A N   1 
ATOM   515 C CA  . LEU A 1 79 ? 6.999   -2.679  4.567   1.00 12.75 ? 409 LEU A CA  1 
ATOM   516 C C   . LEU A 1 79 ? 6.799   -3.210  3.161   1.00 14.04 ? 409 LEU A C   1 
ATOM   517 O O   . LEU A 1 79 ? 7.117   -2.528  2.185   1.00 12.63 ? 409 LEU A O   1 
ATOM   518 C CB  . LEU A 1 79 ? 5.840   -1.750  4.925   1.00 11.15 ? 409 LEU A CB  1 
ATOM   519 C CG  . LEU A 1 79 ? 5.857   -1.169  6.335   1.00 14.34 ? 409 LEU A CG  1 
ATOM   520 C CD1 . LEU A 1 79 ? 4.771   -0.096  6.474   1.00 14.27 ? 409 LEU A CD1 1 
ATOM   521 C CD2 . LEU A 1 79 ? 5.683   -2.287  7.365   1.00 15.14 ? 409 LEU A CD2 1 
ATOM   522 N N   . TYR A 1 80 ? 6.250   -4.416  3.058   1.00 10.29 ? 410 TYR A N   1 
ATOM   523 C CA  . TYR A 1 80 ? 5.954   -5.003  1.762   1.00 10.24 ? 410 TYR A CA  1 
ATOM   524 C C   . TYR A 1 80 ? 4.452   -5.174  1.655   1.00 10.58 ? 410 TYR A C   1 
ATOM   525 O O   . TYR A 1 80 ? 3.846   -5.936  2.415   1.00 9.82  ? 410 TYR A O   1 
ATOM   526 C CB  . TYR A 1 80 ? 6.722   -6.307  1.566   1.00 12.19 ? 410 TYR A CB  1 
ATOM   527 C CG  . TYR A 1 80 ? 8.194   -6.012  1.465   1.00 12.59 ? 410 TYR A CG  1 
ATOM   528 C CD1 . TYR A 1 80 ? 8.755   -5.604  0.264   1.00 12.47 ? 410 TYR A CD1 1 
ATOM   529 C CD2 . TYR A 1 80 ? 9.017   -6.084  2.582   1.00 15.66 ? 410 TYR A CD2 1 
ATOM   530 C CE1 . TYR A 1 80 ? 10.102  -5.298  0.166   1.00 13.68 ? 410 TYR A CE1 1 
ATOM   531 C CE2 . TYR A 1 80 ? 10.364  -5.781  2.495   1.00 15.97 ? 410 TYR A CE2 1 
ATOM   532 C CZ  . TYR A 1 80 ? 10.903  -5.387  1.285   1.00 16.05 ? 410 TYR A CZ  1 
ATOM   533 O OH  . TYR A 1 80 ? 12.240  -5.083  1.194   1.00 17.05 ? 410 TYR A OH  1 
ATOM   534 N N   . ILE A 1 81 ? 3.858   -4.449  0.716   1.00 9.21  ? 411 ILE A N   1 
ATOM   535 C CA  . ILE A 1 81 ? 2.419   -4.263  0.671   1.00 10.84 ? 411 ILE A CA  1 
ATOM   536 C C   . ILE A 1 81 ? 1.916   -4.818  -0.647  1.00 9.24  ? 411 ILE A C   1 
ATOM   537 O O   . ILE A 1 81 ? 2.317   -4.354  -1.719  1.00 9.72  ? 411 ILE A O   1 
ATOM   538 C CB  . ILE A 1 81 ? 2.048   -2.785  0.855   1.00 10.17 ? 411 ILE A CB  1 
ATOM   539 C CG1 . ILE A 1 81 ? 2.728   -2.296  2.137   1.00 10.54 ? 411 ILE A CG1 1 
ATOM   540 C CG2 . ILE A 1 81 ? 0.541   -2.635  0.916   1.00 9.86  ? 411 ILE A CG2 1 
ATOM   541 C CD1 . ILE A 1 81 ? 2.630   -0.840  2.428   1.00 17.41 ? 411 ILE A CD1 1 
ATOM   542 N N   . LYS A 1 82 ? 1.083   -5.847  -0.562  1.00 9.78  ? 412 LYS A N   1 
ATOM   543 C CA  . LYS A 1 82 ? 0.513   -6.494  -1.732  1.00 9.39  ? 412 LYS A CA  1 
ATOM   544 C C   . LYS A 1 82 ? -0.845  -5.882  -2.027  1.00 9.24  ? 412 LYS A C   1 
ATOM   545 O O   . LYS A 1 82 ? -1.707  -5.826  -1.145  1.00 11.47 ? 412 LYS A O   1 
ATOM   546 C CB  . LYS A 1 82 ? 0.366   -7.998  -1.486  1.00 13.12 ? 412 LYS A CB  1 
ATOM   547 C CG  . LYS A 1 82 ? -0.302  -8.749  -2.624  1.00 14.48 ? 412 LYS A CG  1 
ATOM   548 C CD  . LYS A 1 82 ? 0.659   -8.946  -3.786  1.00 16.14 ? 412 LYS A CD  1 
ATOM   549 C CE  . LYS A 1 82 ? 0.111   -9.958  -4.784  1.00 14.62 ? 412 LYS A CE  1 
ATOM   550 N NZ  . LYS A 1 82 ? 1.085   -10.226 -5.872  1.00 13.71 ? 412 LYS A NZ  1 
ATOM   551 N N   . ILE A 1 83 ? -1.046  -5.442  -3.262  1.00 9.00  ? 413 ILE A N   1 
ATOM   552 C CA  . ILE A 1 83 ? -2.353  -4.967  -3.703  1.00 8.87  ? 413 ILE A CA  1 
ATOM   553 C C   . ILE A 1 83 ? -3.162  -6.180  -4.141  1.00 12.84 ? 413 ILE A C   1 
ATOM   554 O O   . ILE A 1 83 ? -2.893  -6.772  -5.193  1.00 11.51 ? 413 ILE A O   1 
ATOM   555 C CB  . ILE A 1 83 ? -2.230  -3.940  -4.828  1.00 13.81 ? 413 ILE A CB  1 
ATOM   556 C CG1 . ILE A 1 83 ? -1.392  -2.757  -4.335  1.00 12.58 ? 413 ILE A CG1 1 
ATOM   557 C CG2 . ILE A 1 83 ? -3.624  -3.483  -5.256  1.00 13.70 ? 413 ILE A CG2 1 
ATOM   558 C CD1 . ILE A 1 83 ? -1.353  -1.634  -5.310  1.00 16.25 ? 413 ILE A CD1 1 
ATOM   559 N N   . VAL A 1 84 ? -4.152  -6.549  -3.329  1.00 10.68 ? 414 VAL A N   1 
ATOM   560 C CA  . VAL A 1 84 ? -4.860  -7.803  -3.523  1.00 14.18 ? 414 VAL A CA  1 
ATOM   561 C C   . VAL A 1 84 ? -6.024  -7.657  -4.494  1.00 15.57 ? 414 VAL A C   1 
ATOM   562 O O   . VAL A 1 84 ? -6.374  -8.621  -5.182  1.00 19.37 ? 414 VAL A O   1 
ATOM   563 C CB  . VAL A 1 84 ? -5.327  -8.351  -2.161  1.00 19.21 ? 414 VAL A CB  1 
ATOM   564 C CG1 . VAL A 1 84 ? -6.117  -9.623  -2.333  1.00 23.60 ? 414 VAL A CG1 1 
ATOM   565 C CG2 . VAL A 1 84 ? -4.131  -8.626  -1.269  1.00 20.93 ? 414 VAL A CG2 1 
ATOM   566 N N   . SER A 1 85 ? -6.634  -6.478  -4.581  1.00 11.59 ? 415 SER A N   1 
ATOM   567 C CA  . SER A 1 85 ? -7.742  -6.323  -5.509  1.00 11.21 ? 415 SER A CA  1 
ATOM   568 C C   . SER A 1 85 ? -7.861  -4.869  -5.930  1.00 14.68 ? 415 SER A C   1 
ATOM   569 O O   . SER A 1 85 ? -7.605  -3.950  -5.147  1.00 9.96  ? 415 SER A O   1 
ATOM   570 C CB  . SER A 1 85 ? -9.061  -6.795  -4.897  1.00 17.60 ? 415 SER A CB  1 
ATOM   571 O OG  . SER A 1 85 ? -9.374  -6.014  -3.760  1.00 21.87 ? 415 SER A OG  1 
ATOM   572 N N   . ALA A 1 86 ? -8.255  -4.687  -7.186  1.00 10.98 ? 416 ALA A N   1 
ATOM   573 C CA  . ALA A 1 86 ? -8.528  -3.390  -7.784  1.00 14.04 ? 416 ALA A CA  1 
ATOM   574 C C   . ALA A 1 86 ? -9.090  -3.652  -9.175  1.00 17.25 ? 416 ALA A C   1 
ATOM   575 O O   . ALA A 1 86 ? -8.468  -4.379  -9.960  1.00 12.79 ? 416 ALA A O   1 
ATOM   576 C CB  . ALA A 1 86 ? -7.261  -2.529  -7.849  1.00 12.35 ? 416 ALA A CB  1 
ATOM   577 N N   . SER A 1 87 ? -10.267 -3.100  -9.489  1.00 14.64 ? 417 SER A N   1 
ATOM   578 C CA  . SER A 1 87 ? -10.896 -3.426  -10.769 1.00 16.63 ? 417 SER A CA  1 
ATOM   579 C C   . SER A 1 87 ? -10.130 -2.855  -11.958 1.00 13.32 ? 417 SER A C   1 
ATOM   580 O O   . SER A 1 87 ? -10.285 -3.361  -13.073 1.00 15.02 ? 417 SER A O   1 
ATOM   581 C CB  . SER A 1 87 ? -12.352 -2.940  -10.793 1.00 19.26 ? 417 SER A CB  1 
ATOM   582 O OG  . SER A 1 87 ? -12.425 -1.530  -10.709 1.00 18.98 ? 417 SER A OG  1 
ATOM   583 N N   . ARG A 1 88 ? -9.295  -1.841  -11.741 1.00 13.99 ? 418 ARG A N   1 
ATOM   584 C CA  . ARG A 1 88 ? -8.534  -1.203  -12.808 1.00 14.92 ? 418 ARG A CA  1 
ATOM   585 C C   . ARG A 1 88 ? -7.401  -0.419  -12.165 1.00 13.27 ? 418 ARG A C   1 
ATOM   586 O O   . ARG A 1 88 ? -7.411  -0.169  -10.961 1.00 14.60 ? 418 ARG A O   1 
ATOM   587 C CB  . ARG A 1 88 ? -9.417  -0.288  -13.667 1.00 15.40 ? 418 ARG A CB  1 
ATOM   588 C CG  . ARG A 1 88 ? -10.098 0.850   -12.903 1.00 14.19 ? 418 ARG A CG  1 
ATOM   589 C CD  . ARG A 1 88 ? -10.828 1.792   -13.856 1.00 15.41 ? 418 ARG A CD  1 
ATOM   590 N NE  . ARG A 1 88 ? -11.555 2.842   -13.150 1.00 19.02 ? 418 ARG A NE  1 
ATOM   591 C CZ  . ARG A 1 88 ? -11.059 4.047   -12.894 1.00 21.82 ? 418 ARG A CZ  1 
ATOM   592 N NH1 . ARG A 1 88 ? -9.832  4.360   -13.298 1.00 19.53 ? 418 ARG A NH1 1 
ATOM   593 N NH2 . ARG A 1 88 ? -11.788 4.940   -12.236 1.00 18.84 ? 418 ARG A NH2 1 
ATOM   594 N N   . SER A 1 89 ? -6.427  -0.026  -12.985 1.00 16.40 ? 419 SER A N   1 
ATOM   595 C CA  . SER A 1 89 ? -5.295  0.731   -12.472 1.00 11.77 ? 419 SER A CA  1 
ATOM   596 C C   . SER A 1 89 ? -5.784  2.008   -11.792 1.00 11.66 ? 419 SER A C   1 
ATOM   597 O O   . SER A 1 89 ? -6.815  2.578   -12.159 1.00 16.29 ? 419 SER A O   1 
ATOM   598 C CB  . SER A 1 89 ? -4.318  1.073   -13.594 1.00 13.19 ? 419 SER A CB  1 
ATOM   599 O OG  . SER A 1 89 ? -4.853  2.070   -14.447 1.00 14.34 ? 419 SER A OG  1 
ATOM   600 N N   . PHE A 1 90 ? -5.036  2.454   -10.789 1.00 12.42 ? 420 PHE A N   1 
ATOM   601 C CA  . PHE A 1 90 ? -5.469  3.595   -10.001 1.00 11.25 ? 420 PHE A CA  1 
ATOM   602 C C   . PHE A 1 90 ? -4.255  4.284   -9.396  1.00 11.31 ? 420 PHE A C   1 
ATOM   603 O O   . PHE A 1 90 ? -3.231  3.651   -9.124  1.00 13.92 ? 420 PHE A O   1 
ATOM   604 C CB  . PHE A 1 90 ? -6.452  3.159   -8.902  1.00 13.23 ? 420 PHE A CB  1 
ATOM   605 C CG  . PHE A 1 90 ? -5.845  2.238   -7.870  1.00 11.51 ? 420 PHE A CG  1 
ATOM   606 C CD1 . PHE A 1 90 ? -5.597  0.901   -8.162  1.00 10.86 ? 420 PHE A CD1 1 
ATOM   607 C CD2 . PHE A 1 90 ? -5.530  2.710   -6.606  1.00 9.57  ? 420 PHE A CD2 1 
ATOM   608 C CE1 . PHE A 1 90 ? -5.030  0.059   -7.209  1.00 11.71 ? 420 PHE A CE1 1 
ATOM   609 C CE2 . PHE A 1 90 ? -4.966  1.872   -5.650  1.00 10.59 ? 420 PHE A CE2 1 
ATOM   610 C CZ  . PHE A 1 90 ? -4.714  0.552   -5.950  1.00 13.69 ? 420 PHE A CZ  1 
ATOM   611 N N   . ASN A 1 91 ? -4.380  5.592   -9.195  1.00 12.12 ? 421 ASN A N   1 
ATOM   612 C CA  . ASN A 1 91 ? -3.319  6.375   -8.576  1.00 14.66 ? 421 ASN A CA  1 
ATOM   613 C C   . ASN A 1 91 ? -3.424  6.292   -7.060  1.00 16.89 ? 421 ASN A C   1 
ATOM   614 O O   . ASN A 1 91 ? -4.487  6.546   -6.481  1.00 14.23 ? 421 ASN A O   1 
ATOM   615 C CB  . ASN A 1 91 ? -3.390  7.837   -9.023  1.00 14.55 ? 421 ASN A CB  1 
ATOM   616 C CG  . ASN A 1 91 ? -2.918  8.036   -10.440 1.00 23.22 ? 421 ASN A CG  1 
ATOM   617 O OD1 . ASN A 1 91 ? -2.021  7.338   -10.910 1.00 19.61 ? 421 ASN A OD1 1 
ATOM   618 N ND2 . ASN A 1 91 ? -3.519  9.002   -11.138 1.00 25.09 ? 421 ASN A ND2 1 
ATOM   619 N N   . VAL A 1 92 ? -2.317  5.961   -6.411  1.00 10.79 ? 422 VAL A N   1 
ATOM   620 C CA  . VAL A 1 92 ? -2.317  5.789   -4.967  1.00 9.88  ? 422 VAL A CA  1 
ATOM   621 C C   . VAL A 1 92 ? -1.079  6.462   -4.403  1.00 10.41 ? 422 VAL A C   1 
ATOM   622 O O   . VAL A 1 92 ? -0.047  6.572   -5.073  1.00 11.60 ? 422 VAL A O   1 
ATOM   623 C CB  . VAL A 1 92 ? -2.364  4.294   -4.583  1.00 9.32  ? 422 VAL A CB  1 
ATOM   624 C CG1 . VAL A 1 92 ? -1.087  3.568   -5.049  1.00 11.79 ? 422 VAL A CG1 1 
ATOM   625 C CG2 . VAL A 1 92 ? -2.594  4.127   -3.084  1.00 11.23 ? 422 VAL A CG2 1 
ATOM   626 N N   . LYS A 1 93 ? -1.171  6.920   -3.163  1.00 11.01 ? 423 LYS A N   1 
ATOM   627 C CA  . LYS A 1 93 ? 0.059   7.248   -2.469  1.00 13.44 ? 423 LYS A CA  1 
ATOM   628 C C   . LYS A 1 93 ? 0.087   6.642   -1.080  1.00 10.19 ? 423 LYS A C   1 
ATOM   629 O O   . LYS A 1 93 ? -0.936  6.500   -0.409  1.00 12.21 ? 423 LYS A O   1 
ATOM   630 C CB  . LYS A 1 93 ? 0.327   8.748   -2.391  1.00 18.35 ? 423 LYS A CB  1 
ATOM   631 C CG  . LYS A 1 93 ? -0.795  9.650   -2.038  1.00 19.73 ? 423 LYS A CG  1 
ATOM   632 C CD  . LYS A 1 93 ? -0.344  11.055  -2.437  1.00 25.17 ? 423 LYS A CD  1 
ATOM   633 C CE  . LYS A 1 93 ? -1.180  12.154  -1.816  1.00 27.71 ? 423 LYS A CE  1 
ATOM   634 N NZ  . LYS A 1 93 ? -0.672  13.520  -2.202  1.00 32.53 ? 423 LYS A NZ  1 
ATOM   635 N N   . PHE A 1 94 ? 1.293   6.270   -0.679  1.00 10.56 ? 424 PHE A N   1 
ATOM   636 C CA  . PHE A 1 94 ? 1.578   5.815   0.668   1.00 10.68 ? 424 PHE A CA  1 
ATOM   637 C C   . PHE A 1 94 ? 2.253   6.958   1.405   1.00 11.04 ? 424 PHE A C   1 
ATOM   638 O O   . PHE A 1 94 ? 3.143   7.611   0.849   1.00 12.91 ? 424 PHE A O   1 
ATOM   639 C CB  . PHE A 1 94 ? 2.468   4.575   0.630   1.00 12.51 ? 424 PHE A CB  1 
ATOM   640 C CG  . PHE A 1 94 ? 1.764   3.349   0.103   1.00 19.15 ? 424 PHE A CG  1 
ATOM   641 C CD1 . PHE A 1 94 ? 1.315   3.289   -1.208  1.00 25.55 ? 424 PHE A CD1 1 
ATOM   642 C CD2 . PHE A 1 94 ? 1.513   2.273   0.931   1.00 26.74 ? 424 PHE A CD2 1 
ATOM   643 C CE1 . PHE A 1 94 ? 0.649   2.164   -1.688  1.00 24.22 ? 424 PHE A CE1 1 
ATOM   644 C CE2 . PHE A 1 94 ? 0.840   1.154   0.449   1.00 26.19 ? 424 PHE A CE2 1 
ATOM   645 C CZ  . PHE A 1 94 ? 0.422   1.103   -0.859  1.00 20.23 ? 424 PHE A CZ  1 
ATOM   646 N N   . ASP A 1 95 ? 1.811   7.226   2.634   1.00 11.69 ? 425 ASP A N   1 
ATOM   647 C CA  . ASP A 1 95 ? 2.359   8.327   3.418   1.00 10.93 ? 425 ASP A CA  1 
ATOM   648 C C   . ASP A 1 95 ? 2.388   7.883   4.875   1.00 11.18 ? 425 ASP A C   1 
ATOM   649 O O   . ASP A 1 95 ? 1.959   6.779   5.215   1.00 12.80 ? 425 ASP A O   1 
ATOM   650 C CB  . ASP A 1 95 ? 1.536   9.610   3.206   1.00 11.69 ? 425 ASP A CB  1 
ATOM   651 C CG  . ASP A 1 95 ? 2.351   10.892  3.424   1.00 13.91 ? 425 ASP A CG  1 
ATOM   652 O OD1 . ASP A 1 95 ? 2.054   11.906  2.739   1.00 16.38 ? 425 ASP A OD1 1 
ATOM   653 O OD2 . ASP A 1 95 ? 3.266   10.899  4.273   1.00 12.06 ? 425 ASP A OD2 1 
ATOM   654 N N   . ASN A 1 96 ? 2.927   8.728   5.741   1.00 13.05 ? 426 ASN A N   1 
ATOM   655 C CA  . ASN A 1 96 ? 2.906   8.422   7.161   1.00 14.44 ? 426 ASN A CA  1 
ATOM   656 C C   . ASN A 1 96 ? 3.024   9.725   7.924   1.00 15.13 ? 426 ASN A C   1 
ATOM   657 O O   . ASN A 1 96 ? 3.788   10.606  7.528   1.00 13.69 ? 426 ASN A O   1 
ATOM   658 C CB  . ASN A 1 96 ? 4.030   7.454   7.562   1.00 15.23 ? 426 ASN A CB  1 
ATOM   659 C CG  . ASN A 1 96 ? 5.410   7.916   7.106   1.00 17.14 ? 426 ASN A CG  1 
ATOM   660 O OD1 . ASN A 1 96 ? 5.793   7.719   5.954   1.00 20.25 ? 426 ASN A OD1 1 
ATOM   661 N ND2 . ASN A 1 96 ? 6.178   8.489   8.028   1.00 17.37 ? 426 ASN A ND2 1 
ATOM   662 N N   . TRP A 1 97 ? 2.256   9.843   9.002   1.00 13.03 ? 427 TRP A N   1 
ATOM   663 C CA  . TRP A 1 97 ? 2.320   11.033  9.847   1.00 13.15 ? 427 TRP A CA  1 
ATOM   664 C C   . TRP A 1 97 ? 1.700   10.743  11.206  1.00 15.59 ? 427 TRP A C   1 
ATOM   665 O O   . TRP A 1 97 ? 1.180   9.648   11.443  1.00 17.74 ? 427 TRP A O   1 
ATOM   666 C CB  . TRP A 1 97 ? 1.618   12.229  9.188   1.00 15.00 ? 427 TRP A CB  1 
ATOM   667 C CG  . TRP A 1 97 ? 0.154   12.027  8.879   1.00 12.05 ? 427 TRP A CG  1 
ATOM   668 C CD1 . TRP A 1 97 ? -0.867  11.953  9.778   1.00 18.47 ? 427 TRP A CD1 1 
ATOM   669 C CD2 . TRP A 1 97 ? -0.447  11.924  7.579   1.00 13.82 ? 427 TRP A CD2 1 
ATOM   670 N NE1 . TRP A 1 97 ? -2.063  11.780  9.125   1.00 13.27 ? 427 TRP A NE1 1 
ATOM   671 C CE2 . TRP A 1 97 ? -1.833  11.766  7.773   1.00 14.22 ? 427 TRP A CE2 1 
ATOM   672 C CE3 . TRP A 1 97 ? 0.053   11.948  6.272   1.00 15.21 ? 427 TRP A CE3 1 
ATOM   673 C CZ2 . TRP A 1 97 ? -2.725  11.624  6.712   1.00 15.11 ? 427 TRP A CZ2 1 
ATOM   674 C CZ3 . TRP A 1 97 ? -0.832  11.803  5.216   1.00 15.08 ? 427 TRP A CZ3 1 
ATOM   675 C CH2 . TRP A 1 97 ? -2.208  11.644  5.441   1.00 14.35 ? 427 TRP A CH2 1 
ATOM   676 O OXT . TRP A 1 97 ? 1.721   11.604  12.085  1.00 20.00 ? 427 TRP A OXT 1 
HETATM 677 O O   . HOH B 2 .  ? 0.201   -10.977 3.719   1.00 42.95 ? 501 HOH A O   1 
HETATM 678 O O   . HOH B 2 .  ? -5.025  11.333  -7.290  1.00 48.16 ? 502 HOH A O   1 
HETATM 679 O O   . HOH B 2 .  ? -12.103 6.263   0.358   1.00 24.32 ? 503 HOH A O   1 
HETATM 680 O O   . HOH B 2 .  ? 13.756  -5.157  3.090   1.00 21.28 ? 504 HOH A O   1 
HETATM 681 O O   . HOH B 2 .  ? 8.606   10.196  8.110   1.00 36.32 ? 505 HOH A O   1 
HETATM 682 O O   . HOH B 2 .  ? -11.143 -4.326  -3.570  1.00 30.99 ? 506 HOH A O   1 
HETATM 683 O O   . HOH B 2 .  ? 5.932   10.307  10.802  1.00 34.35 ? 507 HOH A O   1 
HETATM 684 O O   . HOH B 2 .  ? -4.892  -12.331 5.569   1.00 31.03 ? 508 HOH A O   1 
HETATM 685 O O   . HOH B 2 .  ? 12.334  6.209   5.062   1.00 23.37 ? 509 HOH A O   1 
HETATM 686 O O   . HOH B 2 .  ? -8.522  2.766   -3.710  1.00 10.05 ? 510 HOH A O   1 
HETATM 687 O O   . HOH B 2 .  ? 15.832  -10.490 -0.545  1.00 18.90 ? 511 HOH A O   1 
HETATM 688 O O   . HOH B 2 .  ? -12.009 -2.256  -7.350  1.00 15.85 ? 512 HOH A O   1 
HETATM 689 O O   . HOH B 2 .  ? -0.582  0.534   17.150  1.00 34.03 ? 513 HOH A O   1 
HETATM 690 O O   . HOH B 2 .  ? 0.592   13.051  0.902   1.00 20.19 ? 514 HOH A O   1 
HETATM 691 O O   . HOH B 2 .  ? 9.804   4.145   0.665   1.00 23.50 ? 515 HOH A O   1 
HETATM 692 O O   . HOH B 2 .  ? 1.095   2.591   11.192  1.00 14.91 ? 516 HOH A O   1 
HETATM 693 O O   . HOH B 2 .  ? 0.207   13.382  -8.049  1.00 36.48 ? 517 HOH A O   1 
HETATM 694 O O   . HOH B 2 .  ? 14.404  -12.502 -6.431  1.00 20.78 ? 518 HOH A O   1 
HETATM 695 O O   . HOH B 2 .  ? 2.037   14.489  -1.128  1.00 30.44 ? 519 HOH A O   1 
HETATM 696 O O   . HOH B 2 .  ? 5.747   -10.103 -6.710  1.00 17.53 ? 520 HOH A O   1 
HETATM 697 O O   . HOH B 2 .  ? 5.314   -14.386 5.127   1.00 43.84 ? 521 HOH A O   1 
HETATM 698 O O   . HOH B 2 .  ? 6.079   -6.003  5.508   1.00 15.16 ? 522 HOH A O   1 
HETATM 699 O O   . HOH B 2 .  ? -2.859  14.791  -1.289  1.00 37.90 ? 523 HOH A O   1 
HETATM 700 O O   . HOH B 2 .  ? -15.430 2.615   -3.927  1.00 28.03 ? 524 HOH A O   1 
HETATM 701 O O   . HOH B 2 .  ? 9.942   4.937   -6.426  1.00 25.17 ? 525 HOH A O   1 
HETATM 702 O O   . HOH B 2 .  ? 8.436   7.198   5.752   1.00 20.70 ? 526 HOH A O   1 
HETATM 703 O O   . HOH B 2 .  ? -9.075  4.756   -6.321  1.00 10.75 ? 527 HOH A O   1 
HETATM 704 O O   . HOH B 2 .  ? -4.074  9.758   -13.678 1.00 22.39 ? 528 HOH A O   1 
HETATM 705 O O   . HOH B 2 .  ? -0.283  1.172   -14.057 1.00 36.56 ? 529 HOH A O   1 
HETATM 706 O O   . HOH B 2 .  ? 1.741   10.753  14.669  1.00 30.61 ? 530 HOH A O   1 
HETATM 707 O O   . HOH B 2 .  ? 2.856   14.192  3.982   1.00 31.86 ? 531 HOH A O   1 
HETATM 708 O O   . HOH B 2 .  ? 2.688   14.099  12.601  1.00 40.09 ? 532 HOH A O   1 
HETATM 709 O O   . HOH B 2 .  ? 12.545  -6.879  -6.176  1.00 17.57 ? 533 HOH A O   1 
HETATM 710 O O   . HOH B 2 .  ? -13.215 -0.818  -13.234 1.00 35.95 ? 534 HOH A O   1 
HETATM 711 O O   . HOH B 2 .  ? 3.275   11.492  -8.686  1.00 28.63 ? 535 HOH A O   1 
HETATM 712 O O   . HOH B 2 .  ? 3.552   6.737   -2.372  1.00 10.72 ? 536 HOH A O   1 
HETATM 713 O O   . HOH B 2 .  ? 11.569  -3.941  -7.743  1.00 28.89 ? 537 HOH A O   1 
HETATM 714 O O   . HOH B 2 .  ? 6.920   -21.997 -2.221  1.00 30.24 ? 538 HOH A O   1 
HETATM 715 O O   . HOH B 2 .  ? -10.594 -6.110  -13.067 1.00 32.51 ? 539 HOH A O   1 
HETATM 716 O O   . HOH B 2 .  ? 1.598   -9.112  1.504   1.00 17.16 ? 540 HOH A O   1 
HETATM 717 O O   . HOH B 2 .  ? -14.743 6.388   -4.344  1.00 32.96 ? 541 HOH A O   1 
HETATM 718 O O   . HOH B 2 .  ? 10.879  -9.660  2.717   1.00 18.66 ? 542 HOH A O   1 
HETATM 719 O O   . HOH B 2 .  ? 8.413   -18.040 0.998   1.00 31.64 ? 543 HOH A O   1 
HETATM 720 O O   . HOH B 2 .  ? 14.425  0.929   2.194   1.00 27.53 ? 544 HOH A O   1 
HETATM 721 O O   . HOH B 2 .  ? -4.427  11.555  10.613  1.00 21.24 ? 545 HOH A O   1 
HETATM 722 O O   . HOH B 2 .  ? 2.342   -3.554  -12.486 1.00 25.94 ? 546 HOH A O   1 
HETATM 723 O O   . HOH B 2 .  ? -14.179 13.916  -3.339  1.00 27.95 ? 547 HOH A O   1 
HETATM 724 O O   . HOH B 2 .  ? -5.881  8.937   -6.984  1.00 14.75 ? 548 HOH A O   1 
HETATM 725 O O   . HOH B 2 .  ? 8.041   -8.973  -9.162  1.00 20.75 ? 549 HOH A O   1 
HETATM 726 O O   . HOH B 2 .  ? 9.767   -3.812  -11.511 1.00 22.65 ? 550 HOH A O   1 
HETATM 727 O O   . HOH B 2 .  ? 4.924   13.152  7.942   1.00 26.42 ? 551 HOH A O   1 
HETATM 728 O O   . HOH B 2 .  ? 3.640   -4.073  10.030  1.00 22.10 ? 552 HOH A O   1 
HETATM 729 O O   . HOH B 2 .  ? 6.367   14.220  3.092   1.00 25.69 ? 553 HOH A O   1 
HETATM 730 O O   . HOH B 2 .  ? -0.577  7.931   -13.266 1.00 33.60 ? 554 HOH A O   1 
HETATM 731 O O   . HOH B 2 .  ? 5.968   6.801   -5.015  1.00 12.15 ? 555 HOH A O   1 
HETATM 732 O O   . HOH B 2 .  ? 4.460   -8.221  -8.028  1.00 21.20 ? 556 HOH A O   1 
HETATM 733 O O   . HOH B 2 .  ? 0.544   8.502   -11.257 1.00 33.61 ? 557 HOH A O   1 
HETATM 734 O O   . HOH B 2 .  ? 4.785   4.629   14.953  1.00 33.16 ? 558 HOH A O   1 
HETATM 735 O O   . HOH B 2 .  ? 1.450   -1.042  -13.461 1.00 31.23 ? 559 HOH A O   1 
HETATM 736 O O   . HOH B 2 .  ? 16.118  -2.209  1.865   1.00 35.44 ? 560 HOH A O   1 
HETATM 737 O O   . HOH B 2 .  ? 2.421   -11.873 1.047   1.00 35.35 ? 561 HOH A O   1 
HETATM 738 O O   . HOH B 2 .  ? -7.690  2.974   -14.856 1.00 19.22 ? 562 HOH A O   1 
HETATM 739 O O   . HOH B 2 .  ? 9.973   7.695   0.962   1.00 22.60 ? 563 HOH A O   1 
HETATM 740 O O   . HOH B 2 .  ? -1.261  9.978   12.916  1.00 23.58 ? 564 HOH A O   1 
HETATM 741 O O   . HOH B 2 .  ? -6.672  -0.046  7.948   1.00 28.03 ? 565 HOH A O   1 
HETATM 742 O O   . HOH B 2 .  ? -5.935  -3.720  -11.219 1.00 17.55 ? 566 HOH A O   1 
HETATM 743 O O   . HOH B 2 .  ? 2.535   12.991  -5.937  1.00 24.78 ? 567 HOH A O   1 
HETATM 744 O O   . HOH B 2 .  ? 1.326   3.679   14.203  1.00 39.16 ? 568 HOH A O   1 
HETATM 745 O O   . HOH B 2 .  ? 9.677   -3.380  8.970   1.00 36.08 ? 569 HOH A O   1 
HETATM 746 O O   . HOH B 2 .  ? 1.402   8.291   14.939  1.00 34.89 ? 570 HOH A O   1 
HETATM 747 O O   . HOH B 2 .  ? 3.573   -11.017 -4.523  1.00 16.71 ? 571 HOH A O   1 
HETATM 748 O O   . HOH B 2 .  ? 5.672   -3.678  -12.672 1.00 31.77 ? 572 HOH A O   1 
HETATM 749 O O   . HOH B 2 .  ? 10.162  -17.071 0.515   1.00 31.85 ? 573 HOH A O   1 
HETATM 750 O O   . HOH B 2 .  ? 14.366  1.106   8.008   1.00 46.73 ? 574 HOH A O   1 
HETATM 751 O O   . HOH B 2 .  ? -9.005  -0.973  6.202   1.00 18.34 ? 575 HOH A O   1 
HETATM 752 O O   . HOH B 2 .  ? -6.727  -4.304  8.793   1.00 36.09 ? 576 HOH A O   1 
HETATM 753 O O   . HOH B 2 .  ? -8.435  -7.214  -8.798  1.00 11.69 ? 577 HOH A O   1 
HETATM 754 O O   . HOH B 2 .  ? 2.364   -5.362  12.291  1.00 24.17 ? 578 HOH A O   1 
HETATM 755 O O   . HOH B 2 .  ? -4.621  -7.719  10.323  1.00 24.68 ? 579 HOH A O   1 
HETATM 756 O O   . HOH B 2 .  ? -6.544  -0.836  -15.911 1.00 22.07 ? 580 HOH A O   1 
HETATM 757 O O   . HOH B 2 .  ? -3.653  9.062   11.723  1.00 14.85 ? 581 HOH A O   1 
HETATM 758 O O   . HOH B 2 .  ? 14.810  -4.186  -0.557  1.00 34.07 ? 582 HOH A O   1 
HETATM 759 O O   . HOH B 2 .  ? -14.327 0.022   -7.577  1.00 29.81 ? 583 HOH A O   1 
HETATM 760 O O   . HOH B 2 .  ? 13.423  3.556   8.638   1.00 31.94 ? 584 HOH A O   1 
HETATM 761 O O   . HOH B 2 .  ? 7.612   -5.304  7.879   1.00 38.13 ? 585 HOH A O   1 
HETATM 762 O O   . HOH B 2 .  ? -4.452  13.447  -6.638  1.00 31.93 ? 586 HOH A O   1 
HETATM 763 O O   . HOH B 2 .  ? -10.865 4.952   2.255   1.00 22.60 ? 587 HOH A O   1 
HETATM 764 O O   . HOH B 2 .  ? -8.597  -7.202  -11.428 1.00 40.06 ? 588 HOH A O   1 
HETATM 765 O O   . HOH B 2 .  ? -14.198 3.995   3.230   0.50 28.58 ? 589 HOH A O   1 
HETATM 766 O O   . HOH B 2 .  ? 4.206   14.187  2.055   1.00 43.76 ? 590 HOH A O   1 
HETATM 767 O O   . HOH B 2 .  ? 11.432  -0.960  -7.673  1.00 29.76 ? 591 HOH A O   1 
HETATM 768 O O   . HOH B 2 .  ? 3.717   5.719   -11.884 1.00 33.28 ? 592 HOH A O   1 
HETATM 769 O O   . HOH B 2 .  ? 11.248  2.074   15.204  1.00 34.67 ? 593 HOH A O   1 
HETATM 770 O O   . HOH B 2 .  ? 1.074   -6.728  -11.347 1.00 35.85 ? 594 HOH A O   1 
HETATM 771 O O   . HOH B 2 .  ? -16.060 8.408   -0.030  1.00 39.04 ? 595 HOH A O   1 
HETATM 772 O O   . HOH B 2 .  ? -3.805  14.393  -3.291  1.00 42.48 ? 596 HOH A O   1 
HETATM 773 O O   . HOH B 2 .  ? 2.005   -13.749 4.430   1.00 25.38 ? 597 HOH A O   1 
HETATM 774 O O   . HOH B 2 .  ? -1.331  12.464  13.444  1.00 44.78 ? 598 HOH A O   1 
HETATM 775 O O   . HOH B 2 .  ? 4.425   2.147   14.565  1.00 33.59 ? 599 HOH A O   1 
HETATM 776 O O   . HOH B 2 .  ? 8.611   -6.977  6.113   1.00 39.58 ? 600 HOH A O   1 
HETATM 777 O O   . HOH B 2 .  ? -3.565  -10.783 -5.709  1.00 24.72 ? 601 HOH A O   1 
HETATM 778 O O   . HOH B 2 .  ? 9.636   0.860   16.200  1.00 42.21 ? 602 HOH A O   1 
HETATM 779 O O   . HOH B 2 .  ? 13.872  5.293   3.077   1.00 33.67 ? 603 HOH A O   1 
HETATM 780 O O   . HOH B 2 .  ? 11.572  -5.202  -10.143 1.00 34.44 ? 604 HOH A O   1 
HETATM 781 O O   . HOH B 2 .  ? -3.177  15.232  10.403  1.00 35.24 ? 605 HOH A O   1 
HETATM 782 O O   . HOH B 2 .  ? -6.823  -12.492 -4.957  1.00 44.28 ? 606 HOH A O   1 
HETATM 783 O O   . HOH B 2 .  ? -14.399 -3.160  5.442   1.00 46.42 ? 607 HOH A O   1 
HETATM 784 O O   . HOH B 2 .  ? 10.082  -4.785  10.735  1.00 38.73 ? 608 HOH A O   1 
HETATM 785 O O   . HOH B 2 .  ? 3.137   6.487   16.348  1.00 41.45 ? 609 HOH A O   1 
HETATM 786 O O   . HOH B 2 .  ? 14.937  -13.143 -1.607  1.00 48.25 ? 610 HOH A O   1 
HETATM 787 O O   . HOH B 2 .  ? 11.251  -18.192 -4.348  1.00 43.66 ? 611 HOH A O   1 
HETATM 788 O O   . HOH B 2 .  ? 16.316  -5.580  1.462   1.00 39.69 ? 612 HOH A O   1 
HETATM 789 O O   . HOH B 2 .  ? -7.822  15.559  -3.792  1.00 36.23 ? 613 HOH A O   1 
HETATM 790 O O   . HOH B 2 .  ? -2.455  15.852  8.251   1.00 38.03 ? 614 HOH A O   1 
HETATM 791 O O   . HOH B 2 .  ? 16.835  1.291   3.089   1.00 37.54 ? 615 HOH A O   1 
HETATM 792 O O   . HOH B 2 .  ? -2.526  -11.874 -3.168  1.00 35.95 ? 616 HOH A O   1 
# 
loop_
_atom_site_anisotrop.id 
_atom_site_anisotrop.type_symbol 
_atom_site_anisotrop.pdbx_label_atom_id 
_atom_site_anisotrop.pdbx_label_alt_id 
_atom_site_anisotrop.pdbx_label_comp_id 
_atom_site_anisotrop.pdbx_label_asym_id 
_atom_site_anisotrop.pdbx_label_seq_id 
_atom_site_anisotrop.pdbx_PDB_ins_code 
_atom_site_anisotrop.U[1][1] 
_atom_site_anisotrop.U[2][2] 
_atom_site_anisotrop.U[3][3] 
_atom_site_anisotrop.U[1][2] 
_atom_site_anisotrop.U[1][3] 
_atom_site_anisotrop.U[2][3] 
_atom_site_anisotrop.pdbx_auth_seq_id 
_atom_site_anisotrop.pdbx_auth_comp_id 
_atom_site_anisotrop.pdbx_auth_asym_id 
_atom_site_anisotrop.pdbx_auth_atom_id 
1   N N   . SER A 5  ? 0.3142 0.2138 0.2551 0.0304  -0.0147 0.0001  335 SER A N   
2   C CA  . SER A 5  ? 0.2588 0.1711 0.2118 0.0323  -0.0129 -0.0091 335 SER A CA  
3   C C   . SER A 5  ? 0.2800 0.1958 0.2388 0.0198  -0.0072 -0.0127 335 SER A C   
4   O O   . SER A 5  ? 0.2941 0.2253 0.2627 0.0204  -0.0065 -0.0191 335 SER A O   
5   C CB  . SER A 5  ? 0.3490 0.2468 0.3014 0.0398  -0.0172 -0.0146 335 SER A CB  
6   O OG  . SER A 5  ? 0.4240 0.2984 0.3714 0.0315  -0.0168 -0.0146 335 SER A OG  
7   N N   . ALA A 6  ? 0.2830 0.1844 0.2357 0.0087  -0.0030 -0.0087 336 ALA A N   
8   C CA  . ALA A 6  ? 0.3056 0.2113 0.2677 -0.0038 0.0039  -0.0128 336 ALA A CA  
9   C C   . ALA A 6  ? 0.3553 0.2758 0.3183 -0.0096 0.0100  -0.0099 336 ALA A C   
10  O O   . ALA A 6  ? 0.3640 0.2911 0.3375 -0.0192 0.0166  -0.0139 336 ALA A O   
11  C CB  . ALA A 6  ? 0.3571 0.2387 0.3140 -0.0144 0.0081  -0.0109 336 ALA A CB  
12  N N   . SER A 7  ? 0.3021 0.2286 0.2565 -0.0039 0.0077  -0.0041 337 SER A N   
13  C CA  . SER A 7  ? 0.3267 0.2645 0.2798 -0.0090 0.0126  -0.0019 337 SER A CA  
14  C C   . SER A 7  ? 0.3181 0.2782 0.2815 -0.0014 0.0094  -0.0044 337 SER A C   
15  O O   . SER A 7  ? 0.3001 0.2640 0.2628 0.0085  0.0034  -0.0028 337 SER A O   
16  C CB  . SER A 7  ? 0.3828 0.3065 0.3151 -0.0103 0.0119  0.0068  337 SER A CB  
17  O OG  . SER A 7  ? 0.4595 0.3645 0.3801 -0.0215 0.0196  0.0098  337 SER A OG  
18  N N   . CYS A 8  ? 0.2310 0.2052 0.2050 -0.0062 0.0140  -0.0084 338 CYS A N   
19  C CA  . CYS A 8  ? 0.1715 0.1638 0.1530 -0.0008 0.0121  -0.0093 338 CYS A CA  
20  C C   . CYS A 8  ? 0.1713 0.1642 0.1429 0.0007  0.0103  -0.0033 338 CYS A C   
21  O O   . CYS A 8  ? 0.1960 0.1821 0.1577 -0.0060 0.0137  -0.0009 338 CYS A O   
22  C CB  . CYS A 8  ? 0.1854 0.1888 0.1794 -0.0065 0.0169  -0.0147 338 CYS A CB  
23  S SG  . CYS A 8  ? 0.1535 0.1742 0.1542 -0.0035 0.0165  -0.0146 338 CYS A SG  
24  N N   . GLY A 9  ? 0.1650 0.1655 0.1390 0.0094  0.0050  -0.0015 339 GLY A N   
25  C CA  . GLY A 9  ? 0.1687 0.1706 0.1368 0.0114  0.0011  0.0033  339 GLY A CA  
26  C C   . GLY A 9  ? 0.1574 0.1739 0.1361 0.0197  -0.0025 0.0036  339 GLY A C   
27  O O   . GLY A 9  ? 0.1466 0.1725 0.1344 0.0231  -0.0002 0.0006  339 GLY A O   
28  N N   . SER A 10 ? 0.1742 0.1922 0.1513 0.0229  -0.0082 0.0071  340 SER A N   
29  C CA  . SER A 10 ? 0.1520 0.1870 0.1433 0.0287  -0.0102 0.0072  340 SER A CA  
30  C C   . SER A 10 ? 0.2091 0.2490 0.2088 0.0373  -0.0087 0.0051  340 SER A C   
31  O O   . SER A 10 ? 0.2075 0.2622 0.2190 0.0403  -0.0053 0.0039  340 SER A O   
32  C CB  . SER A 10 ? 0.1612 0.1967 0.1517 0.0311  -0.0187 0.0103  340 SER A CB  
33  O OG  . SER A 10 ? 0.2137 0.2370 0.1983 0.0380  -0.0249 0.0124  340 SER A OG  
34  N N   . GLY A 11 ? 0.1608 0.1873 0.1535 0.0413  -0.0104 0.0043  341 GLY A N   
35  C CA  . GLY A 11 ? 0.2319 0.2607 0.2301 0.0503  -0.0093 0.0011  341 GLY A CA  
36  C C   . GLY A 11 ? 0.2041 0.2330 0.2007 0.0498  -0.0038 -0.0035 341 GLY A C   
37  O O   . GLY A 11 ? 0.2250 0.2560 0.2234 0.0574  -0.0019 -0.0069 341 GLY A O   
38  N N   . ASN A 12 ? 0.1525 0.1790 0.1453 0.0415  -0.0015 -0.0043 342 ASN A N   
39  C CA  . ASN A 12 ? 0.1858 0.2112 0.1770 0.0418  0.0007  -0.0093 342 ASN A CA  
40  C C   . ASN A 12 ? 0.1909 0.2238 0.1855 0.0355  0.0032  -0.0099 342 ASN A C   
41  O O   . ASN A 12 ? 0.1991 0.2299 0.1926 0.0352  0.0028  -0.0142 342 ASN A O   
42  C CB  . ASN A 12 ? 0.1759 0.1847 0.1614 0.0399  -0.0017 -0.0127 342 ASN A CB  
43  C CG  . ASN A 12 ? 0.2040 0.2040 0.1867 0.0304  -0.0015 -0.0101 342 ASN A CG  
44  O OD1 . ASN A 12 ? 0.1785 0.1854 0.1639 0.0240  0.0012  -0.0088 342 ASN A OD1 
45  N ND2 . ASN A 12 ? 0.2348 0.2178 0.2108 0.0294  -0.0035 -0.0097 342 ASN A ND2 
46  N N   . PHE A 13 ? 0.1688 0.2095 0.1676 0.0311  0.0047  -0.0063 343 PHE A N   
47  C CA  . PHE A 13 ? 0.1670 0.2136 0.1698 0.0265  0.0067  -0.0073 343 PHE A CA  
48  C C   . PHE A 13 ? 0.1306 0.1839 0.1338 0.0320  0.0083  -0.0073 343 PHE A C   
49  O O   . PHE A 13 ? 0.1285 0.1873 0.1324 0.0371  0.0104  -0.0050 343 PHE A O   
50  C CB  . PHE A 13 ? 0.1439 0.1954 0.1502 0.0208  0.0079  -0.0045 343 PHE A CB  
51  C CG  . PHE A 13 ? 0.1341 0.1955 0.1456 0.0234  0.0080  -0.0008 343 PHE A CG  
52  C CD1 . PHE A 13 ? 0.1681 0.2300 0.1802 0.0264  0.0050  0.0015  343 PHE A CD1 
53  C CD2 . PHE A 13 ? 0.1489 0.2185 0.1665 0.0224  0.0108  0.0003  343 PHE A CD2 
54  C CE1 . PHE A 13 ? 0.1703 0.2440 0.1922 0.0283  0.0047  0.0037  343 PHE A CE1 
55  C CE2 . PHE A 13 ? 0.1767 0.2559 0.2022 0.0232  0.0119  0.0034  343 PHE A CE2 
56  C CZ  . PHE A 13 ? 0.1502 0.2330 0.1795 0.0260  0.0089  0.0045  343 PHE A CZ  
57  N N   . ASN A 14 ? 0.1207 0.1730 0.1233 0.0313  0.0074  -0.0099 344 ASN A N   
58  C CA  . ASN A 14 ? 0.1881 0.2423 0.1851 0.0364  0.0083  -0.0092 344 ASN A CA  
59  C C   . ASN A 14 ? 0.1602 0.2187 0.1607 0.0337  0.0097  -0.0060 344 ASN A C   
60  O O   . ASN A 14 ? 0.1615 0.2197 0.1549 0.0375  0.0114  -0.0035 344 ASN A O   
61  C CB  . ASN A 14 ? 0.2086 0.2552 0.1985 0.0400  0.0033  -0.0149 344 ASN A CB  
62  C CG  . ASN A 14 ? 0.2195 0.2646 0.2171 0.0352  -0.0013 -0.0190 344 ASN A CG  
63  O OD1 . ASN A 14 ? 0.1977 0.2426 0.2039 0.0291  -0.0006 -0.0206 344 ASN A OD1 
64  N ND2 . ASN A 14 ? 0.1777 0.2212 0.1720 0.0382  -0.0060 -0.0208 344 ASN A ND2 
65  N N   . LYS A 15 ? 0.1291 0.1900 0.1385 0.0274  0.0096  -0.0059 345 LYS A N   
66  C CA  . LYS A 15 ? 0.1230 0.1863 0.1368 0.0248  0.0107  -0.0034 345 LYS A CA  
67  C C   . LYS A 15 ? 0.1305 0.1980 0.1520 0.0187  0.0129  -0.0022 345 LYS A C   
68  O O   . LYS A 15 ? 0.1028 0.1692 0.1249 0.0156  0.0123  -0.0044 345 LYS A O   
69  C CB  . LYS A 15 ? 0.1160 0.1755 0.1329 0.0246  0.0065  -0.0073 345 LYS A CB  
70  C CG  . LYS A 15 ? 0.1407 0.1949 0.1481 0.0312  0.0018  -0.0082 345 LYS A CG  
71  C CD  . LYS A 15 ? 0.1629 0.2148 0.1774 0.0318  -0.0052 -0.0134 345 LYS A CD  
72  C CE  . LYS A 15 ? 0.1747 0.2198 0.1767 0.0391  -0.0124 -0.0145 345 LYS A CE  
73  N NZ  . LYS A 15 ? 0.1412 0.1853 0.1527 0.0408  -0.0219 -0.0208 345 LYS A NZ  
74  N N   . THR A 16 ? 0.1012 0.1716 0.1267 0.0167  0.0150  0.0012  346 THR A N   
75  C CA  . THR A 16 ? 0.1061 0.1792 0.1383 0.0107  0.0155  0.0010  346 THR A CA  
76  C C   . THR A 16 ? 0.1423 0.2121 0.1791 0.0080  0.0153  -0.0005 346 THR A C   
77  O O   . THR A 16 ? 0.1671 0.2340 0.2033 0.0101  0.0158  0.0027  346 THR A O   
78  C CB  . THR A 16 ? 0.1346 0.2151 0.1718 0.0097  0.0175  0.0052  346 THR A CB  
79  O OG1 . THR A 16 ? 0.1206 0.2045 0.1558 0.0138  0.0172  0.0058  346 THR A OG1 
80  C CG2 . THR A 16 ? 0.1297 0.2121 0.1728 0.0035  0.0157  0.0037  346 THR A CG2 
81  N N   . ALA A 17 ? 0.1057 0.1740 0.1457 0.0038  0.0151  -0.0053 347 ALA A N   
82  C CA  . ALA A 17 ? 0.1097 0.1748 0.1560 0.0019  0.0152  -0.0086 347 ALA A CA  
83  C C   . ALA A 17 ? 0.0985 0.1637 0.1481 -0.0032 0.0160  -0.0081 347 ALA A C   
84  O O   . ALA A 17 ? 0.1379 0.2056 0.1846 -0.0067 0.0158  -0.0088 347 ALA A O   
85  C CB  . ALA A 17 ? 0.1361 0.2002 0.1857 0.0002  0.0162  -0.0159 347 ALA A CB  
86  N N   . ALA A 18 ? 0.1108 0.1719 0.1657 -0.0033 0.0159  -0.0072 348 ALA A N   
87  C CA  . ALA A 18 ? 0.1061 0.1655 0.1660 -0.0087 0.0161  -0.0081 348 ALA A CA  
88  C C   . ALA A 18 ? 0.1098 0.1636 0.1737 -0.0101 0.0163  -0.0159 348 ALA A C   
89  O O   . ALA A 18 ? 0.1104 0.1612 0.1780 -0.0059 0.0160  -0.0185 348 ALA A O   
90  C CB  . ALA A 18 ? 0.1117 0.1681 0.1751 -0.0091 0.0168  -0.0013 348 ALA A CB  
91  N N   . LYS A 19 ? 0.1412 0.1937 0.2048 -0.0155 0.0166  -0.0204 349 LYS A N   
92  C CA  . LYS A 19 ? 0.1203 0.1673 0.1860 -0.0170 0.0184  -0.0294 349 LYS A CA  
93  C C   . LYS A 19 ? 0.1340 0.1741 0.2099 -0.0132 0.0177  -0.0303 349 LYS A C   
94  O O   . LYS A 19 ? 0.1404 0.1750 0.2199 -0.0139 0.0155  -0.0255 349 LYS A O   
95  C CB  . LYS A 19 ? 0.1286 0.1728 0.1903 -0.0233 0.0172  -0.0336 349 LYS A CB  
96  C CG  . LYS A 19 ? 0.1386 0.1764 0.1987 -0.0251 0.0205  -0.0443 349 LYS A CG  
97  C CD  . LYS A 19 ? 0.1505 0.1833 0.2053 -0.0311 0.0174  -0.0488 349 LYS A CD  
98  C CE  . LYS A 19 ? 0.1842 0.2098 0.2323 -0.0327 0.0221  -0.0607 349 LYS A CE  
99  N NZ  . LYS A 19 ? 0.1957 0.2160 0.2578 -0.0288 0.0251  -0.0659 349 LYS A NZ  
100 N N   . GLY A 20 ? 0.1392 0.1794 0.2207 -0.0091 0.0193  -0.0363 350 GLY A N   
101 C CA  . GLY A 20 ? 0.1296 0.1632 0.2225 -0.0039 0.0169  -0.0387 350 GLY A CA  
102 C C   . GLY A 20 ? 0.1311 0.1605 0.2241 0.0020  0.0115  -0.0298 350 GLY A C   
103 O O   . GLY A 20 ? 0.2169 0.2375 0.3170 0.0069  0.0077  -0.0301 350 GLY A O   
104 N N   . VAL A 21 ? 0.1257 0.1597 0.2095 0.0022  0.0109  -0.0219 351 VAL A N   
105 C CA  . VAL A 21 ? 0.1318 0.1600 0.2099 0.0072  0.0069  -0.0129 351 VAL A CA  
106 C C   . VAL A 21 ? 0.1542 0.1873 0.2313 0.0135  0.0034  -0.0142 351 VAL A C   
107 O O   . VAL A 21 ? 0.1447 0.1863 0.2170 0.0121  0.0054  -0.0145 351 VAL A O   
108 C CB  . VAL A 21 ? 0.1374 0.1669 0.2065 0.0032  0.0099  -0.0037 351 VAL A CB  
109 C CG1 . VAL A 21 ? 0.1430 0.1648 0.2020 0.0082  0.0078  0.0055  351 VAL A CG1 
110 C CG2 . VAL A 21 ? 0.1418 0.1668 0.2157 -0.0038 0.0121  -0.0033 351 VAL A CG2 
111 N N   . GLU A 22 ? 0.1366 0.1631 0.2183 0.0206  -0.0032 -0.0151 352 GLU A N   
112 C CA  . GLU A 22 ? 0.1350 0.1662 0.2195 0.0268  -0.0089 -0.0184 352 GLU A CA  
113 C C   . GLU A 22 ? 0.1833 0.2133 0.2503 0.0288  -0.0108 -0.0106 352 GLU A C   
114 O O   . GLU A 22 ? 0.2171 0.2387 0.2702 0.0287  -0.0096 -0.0013 352 GLU A O   
115 C CB  . GLU A 22 ? 0.1956 0.2190 0.2896 0.0350  -0.0180 -0.0211 352 GLU A CB  
116 C CG  . GLU A 22 ? 0.2865 0.3200 0.3992 0.0392  -0.0225 -0.0317 352 GLU A CG  
117 C CD  . GLU A 22 ? 0.3175 0.3448 0.4457 0.0476  -0.0315 -0.0362 352 GLU A CD  
118 O OE1 . GLU A 22 ? 0.3486 0.3624 0.4731 0.0491  -0.0327 -0.0317 352 GLU A OE1 
119 O OE2 . GLU A 22 ? 0.3511 0.3872 0.4972 0.0527  -0.0377 -0.0447 352 GLU A OE2 
120 N N   . PHE A 23 ? 0.2152 0.1198 0.2304 -0.0308 0.0019  0.0323  353 PHE A N   
121 C CA  . PHE A 23 ? 0.2052 0.1244 0.2207 -0.0206 0.0073  0.0413  353 PHE A CA  
122 C C   . PHE A 23 ? 0.2104 0.1272 0.2011 -0.0134 0.0093  0.0361  353 PHE A C   
123 O O   . PHE A 23 ? 0.1943 0.1008 0.1724 -0.0164 0.0058  0.0263  353 PHE A O   
124 C CB  . PHE A 23 ? 0.2044 0.1316 0.2304 -0.0218 0.0014  0.0439  353 PHE A CB  
125 C CG  . PHE A 23 ? 0.2226 0.1425 0.2297 -0.0262 -0.0097 0.0340  353 PHE A CG  
126 C CD1 . PHE A 23 ? 0.2415 0.1474 0.2413 -0.0380 -0.0221 0.0271  353 PHE A CD1 
127 C CD2 . PHE A 23 ? 0.2416 0.1659 0.2357 -0.0190 -0.0078 0.0320  353 PHE A CD2 
128 C CE1 . PHE A 23 ? 0.2613 0.1577 0.2383 -0.0424 -0.0314 0.0204  353 PHE A CE1 
129 C CE2 . PHE A 23 ? 0.2626 0.1805 0.2423 -0.0229 -0.0172 0.0254  353 PHE A CE2 
130 C CZ  . PHE A 23 ? 0.2447 0.1485 0.2141 -0.0346 -0.0287 0.0207  353 PHE A CZ  
131 N N   . SER A 24 ? 0.1852 0.1092 0.1686 -0.0040 0.0156  0.0428  354 SER A N   
132 C CA  . SER A 24 ? 0.1901 0.1103 0.1507 0.0025  0.0137  0.0379  354 SER A CA  
133 C C   . SER A 24 ? 0.1930 0.1149 0.1457 0.0038  0.0100  0.0302  354 SER A C   
134 O O   . SER A 24 ? 0.1999 0.1294 0.1606 0.0055  0.0135  0.0336  354 SER A O   
135 C CB  . SER A 24 ? 0.2116 0.1327 0.1580 0.0108  0.0202  0.0469  354 SER A CB  
136 O OG  . SER A 24 ? 0.2875 0.2021 0.2108 0.0157  0.0136  0.0412  354 SER A OG  
137 N N   . ALA A 25 ? 0.1997 0.1147 0.1427 0.0033  0.0041  0.0214  355 ALA A N   
138 C CA  . ALA A 25 ? 0.1962 0.1118 0.1348 0.0039  0.0000  0.0149  355 ALA A CA  
139 C C   . ALA A 25 ? 0.2279 0.1398 0.1548 0.0108  -0.0026 0.0098  355 ALA A C   
140 O O   . ALA A 25 ? 0.2098 0.1164 0.1335 0.0127  -0.0048 0.0106  355 ALA A O   
141 C CB  . ALA A 25 ? 0.2385 0.1457 0.1770 -0.0048 -0.0044 0.0096  355 ALA A CB  
142 N N   . VAL A 26 ? 0.1927 0.1073 0.1174 0.0143  -0.0040 0.0055  356 VAL A N   
143 C CA  . VAL A 26 ? 0.1788 0.0887 0.0959 0.0199  -0.0088 -0.0012 356 VAL A CA  
144 C C   . VAL A 26 ? 0.1702 0.0808 0.0960 0.0189  -0.0114 -0.0059 356 VAL A C   
145 O O   . VAL A 26 ? 0.1657 0.0817 0.0990 0.0152  -0.0104 -0.0029 356 VAL A O   
146 C CB  . VAL A 26 ? 0.2632 0.1720 0.1637 0.0277  -0.0061 -0.0022 356 VAL A CB  
147 C CG1 . VAL A 26 ? 0.2223 0.1266 0.1078 0.0289  -0.0047 0.0044  356 VAL A CG1 
148 C CG2 . VAL A 26 ? 0.2452 0.1613 0.1526 0.0298  0.0039  -0.0005 356 VAL A CG2 
149 N N   . ALA A 27 ? 0.1884 0.0934 0.1165 0.0216  -0.0166 -0.0117 357 ALA A N   
150 C CA  . ALA A 27 ? 0.2201 0.1257 0.1581 0.0219  -0.0181 -0.0148 357 ALA A CA  
151 C C   . ALA A 27 ? 0.1995 0.1129 0.1403 0.0254  -0.0158 -0.0148 357 ALA A C   
152 O O   . ALA A 27 ? 0.2052 0.1189 0.1370 0.0309  -0.0123 -0.0171 357 ALA A O   
153 C CB  . ALA A 27 ? 0.2205 0.1194 0.1665 0.0261  -0.0243 -0.0208 357 ALA A CB  
154 N N   . GLY A 28 ? 0.1585 0.0760 0.1114 0.0222  -0.0165 -0.0113 358 GLY A N   
155 C CA  . GLY A 28 ? 0.1581 0.0838 0.1253 0.0249  -0.0140 -0.0088 358 GLY A CA  
156 C C   . GLY A 28 ? 0.1757 0.1089 0.1515 0.0201  -0.0125 0.0006  358 GLY A C   
157 O O   . GLY A 28 ? 0.1582 0.0989 0.1564 0.0201  -0.0128 0.0063  358 GLY A O   
158 N N   . ASP A 29 ? 0.1598 0.0910 0.1247 0.0159  -0.0119 0.0033  359 ASP A N   
159 C CA  . ASP A 29 ? 0.1860 0.1233 0.1640 0.0103  -0.0130 0.0125  359 ASP A CA  
160 C C   . ASP A 29 ? 0.1733 0.1100 0.1602 0.0017  -0.0257 0.0187  359 ASP A C   
161 O O   . ASP A 29 ? 0.1957 0.1227 0.1658 -0.0027 -0.0313 0.0159  359 ASP A O   
162 C CB  . ASP A 29 ? 0.1634 0.0966 0.1296 0.0061  -0.0118 0.0134  359 ASP A CB  
163 C CG  . ASP A 29 ? 0.1939 0.1292 0.1559 0.0132  -0.0004 0.0140  359 ASP A CG  
164 O OD1 . ASP A 29 ? 0.1814 0.1205 0.1489 0.0204  0.0083  0.0139  359 ASP A OD1 
165 O OD2 . ASP A 29 ? 0.2208 0.1522 0.1732 0.0113  0.0009  0.0149  359 ASP A OD2 
166 N N   . CYS A 30 ? 0.1461 0.1334 0.1273 0.0085  -0.0213 0.0064  360 CYS A N   
167 C CA  . CYS A 30 ? 0.1310 0.1254 0.1329 0.0091  -0.0224 0.0090  360 CYS A CA  
168 C C   . CYS A 30 ? 0.1527 0.1569 0.1568 0.0067  -0.0117 0.0089  360 CYS A C   
169 O O   . CYS A 30 ? 0.1340 0.1454 0.1395 0.0054  -0.0008 -0.0008 360 CYS A O   
170 C CB  . CYS A 30 ? 0.1389 0.1294 0.1551 0.0153  -0.0291 -0.0004 360 CYS A CB  
171 S SG  . CYS A 30 ? 0.1458 0.1387 0.1817 0.0204  -0.0373 0.0002  360 CYS A SG  
172 N N   . ILE A 31 ? 0.1280 0.1343 0.1336 0.0042  -0.0130 0.0170  361 ILE A N   
173 C CA  . ILE A 31 ? 0.1529 0.1624 0.1578 0.0000  -0.0050 0.0177  361 ILE A CA  
174 C C   . ILE A 31 ? 0.1054 0.1277 0.1311 0.0014  -0.0070 0.0143  361 ILE A C   
175 O O   . ILE A 31 ? 0.1336 0.1560 0.1610 0.0038  -0.0163 0.0187  361 ILE A O   
176 C CB  . ILE A 31 ? 0.1649 0.1659 0.1594 -0.0006 -0.0092 0.0246  361 ILE A CB  
177 C CG1 . ILE A 31 ? 0.2253 0.2137 0.2026 0.0023  -0.0162 0.0262  361 ILE A CG1 
178 C CG2 . ILE A 31 ? 0.2079 0.2016 0.1976 -0.0061 -0.0030 0.0257  361 ILE A CG2 
179 C CD1 . ILE A 31 ? 0.2819 0.2516 0.2311 -0.0012 -0.0119 0.0279  361 ILE A CD1 
180 N N   . LYS A 32 ? 0.1114 0.1449 0.1508 -0.0020 0.0015  0.0055  362 LYS A N   
181 C CA  . LYS A 32 ? 0.0971 0.1439 0.1583 -0.0002 -0.0034 -0.0006 362 LYS A CA  
182 C C   . LYS A 32 ? 0.1141 0.1568 0.1697 -0.0070 -0.0001 0.0038  362 LYS A C   
183 O O   . LYS A 32 ? 0.1191 0.1515 0.1636 -0.0162 0.0106  0.0060  362 LYS A O   
184 C CB  . LYS A 32 ? 0.1311 0.1994 0.2217 -0.0006 0.0034  -0.0187 362 LYS A CB  
185 C CG  . LYS A 32 ? 0.1396 0.2252 0.2599 0.0043  -0.0076 -0.0297 362 LYS A CG  
186 C CD  . LYS A 32 ? 0.0960 0.2121 0.2550 -0.0002 0.0045  -0.0534 362 LYS A CD  
187 C CE  . LYS A 32 ? 0.1705 0.3082 0.3657 0.0041  -0.0079 -0.0686 362 LYS A CE  
188 N NZ  . LYS A 32 ? 0.1981 0.3665 0.4307 -0.0032 0.0073  -0.0939 362 LYS A NZ  
189 N N   . TYR A 33 ? 0.0989 0.1443 0.1566 -0.0030 -0.0105 0.0049  363 TYR A N   
190 C CA  . TYR A 33 ? 0.1132 0.1568 0.1710 -0.0068 -0.0102 0.0036  363 TYR A CA  
191 C C   . TYR A 33 ? 0.1023 0.1591 0.1732 -0.0031 -0.0205 -0.0047 363 TYR A C   
192 O O   . TYR A 33 ? 0.1558 0.2129 0.2171 0.0031  -0.0315 -0.0017 363 TYR A O   
193 C CB  . TYR A 33 ? 0.1114 0.1456 0.1522 -0.0042 -0.0130 0.0099  363 TYR A CB  
194 C CG  . TYR A 33 ? 0.1094 0.1396 0.1536 -0.0050 -0.0148 0.0042  363 TYR A CG  
195 C CD1 . TYR A 33 ? 0.1307 0.1417 0.1733 -0.0111 -0.0111 0.0051  363 TYR A CD1 
196 C CD2 . TYR A 33 ? 0.1244 0.1657 0.1690 -0.0013 -0.0203 -0.0027 363 TYR A CD2 
197 C CE1 . TYR A 33 ? 0.1503 0.1502 0.1969 -0.0112 -0.0162 -0.0011 363 TYR A CE1 
198 C CE2 . TYR A 33 ? 0.1231 0.1609 0.1739 0.0000  -0.0234 -0.0125 363 TYR A CE2 
199 C CZ  . TYR A 33 ? 0.1357 0.1512 0.1900 -0.0038 -0.0230 -0.0119 363 TYR A CZ  
200 O OH  . TYR A 33 ? 0.1376 0.1420 0.1989 -0.0020 -0.0295 -0.0221 363 TYR A OH  
201 N N   . ASN A 34 ? 0.0949 0.1583 0.1836 -0.0084 -0.0186 -0.0146 364 ASN A N   
202 C CA  . ASN A 34 ? 0.0979 0.1740 0.1991 -0.0041 -0.0318 -0.0256 364 ASN A CA  
203 C C   . ASN A 34 ? 0.1491 0.2188 0.2381 -0.0049 -0.0345 -0.0274 364 ASN A C   
204 O O   . ASN A 34 ? 0.1558 0.2157 0.2501 -0.0118 -0.0274 -0.0296 364 ASN A O   
205 C CB  . ASN A 34 ? 0.1101 0.2048 0.2492 -0.0097 -0.0296 -0.0421 364 ASN A CB  
206 C CG  . ASN A 34 ? 0.1137 0.2224 0.2682 -0.0026 -0.0490 -0.0563 364 ASN A CG  
207 O OD1 . ASN A 34 ? 0.1346 0.2419 0.2897 -0.0064 -0.0520 -0.0626 364 ASN A OD1 
208 N ND2 . ASN A 34 ? 0.1271 0.2463 0.2934 0.0095  -0.0659 -0.0630 364 ASN A ND2 
209 N N   . LYS A 35 ? 0.1285 0.2005 0.1979 0.0012  -0.0450 -0.0273 365 LYS A N   
210 C CA  . LYS A 35 ? 0.1299 0.2027 0.1885 0.0015  -0.0465 -0.0350 365 LYS A CA  
211 C C   . LYS A 35 ? 0.1606 0.2426 0.2255 0.0038  -0.0608 -0.0495 365 LYS A C   
212 O O   . LYS A 35 ? 0.1516 0.2353 0.2003 0.0087  -0.0746 -0.0480 365 LYS A O   
213 C CB  . LYS A 35 ? 0.1486 0.2222 0.1767 0.0024  -0.0435 -0.0286 365 LYS A CB  
214 C CG  . LYS A 35 ? 0.1741 0.2564 0.1938 0.0031  -0.0424 -0.0434 365 LYS A CG  
215 C CD  . LYS A 35 ? 0.2059 0.2972 0.2088 0.0005  -0.0311 -0.0424 365 LYS A CD  
216 C CE  . LYS A 35 ? 0.2234 0.3152 0.1879 -0.0072 -0.0306 -0.0328 365 LYS A CE  
217 N NZ  . LYS A 35 ? 0.2570 0.3526 0.1942 -0.0086 -0.0381 -0.0430 365 LYS A NZ  
218 N N   . SER A 36 ? 0.1530 0.2484 0.2879 -0.0043 -0.0609 -0.0815 366 SER A N   
219 C CA  . SER A 36 ? 0.1989 0.3095 0.3514 -0.0051 -0.0790 -0.0928 366 SER A CA  
220 C C   . SER A 36 ? 0.2507 0.3489 0.3698 -0.0010 -0.0928 -0.0980 366 SER A C   
221 O O   . SER A 36 ? 0.2888 0.3921 0.4039 0.0049  -0.1076 -0.1016 366 SER A O   
222 C CB  . SER A 36 ? 0.2462 0.3649 0.4329 -0.0187 -0.0746 -0.0995 366 SER A CB  
223 O OG  . SER A 36 ? 0.3202 0.4189 0.4936 -0.0268 -0.0649 -0.1001 366 SER A OG  
224 N N   . SER A 37 ? 0.2082 0.2870 0.2976 -0.0018 -0.0837 -0.0946 367 SER A N   
225 C CA  . SER A 37 ? 0.2557 0.3234 0.3128 0.0029  -0.0934 -0.1003 367 SER A CA  
226 C C   . SER A 37 ? 0.1883 0.2405 0.2173 0.0041  -0.0782 -0.0924 367 SER A C   
227 O O   . SER A 37 ? 0.2087 0.2579 0.2449 0.0003  -0.0632 -0.0840 367 SER A O   
228 C CB  . SER A 37 ? 0.2918 0.3558 0.3585 -0.0034 -0.1005 -0.1116 367 SER A CB  
229 O OG  . SER A 37 ? 0.2996 0.3567 0.3827 -0.0140 -0.0885 -0.1135 367 SER A OG  
230 N N   . GLY A 38 ? 0.2088 0.2523 0.2054 0.0107  -0.0826 -0.0953 368 GLY A N   
231 C CA  . GLY A 38 ? 0.2615 0.2950 0.2365 0.0123  -0.0686 -0.0901 368 GLY A CA  
232 C C   . GLY A 38 ? 0.2492 0.2847 0.2154 0.0140  -0.0572 -0.0738 368 GLY A C   
233 O O   . GLY A 38 ? 0.2406 0.2794 0.2025 0.0170  -0.0620 -0.0663 368 GLY A O   
234 N N   . THR A 39 ? 0.1850 0.2169 0.1486 0.0120  -0.0434 -0.0686 369 THR A N   
235 C CA  . THR A 39 ? 0.1763 0.2103 0.1321 0.0120  -0.0335 -0.0544 369 THR A CA  
236 C C   . THR A 39 ? 0.1545 0.1869 0.1303 0.0059  -0.0250 -0.0501 369 THR A C   
237 O O   . THR A 39 ? 0.1664 0.1943 0.1505 0.0039  -0.0199 -0.0554 369 THR A O   
238 C CB  . THR A 39 ? 0.2033 0.2390 0.1370 0.0170  -0.0253 -0.0517 369 THR A CB  
239 O OG1 . THR A 39 ? 0.2615 0.2969 0.1704 0.0246  -0.0324 -0.0550 369 THR A OG1 
240 C CG2 . THR A 39 ? 0.1797 0.2209 0.1119 0.0140  -0.0156 -0.0366 369 THR A CG2 
241 N N   . LEU A 40 ? 0.1467 0.1787 0.1261 0.0039  -0.0240 -0.0405 370 LEU A N   
242 C CA  . LEU A 40 ? 0.1317 0.1599 0.1244 0.0000  -0.0172 -0.0368 370 LEU A CA  
243 C C   . LEU A 40 ? 0.1466 0.1745 0.1346 -0.0009 -0.0086 -0.0336 370 LEU A C   
244 O O   . LEU A 40 ? 0.1805 0.2142 0.1572 0.0002  -0.0062 -0.0284 370 LEU A O   
245 C CB  . LEU A 40 ? 0.1315 0.1556 0.1233 -0.0002 -0.0200 -0.0284 370 LEU A CB  
246 C CG  . LEU A 40 ? 0.1228 0.1394 0.1221 -0.0022 -0.0152 -0.0251 370 LEU A CG  
247 C CD1 . LEU A 40 ? 0.1166 0.1339 0.1326 -0.0013 -0.0121 -0.0319 370 LEU A CD1 
248 C CD2 . LEU A 40 ? 0.1994 0.2070 0.1918 -0.0017 -0.0200 -0.0174 370 LEU A CD2 
249 N N   . GLN A 41 ? 0.1294 0.1517 0.1268 -0.0022 -0.0034 -0.0357 371 GLN A N   
250 C CA  . GLN A 41 ? 0.1454 0.1672 0.1398 -0.0011 0.0028  -0.0331 371 GLN A CA  
251 C C   . GLN A 41 ? 0.1452 0.1586 0.1446 -0.0027 0.0050  -0.0294 371 GLN A C   
252 O O   . GLN A 41 ? 0.1272 0.1338 0.1333 -0.0034 0.0064  -0.0319 371 GLN A O   
253 C CB  . GLN A 41 ? 0.1238 0.1407 0.1170 0.0023  0.0059  -0.0410 371 GLN A CB  
254 C CG  . GLN A 41 ? 0.1827 0.2013 0.1694 0.0049  0.0016  -0.0492 371 GLN A CG  
255 C CD  . GLN A 41 ? 0.2234 0.2525 0.1950 0.0105  0.0028  -0.0473 371 GLN A CD  
256 O OE1 . GLN A 41 ? 0.2474 0.2788 0.2078 0.0136  -0.0020 -0.0518 371 GLN A OE1 
257 N NE2 . GLN A 41 ? 0.1401 0.1775 0.1113 0.0127  0.0091  -0.0407 371 GLN A NE2 
258 N N   . ILE A 42 ? 0.1149 0.1303 0.1112 -0.0030 0.0053  -0.0236 372 ILE A N   
259 C CA  . ILE A 42 ? 0.1104 0.1155 0.1058 -0.0030 0.0051  -0.0212 372 ILE A CA  
260 C C   . ILE A 42 ? 0.1245 0.1302 0.1177 0.0008  0.0074  -0.0211 372 ILE A C   
261 O O   . ILE A 42 ? 0.1582 0.1773 0.1537 0.0010  0.0060  -0.0185 372 ILE A O   
262 C CB  . ILE A 42 ? 0.1269 0.1303 0.1203 -0.0070 -0.0010 -0.0155 372 ILE A CB  
263 C CG1 . ILE A 42 ? 0.1571 0.1569 0.1507 -0.0077 -0.0041 -0.0154 372 ILE A CG1 
264 C CG2 . ILE A 42 ? 0.1417 0.1323 0.1300 -0.0053 -0.0031 -0.0151 372 ILE A CG2 
265 C CD1 . ILE A 42 ? 0.1384 0.1322 0.1273 -0.0118 -0.0109 -0.0089 372 ILE A CD1 
266 N N   . GLY A 43 ? 0.1256 0.1177 0.1146 0.0047  0.0112  -0.0232 373 GLY A N   
267 C CA  . GLY A 43 ? 0.1249 0.1133 0.1086 0.0110  0.0128  -0.0235 373 GLY A CA  
268 C C   . GLY A 43 ? 0.1723 0.1476 0.1461 0.0147  0.0108  -0.0210 373 GLY A C   
269 O O   . GLY A 43 ? 0.1490 0.1105 0.1165 0.0146  0.0141  -0.0206 373 GLY A O   
270 N N   . SER A 44 ? 0.1535 0.1343 0.1255 0.0195  0.0054  -0.0196 374 SER A N   
271 C CA  . SER A 44 ? 0.1532 0.1197 0.1114 0.0251  0.0010  -0.0183 374 SER A CA  
272 C C   . SER A 44 ? 0.2101 0.1831 0.1678 0.0339  -0.0039 -0.0181 374 SER A C   
273 O O   . SER A 44 ? 0.1509 0.1465 0.1236 0.0337  -0.0058 -0.0185 374 SER A O   
274 C CB  . SER A 44 ? 0.1543 0.1208 0.1114 0.0203  -0.0081 -0.0174 374 SER A CB  
275 O OG  . SER A 44 ? 0.1953 0.1450 0.1341 0.0278  -0.0136 -0.0177 374 SER A OG  
276 N N   . TRP A 45 ? 0.1835 0.2031 0.1967 0.0180  -0.0204 -0.0187 375 TRP A N   
277 C CA  . TRP A 45 ? 0.2023 0.2106 0.2091 0.0205  -0.0311 -0.0246 375 TRP A CA  
278 C C   . TRP A 45 ? 0.2029 0.1947 0.1927 0.0241  -0.0356 -0.0263 375 TRP A C   
279 O O   . TRP A 45 ? 0.2192 0.1973 0.2012 0.0273  -0.0482 -0.0299 375 TRP A O   
280 C CB  . TRP A 45 ? 0.1794 0.1784 0.1818 0.0177  -0.0363 -0.0216 375 TRP A CB  
281 C CG  . TRP A 45 ? 0.1285 0.1412 0.1452 0.0150  -0.0359 -0.0233 375 TRP A CG  
282 C CD1 . TRP A 45 ? 0.1529 0.1699 0.1764 0.0179  -0.0417 -0.0327 375 TRP A CD1 
283 C CD2 . TRP A 45 ? 0.1219 0.1455 0.1463 0.0097  -0.0303 -0.0171 375 TRP A CD2 
284 N NE1 . TRP A 45 ? 0.1223 0.1484 0.1498 0.0142  -0.0403 -0.0325 375 TRP A NE1 
285 C CE2 . TRP A 45 ? 0.1188 0.1492 0.1486 0.0091  -0.0355 -0.0225 375 TRP A CE2 
286 C CE3 . TRP A 45 ? 0.1527 0.1820 0.1822 0.0063  -0.0217 -0.0088 375 TRP A CE3 
287 C CZ2 . TRP A 45 ? 0.1470 0.1864 0.1838 0.0046  -0.0366 -0.0188 375 TRP A CZ2 
288 C CZ3 . TRP A 45 ? 0.1768 0.2198 0.2222 0.0026  -0.0220 -0.0055 375 TRP A CZ3 
289 C CH2 . TRP A 45 ? 0.1575 0.2040 0.2050 0.0015  -0.0314 -0.0099 375 TRP A CH2 
290 N N   . THR A 46 ? 0.1518 0.1426 0.1351 0.0247  -0.0279 -0.0253 376 THR A N   
291 C CA  . THR A 46 ? 0.1864 0.1581 0.1472 0.0283  -0.0328 -0.0286 376 THR A CA  
292 C C   . THR A 46 ? 0.1735 0.1458 0.1459 0.0313  -0.0461 -0.0383 376 THR A C   
293 O O   . THR A 46 ? 0.2075 0.1616 0.1617 0.0346  -0.0576 -0.0430 376 THR A O   
294 C CB  . THR A 46 ? 0.2851 0.2553 0.2367 0.0292  -0.0189 -0.0271 376 THR A CB  
295 O OG1 . THR A 46 ? 0.2888 0.2646 0.2394 0.0258  -0.0053 -0.0189 376 THR A OG1 
296 C CG2 . THR A 46 ? 0.3243 0.2702 0.2433 0.0331  -0.0229 -0.0320 376 THR A CG2 
297 N N   . GLY A 47 ? 0.1934 0.1860 0.1949 0.0294  -0.0451 -0.0417 377 GLY A N   
298 C CA  . GLY A 47 ? 0.1475 0.1462 0.1684 0.0297  -0.0539 -0.0507 377 GLY A CA  
299 C C   . GLY A 47 ? 0.1839 0.1816 0.2091 0.0269  -0.0498 -0.0520 377 GLY A C   
300 O O   . GLY A 47 ? 0.1841 0.1847 0.2267 0.0250  -0.0583 -0.0594 377 GLY A O   
301 N N   . VAL A 48 ? 0.1495 0.1430 0.1632 0.0267  -0.0385 -0.0458 378 VAL A N   
302 C CA  . VAL A 48 ? 0.1561 0.1430 0.1725 0.0258  -0.0356 -0.0473 378 VAL A CA  
303 C C   . VAL A 48 ? 0.1580 0.1594 0.1933 0.0207  -0.0263 -0.0401 378 VAL A C   
304 O O   . VAL A 48 ? 0.1651 0.1747 0.1989 0.0212  -0.0189 -0.0328 378 VAL A O   
305 C CB  . VAL A 48 ? 0.1755 0.1457 0.1666 0.0317  -0.0295 -0.0470 378 VAL A CB  
306 C CG1 . VAL A 48 ? 0.2089 0.1705 0.2056 0.0329  -0.0270 -0.0497 378 VAL A CG1 
307 C CG2 . VAL A 48 ? 0.2329 0.1828 0.1946 0.0357  -0.0389 -0.0534 378 VAL A CG2 
308 N N   . ALA A 49 ? 0.1706 0.1729 0.2222 0.0146  -0.0280 -0.0416 379 ALA A N   
309 C CA  . ALA A 49 ? 0.1801 0.1883 0.2412 0.0085  -0.0199 -0.0325 379 ALA A CA  
310 C C   . ALA A 49 ? 0.1664 0.1603 0.2182 0.0139  -0.0173 -0.0273 379 ALA A C   
311 O O   . ALA A 49 ? 0.2065 0.1836 0.2514 0.0191  -0.0209 -0.0335 379 ALA A O   
312 C CB  . ALA A 49 ? 0.1683 0.1785 0.2489 -0.0019 -0.0208 -0.0338 379 ALA A CB  
313 N N   . SER A 50 ? 0.1264 0.1371 0.1735 -0.0007 -0.0408 -0.0172 380 SER A N   
314 C CA  . SER A 50 ? 0.1469 0.1486 0.1777 -0.0015 -0.0352 -0.0160 380 SER A CA  
315 C C   . SER A 50 ? 0.1413 0.1484 0.1825 -0.0061 -0.0253 -0.0129 380 SER A C   
316 O O   . SER A 50 ? 0.1337 0.1510 0.1881 -0.0080 -0.0198 -0.0110 380 SER A O   
317 C CB  . SER A 50 ? 0.1420 0.1377 0.1515 0.0025  -0.0307 -0.0128 380 SER A CB  
318 O OG  . SER A 50 ? 0.1681 0.1700 0.1825 0.0026  -0.0253 -0.0092 380 SER A OG  
319 N N   . SER A 51 ? 0.1413 0.1396 0.1740 -0.0069 -0.0232 -0.0126 381 SER A N   
320 C CA  . SER A 51 ? 0.1218 0.1201 0.1588 -0.0105 -0.0158 -0.0085 381 SER A CA  
321 C C   . SER A 51 ? 0.1163 0.1066 0.1385 -0.0061 -0.0133 -0.0075 381 SER A C   
322 O O   . SER A 51 ? 0.1237 0.1076 0.1354 -0.0017 -0.0166 -0.0114 381 SER A O   
323 C CB  . SER A 51 ? 0.1973 0.1920 0.2478 -0.0178 -0.0178 -0.0085 381 SER A CB  
324 O OG  . SER A 51 ? 0.3201 0.3000 0.3633 -0.0170 -0.0254 -0.0126 381 SER A OG  
325 N N   . TYR A 52 ? 0.1139 0.1049 0.1347 -0.0067 -0.0076 -0.0027 382 TYR A N   
326 C CA  . TYR A 52 ? 0.1148 0.1031 0.1267 -0.0013 -0.0063 -0.0019 382 TYR A CA  
327 C C   . TYR A 52 ? 0.1264 0.1056 0.1355 -0.0022 -0.0056 0.0026  382 TYR A C   
328 O O   . TYR A 52 ? 0.1269 0.1061 0.1373 -0.0073 -0.0019 0.0073  382 TYR A O   
329 C CB  . TYR A 52 ? 0.1048 0.1031 0.1154 0.0004  -0.0032 -0.0007 382 TYR A CB  
330 C CG  . TYR A 52 ? 0.1290 0.1325 0.1401 0.0004  -0.0039 -0.0027 382 TYR A CG  
331 C CD1 . TYR A 52 ? 0.1288 0.1356 0.1462 -0.0022 -0.0049 -0.0030 382 TYR A CD1 
332 C CD2 . TYR A 52 ? 0.1417 0.1465 0.1469 0.0032  -0.0031 -0.0039 382 TYR A CD2 
333 C CE1 . TYR A 52 ? 0.1237 0.1315 0.1395 -0.0009 -0.0079 -0.0043 382 TYR A CE1 
334 C CE2 . TYR A 52 ? 0.1172 0.1221 0.1181 0.0028  -0.0040 -0.0038 382 TYR A CE2 
335 C CZ  . TYR A 52 ? 0.1020 0.1068 0.1072 0.0012  -0.0078 -0.0038 382 TYR A CZ  
336 O OH  . TYR A 52 ? 0.1322 0.1337 0.1314 0.0021  -0.0111 -0.0031 382 TYR A OH  
337 N N   . ASN A 53 ? 0.1327 0.1038 0.1369 0.0035  -0.0088 0.0013  383 ASN A N   
338 C CA  . ASN A 53 ? 0.1452 0.1054 0.1435 0.0057  -0.0106 0.0062  383 ASN A CA  
339 C C   . ASN A 53 ? 0.1410 0.1092 0.1390 0.0137  -0.0123 0.0046  383 ASN A C   
340 O O   . ASN A 53 ? 0.1679 0.1425 0.1707 0.0194  -0.0124 -0.0011 383 ASN A O   
341 C CB  . ASN A 53 ? 0.1642 0.1050 0.1601 0.0069  -0.0158 0.0054  383 ASN A CB  
342 C CG  . ASN A 53 ? 0.2211 0.1533 0.2215 -0.0032 -0.0153 0.0076  383 ASN A CG  
343 O OD1 . ASN A 53 ? 0.2068 0.1483 0.2122 -0.0108 -0.0097 0.0115  383 ASN A OD1 
344 N ND2 . ASN A 53 ? 0.2090 0.1241 0.2098 -0.0034 -0.0214 0.0044  383 ASN A ND2 
345 N N   . ILE A 54 ? 0.1443 0.1127 0.1370 0.0142  -0.0135 0.0092  384 ILE A N   
346 C CA  . ILE A 54 ? 0.1433 0.1195 0.1396 0.0213  -0.0182 0.0076  384 ILE A CA  
347 C C   . ILE A 54 ? 0.1633 0.1241 0.1543 0.0285  -0.0259 0.0100  384 ILE A C   
348 O O   . ILE A 54 ? 0.1810 0.1245 0.1576 0.0260  -0.0279 0.0170  384 ILE A O   
349 C CB  . ILE A 54 ? 0.1400 0.1229 0.1318 0.0187  -0.0188 0.0097  384 ILE A CB  
350 C CG1 . ILE A 54 ? 0.1234 0.1185 0.1209 0.0130  -0.0126 0.0070  384 ILE A CG1 
351 C CG2 . ILE A 54 ? 0.1425 0.1329 0.1411 0.0256  -0.0270 0.0075  384 ILE A CG2 
352 C CD1 . ILE A 54 ? 0.1687 0.1670 0.1606 0.0110  -0.0136 0.0073  384 ILE A CD1 
353 N N   . THR A 55 ? 0.1637 0.1306 0.1660 0.0377  -0.0296 0.0044  385 THR A N   
354 C CA  . THR A 55 ? 0.2091 0.1607 0.2088 0.0473  -0.0389 0.0053  385 THR A CA  
355 C C   . THR A 55 ? 0.1976 0.1440 0.1879 0.0495  -0.0478 0.0115  385 THR A C   
356 O O   . THR A 55 ? 0.1873 0.1508 0.1849 0.0498  -0.0500 0.0095  385 THR A O   
357 C CB  . THR A 55 ? 0.1823 0.1472 0.2003 0.0587  -0.0399 -0.0037 385 THR A CB  
358 O OG1 . THR A 55 ? 0.1769 0.1433 0.1964 0.0572  -0.0315 -0.0096 385 THR A OG1 
359 C CG2 . THR A 55 ? 0.2072 0.1550 0.2243 0.0714  -0.0512 -0.0040 385 THR A CG2 
360 N N   . SER A 56 ? 0.2244 0.1442 0.1959 0.0505  -0.0538 0.0191  386 SER A N   
361 C CA  . SER A 56 ? 0.2459 0.1533 0.1979 0.0521  -0.0624 0.0269  386 SER A CA  
362 C C   . SER A 56 ? 0.2609 0.1766 0.2016 0.0427  -0.0556 0.0296  386 SER A C   
363 O O   . SER A 56 ? 0.2937 0.2052 0.2192 0.0453  -0.0634 0.0324  386 SER A O   
364 C CB  . SER A 56 ? 0.2599 0.1757 0.2234 0.0655  -0.0770 0.0226  386 SER A CB  
365 O OG  . SER A 56 ? 0.2830 0.1945 0.2608 0.0766  -0.0821 0.0179  386 SER A OG  
366 N N   . GLY A 57 ? 0.2363 0.1621 0.1830 0.0330  -0.0426 0.0277  387 GLY A N   
367 C CA  . GLY A 57 ? 0.2306 0.1652 0.1699 0.0259  -0.0356 0.0281  387 GLY A CA  
368 C C   . GLY A 57 ? 0.2182 0.1491 0.1537 0.0158  -0.0227 0.0318  387 GLY A C   
369 O O   . GLY A 57 ? 0.2235 0.1407 0.1579 0.0124  -0.0203 0.0361  387 GLY A O   
370 N N   . PRO A 58 ? 0.1967 0.1393 0.1317 0.0108  -0.0149 0.0296  388 PRO A N   
371 C CA  . PRO A 58 ? 0.2409 0.1856 0.1786 0.0020  -0.0026 0.0318  388 PRO A CA  
372 C C   . PRO A 58 ? 0.2262 0.1756 0.1843 -0.0011 -0.0014 0.0284  388 PRO A C   
373 O O   . PRO A 58 ? 0.2246 0.1832 0.1953 0.0032  -0.0059 0.0218  388 PRO A O   
374 C CB  . PRO A 58 ? 0.2369 0.1965 0.1762 0.0013  0.0021  0.0264  388 PRO A CB  
375 C CG  . PRO A 58 ? 0.2600 0.2160 0.1846 0.0076  -0.0069 0.0251  388 PRO A CG  
376 C CD  . PRO A 58 ? 0.2458 0.1988 0.1779 0.0135  -0.0183 0.0247  388 PRO A CD  
377 N N   . GLN A 59 ? 0.2116 0.1543 0.1724 -0.0089 0.0048  0.0329  389 GLN A N   
378 C CA  . GLN A 59 ? 0.2101 0.1541 0.1882 -0.0123 0.0035  0.0288  389 GLN A CA  
379 C C   . GLN A 59 ? 0.1853 0.1403 0.1771 -0.0213 0.0121  0.0287  389 GLN A C   
380 O O   . GLN A 59 ? 0.2274 0.1873 0.2150 -0.0256 0.0215  0.0331  389 GLN A O   
381 C CB  . GLN A 59 ? 0.3346 0.2561 0.3082 -0.0126 -0.0023 0.0328  389 GLN A CB  
382 C CG  . GLN A 59 ? 0.3612 0.2730 0.3233 -0.0016 -0.0114 0.0329  389 GLN A CG  
383 C CD  . GLN A 59 ? 0.3690 0.2689 0.3366 0.0045  -0.0197 0.0281  389 GLN A CD  
384 O OE1 . GLN A 59 ? 0.3173 0.2033 0.2886 -0.0011 -0.0206 0.0285  389 GLN A OE1 
385 N NE2 . GLN A 59 ? 0.3502 0.2558 0.3200 0.0161  -0.0259 0.0225  389 GLN A NE2 
386 N N   . GLY A 60 ? 0.1784 0.1385 0.1867 -0.0234 0.0084  0.0228  390 GLY A N   
387 C CA  . GLY A 60 ? 0.1639 0.1383 0.1910 -0.0304 0.0134  0.0209  390 GLY A CA  
388 C C   . GLY A 60 ? 0.1621 0.1548 0.1928 -0.0264 0.0171  0.0167  390 GLY A C   
389 O O   . GLY A 60 ? 0.1675 0.1732 0.2112 -0.0305 0.0246  0.0168  390 GLY A O   
390 N N   . ILE A 61 ? 0.1361 0.1301 0.1575 -0.0185 0.0126  0.0132  391 ILE A N   
391 C CA  . ILE A 61 ? 0.1216 0.1280 0.1458 -0.0147 0.0140  0.0090  391 ILE A CA  
392 C C   . ILE A 61 ? 0.1230 0.1374 0.1629 -0.0151 0.0092  0.0038  391 ILE A C   
393 O O   . ILE A 61 ? 0.1350 0.1437 0.1748 -0.0143 0.0021  0.0015  391 ILE A O   
394 C CB  . ILE A 61 ? 0.1106 0.1146 0.1231 -0.0085 0.0094  0.0074  391 ILE A CB  
395 C CG1 . ILE A 61 ? 0.1788 0.1743 0.1761 -0.0067 0.0099  0.0117  391 ILE A CG1 
396 C CG2 . ILE A 61 ? 0.1023 0.1147 0.1172 -0.0057 0.0096  0.0035  391 ILE A CG2 
397 C CD1 . ILE A 61 ? 0.1897 0.1849 0.1833 -0.0013 0.0031  0.0097  391 ILE A CD1 
398 N N   . THR A 62 ? 0.1188 0.1454 0.1709 -0.0148 0.0124  0.0013  392 THR A N   
399 C CA  . THR A 62 ? 0.0963 0.1295 0.1630 -0.0137 0.0051  -0.0035 392 THR A CA  
400 C C   . THR A 62 ? 0.1269 0.1643 0.1919 -0.0071 0.0032  -0.0066 392 THR A C   
401 O O   . THR A 62 ? 0.1209 0.1613 0.1822 -0.0046 0.0097  -0.0068 392 THR A O   
402 C CB  . THR A 62 ? 0.1497 0.1949 0.2413 -0.0194 0.0074  -0.0045 392 THR A CB  
403 O OG1 . THR A 62 ? 0.1852 0.2419 0.2832 -0.0198 0.0200  -0.0033 392 THR A OG1 
404 C CG2 . THR A 62 ? 0.1399 0.1765 0.2340 -0.0276 0.0065  -0.0014 392 THR A CG2 
405 N N   . ASN A 63 ? 0.1027 0.1369 0.1673 -0.0040 -0.0065 -0.0091 393 ASN A N   
406 C CA  . ASN A 63 ? 0.0915 0.1252 0.1547 0.0020  -0.0109 -0.0111 393 ASN A CA  
407 C C   . ASN A 63 ? 0.1242 0.1610 0.1998 0.0042  -0.0215 -0.0144 393 ASN A C   
408 O O   . ASN A 63 ? 0.1008 0.1318 0.1715 0.0025  -0.0289 -0.0148 393 ASN A O   
409 C CB  . ASN A 63 ? 0.0938 0.1154 0.1365 0.0033  -0.0127 -0.0083 393 ASN A CB  
410 C CG  . ASN A 63 ? 0.0997 0.1156 0.1391 0.0079  -0.0179 -0.0087 393 ASN A CG  
411 O OD1 . ASN A 63 ? 0.1645 0.1756 0.2027 0.0107  -0.0266 -0.0089 393 ASN A OD1 
412 N ND2 . ASN A 63 ? 0.1249 0.1384 0.1608 0.0090  -0.0141 -0.0088 393 ASN A ND2 
413 N N   . THR A 64 ? 0.1200 0.1659 0.2120 0.0091  -0.0236 -0.0179 394 THR A N   
414 C CA  . THR A 64 ? 0.1017 0.1533 0.2109 0.0122  -0.0360 -0.0219 394 THR A CA  
415 C C   . THR A 64 ? 0.1142 0.1507 0.2071 0.0191  -0.0492 -0.0211 394 THR A C   
416 O O   . THR A 64 ? 0.1436 0.1820 0.2471 0.0234  -0.0629 -0.0243 394 THR A O   
417 C CB  . THR A 64 ? 0.1852 0.2578 0.3265 0.0153  -0.0322 -0.0268 394 THR A CB  
418 O OG1 . THR A 64 ? 0.1570 0.2277 0.2937 0.0228  -0.0276 -0.0283 394 THR A OG1 
419 C CG2 . THR A 64 ? 0.2164 0.3036 0.3733 0.0066  -0.0183 -0.0260 394 THR A CG2 
420 N N   . GLY A 65 ? 0.1180 0.1393 0.1860 0.0196  -0.0460 -0.0164 395 GLY A N   
421 C CA  . GLY A 65 ? 0.1351 0.1383 0.1821 0.0236  -0.0563 -0.0129 395 GLY A CA  
422 C C   . GLY A 65 ? 0.1453 0.1410 0.1940 0.0310  -0.0620 -0.0129 395 GLY A C   
423 O O   . GLY A 65 ? 0.1653 0.1443 0.1985 0.0353  -0.0735 -0.0095 395 GLY A O   
424 N N   . ASN A 66 ? 0.1483 0.1531 0.2126 0.0334  -0.0546 -0.0167 396 ASN A N   
425 C CA  . ASN A 66 ? 0.1564 0.1513 0.2219 0.0418  -0.0602 -0.0183 396 ASN A CA  
426 C C   . ASN A 66 ? 0.1439 0.1398 0.2095 0.0411  -0.0485 -0.0210 396 ASN A C   
427 O O   . ASN A 66 ? 0.1473 0.1484 0.2271 0.0491  -0.0474 -0.0278 396 ASN A O   
428 C CB  . ASN A 66 ? 0.1752 0.1823 0.2673 0.0519  -0.0702 -0.0251 396 ASN A CB  
429 C CG  . ASN A 66 ? 0.2797 0.2712 0.3707 0.0631  -0.0802 -0.0268 396 ASN A CG  
430 O OD1 . ASN A 66 ? 0.2770 0.2422 0.3421 0.0622  -0.0848 -0.0199 396 ASN A OD1 
431 N ND2 . ASN A 66 ? 0.3164 0.3239 0.4369 0.0737  -0.0828 -0.0356 396 ASN A ND2 
432 N N   . GLY A 67 ? 0.1381 0.1288 0.1876 0.0326  -0.0405 -0.0165 397 GLY A N   
433 C CA  . GLY A 67 ? 0.1385 0.1254 0.1834 0.0319  -0.0334 -0.0190 397 GLY A CA  
434 C C   . GLY A 67 ? 0.1267 0.1187 0.1632 0.0230  -0.0244 -0.0160 397 GLY A C   
435 O O   . GLY A 67 ? 0.1215 0.1140 0.1517 0.0174  -0.0240 -0.0108 397 GLY A O   
436 N N   . TRP A 68 ? 0.1262 0.1208 0.1615 0.0235  -0.0179 -0.0203 398 TRP A N   
437 C CA  . TRP A 68 ? 0.1204 0.1165 0.1462 0.0170  -0.0124 -0.0180 398 TRP A CA  
438 C C   . TRP A 68 ? 0.1316 0.1417 0.1612 0.0167  -0.0033 -0.0197 398 TRP A C   
439 O O   . TRP A 68 ? 0.1220 0.1385 0.1567 0.0219  0.0021  -0.0252 398 TRP A O   
440 C CB  . TRP A 68 ? 0.1319 0.1163 0.1486 0.0171  -0.0146 -0.0215 398 TRP A CB  
441 C CG  . TRP A 68 ? 0.1419 0.1102 0.1547 0.0140  -0.0225 -0.0180 398 TRP A CG  
442 C CD1 . TRP A 68 ? 0.1580 0.1109 0.1705 0.0185  -0.0296 -0.0202 398 TRP A CD1 
443 C CD2 . TRP A 68 ? 0.1402 0.1054 0.1494 0.0050  -0.0233 -0.0112 398 TRP A CD2 
444 N NE1 . TRP A 68 ? 0.1807 0.1187 0.1878 0.0112  -0.0345 -0.0136 398 TRP A NE1 
445 C CE2 . TRP A 68 ? 0.1607 0.1083 0.1670 0.0025  -0.0297 -0.0082 398 TRP A CE2 
446 C CE3 . TRP A 68 ? 0.1508 0.1267 0.1603 -0.0008 -0.0189 -0.0074 398 TRP A CE3 
447 C CZ2 . TRP A 68 ? 0.1794 0.1221 0.1843 -0.0073 -0.0294 -0.0007 398 TRP A CZ2 
448 C CZ3 . TRP A 68 ? 0.1609 0.1344 0.1712 -0.0084 -0.0191 -0.0018 398 TRP A CZ3 
449 C CH2 . TRP A 68 ? 0.1666 0.1246 0.1750 -0.0125 -0.0232 0.0020  398 TRP A CH2 
450 N N   . THR A 69 ? 0.1145 0.1279 0.1400 0.0111  -0.0008 -0.0149 399 THR A N   
451 C CA  . THR A 69 ? 0.1053 0.1260 0.1293 0.0092  0.0073  -0.0141 399 THR A CA  
452 C C   . THR A 69 ? 0.1466 0.1605 0.1548 0.0083  0.0073  -0.0137 399 THR A C   
453 O O   . THR A 69 ? 0.1086 0.1184 0.1133 0.0054  0.0021  -0.0109 399 THR A O   
454 C CB  . THR A 69 ? 0.0974 0.1223 0.1267 0.0045  0.0077  -0.0095 399 THR A CB  
455 O OG1 . THR A 69 ? 0.1473 0.1786 0.1921 0.0054  0.0050  -0.0110 399 THR A OG1 
456 C CG2 . THR A 69 ? 0.1876 0.2153 0.2132 0.0016  0.0158  -0.0069 399 THR A CG2 
457 N N   . THR A 70 ? 0.1244 0.1376 0.1229 0.0112  0.0129  -0.0170 400 THR A N   
458 C CA  . THR A 70 ? 0.1662 0.1712 0.1461 0.0113  0.0104  -0.0173 400 THR A CA  
459 C C   . THR A 70 ? 0.1845 0.1898 0.1570 0.0080  0.0137  -0.0106 400 THR A C   
460 O O   . THR A 70 ? 0.1770 0.1875 0.1523 0.0062  0.0226  -0.0073 400 THR A O   
461 C CB  . THR A 70 ? 0.1896 0.1901 0.1557 0.0172  0.0143  -0.0244 400 THR A CB  
462 O OG1 . THR A 70 ? 0.1859 0.1824 0.1595 0.0213  0.0096  -0.0313 400 THR A OG1 
463 C CG2 . THR A 70 ? 0.1822 0.1713 0.1252 0.0180  0.0085  -0.0258 400 THR A CG2 
464 N N   . VAL A 71 ? 0.1394 0.1394 0.1052 0.0070  0.0058  -0.0083 401 VAL A N   
465 C CA  . VAL A 71 ? 0.1443 0.1410 0.1026 0.0056  0.0061  -0.0019 401 VAL A CA  
466 C C   . VAL A 71 ? 0.1655 0.1522 0.1018 0.0088  0.0001  -0.0026 401 VAL A C   
467 O O   . VAL A 71 ? 0.2045 0.1897 0.1422 0.0098  -0.0109 -0.0037 401 VAL A O   
468 C CB  . VAL A 71 ? 0.1564 0.1564 0.1287 0.0037  0.0008  0.0008  401 VAL A CB  
469 C CG1 . VAL A 71 ? 0.1526 0.1460 0.1175 0.0038  0.0004  0.0067  401 VAL A CG1 
470 C CG2 . VAL A 71 ? 0.1470 0.1539 0.1356 0.0015  0.0043  0.0003  401 VAL A CG2 
471 N N   . ALA A 72 ? 0.2458 0.3214 0.1022 0.0636  0.0406  -0.0038 402 ALA A N   
472 C CA  . ALA A 72 ? 0.3079 0.3811 0.1420 0.0740  0.0324  -0.0143 402 ALA A CA  
473 C C   . ALA A 72 ? 0.4057 0.4652 0.2273 0.0646  0.0261  -0.0038 402 ALA A C   
474 O O   . ALA A 72 ? 0.4673 0.5127 0.2721 0.0733  0.0136  -0.0159 402 ALA A O   
475 C CB  . ALA A 72 ? 0.3355 0.4423 0.1642 0.0804  0.0405  -0.0134 402 ALA A CB  
476 N N   . ASN A 73 ? 0.2627 0.3239 0.0941 0.0475  0.0307  0.0172  403 ASN A N   
477 C CA  . ASN A 73 ? 0.3898 0.4397 0.2090 0.0402  0.0222  0.0281  403 ASN A CA  
478 C C   . ASN A 73 ? 0.3727 0.3928 0.2144 0.0302  0.0111  0.0281  403 ASN A C   
479 O O   . ASN A 73 ? 0.3559 0.3659 0.1963 0.0223  0.0033  0.0390  403 ASN A O   
480 C CB  . ASN A 73 ? 0.4359 0.5005 0.2574 0.0257  0.0286  0.0495  403 ASN A CB  
481 C CG  . ASN A 73 ? 0.5507 0.6402 0.3559 0.0322  0.0359  0.0480  403 ASN A CG  
482 O OD1 . ASN A 73 ? 0.5849 0.6737 0.3680 0.0443  0.0301  0.0365  403 ASN A OD1 
483 N ND2 . ASN A 73 ? 0.6173 0.7310 0.4348 0.0254  0.0474  0.0591  403 ASN A ND2 
484 N N   . ALA A 74 ? 0.3421 0.3494 0.2045 0.0311  0.0092  0.0161  404 ALA A N   
485 C CA  . ALA A 74 ? 0.2919 0.2806 0.1763 0.0230  0.0010  0.0152  404 ALA A CA  
486 C C   . ALA A 74 ? 0.3025 0.2769 0.1828 0.0273  -0.0135 0.0039  404 ALA A C   
487 O O   . ALA A 74 ? 0.3432 0.3132 0.2142 0.0365  -0.0190 -0.0095 404 ALA A O   
488 C CB  . ALA A 74 ? 0.2359 0.2210 0.1419 0.0205  0.0055  0.0105  404 ALA A CB  
489 N N   . ALA A 75 ? 0.2883 0.2547 0.1773 0.0218  -0.0224 0.0076  405 ALA A N   
490 C CA  . ALA A 75 ? 0.3108 0.2665 0.1984 0.0257  -0.0378 -0.0024 405 ALA A CA  
491 C C   . ALA A 75 ? 0.3168 0.2674 0.2304 0.0230  -0.0425 -0.0136 405 ALA A C   
492 O O   . ALA A 75 ? 0.2993 0.2542 0.2325 0.0167  -0.0341 -0.0109 405 ALA A O   
493 C CB  . ALA A 75 ? 0.3570 0.3075 0.2480 0.0224  -0.0479 0.0044  405 ALA A CB  
494 N N   . ASN A 76 ? 0.3205 0.2622 0.2336 0.0271  -0.0575 -0.0249 406 ASN A N   
495 C CA  . ASN A 76 ? 0.2745 0.2133 0.2178 0.0203  -0.0651 -0.0315 406 ASN A CA  
496 C C   . ASN A 76 ? 0.2773 0.2279 0.2463 0.0131  -0.0653 -0.0269 406 ASN A C   
497 O O   . ASN A 76 ? 0.3287 0.2812 0.2898 0.0161  -0.0666 -0.0226 406 ASN A O   
498 C CB  . ASN A 76 ? 0.3149 0.2404 0.2538 0.0260  -0.0847 -0.0452 406 ASN A CB  
499 C CG  . ASN A 76 ? 0.3645 0.2790 0.2790 0.0372  -0.0873 -0.0549 406 ASN A CG  
500 O OD1 . ASN A 76 ? 0.3190 0.2344 0.2336 0.0371  -0.0766 -0.0526 406 ASN A OD1 
501 N ND2 . ASN A 76 ? 0.4208 0.3260 0.3131 0.0493  -0.1030 -0.0675 406 ASN A ND2 
502 N N   . GLY A 77 ? 0.2216 0.1813 0.2216 0.0041  -0.0651 -0.0275 407 GLY A N   
503 C CA  . GLY A 77 ? 0.2436 0.2235 0.2699 0.0000  -0.0634 -0.0257 407 GLY A CA  
504 C C   . GLY A 77 ? 0.2023 0.1962 0.2361 -0.0039 -0.0465 -0.0178 407 GLY A C   
505 O O   . GLY A 77 ? 0.2129 0.2012 0.2378 -0.0067 -0.0366 -0.0125 407 GLY A O   
506 N N   . ASP A 78 ? 0.1773 0.1904 0.2277 -0.0020 -0.0451 -0.0191 408 ASP A N   
507 C CA  . ASP A 78 ? 0.1397 0.1683 0.1960 -0.0025 -0.0315 -0.0148 408 ASP A CA  
508 C C   . ASP A 78 ? 0.2569 0.2688 0.2890 0.0028  -0.0279 -0.0104 408 ASP A C   
509 O O   . ASP A 78 ? 0.2890 0.2904 0.3114 0.0091  -0.0370 -0.0115 408 ASP A O   
510 C CB  . ASP A 78 ? 0.1359 0.1923 0.2157 0.0026  -0.0336 -0.0218 408 ASP A CB  
511 C CG  . ASP A 78 ? 0.1619 0.2494 0.2720 -0.0061 -0.0302 -0.0217 408 ASP A CG  
512 O OD1 . ASP A 78 ? 0.1782 0.2608 0.2913 -0.0184 -0.0270 -0.0137 408 ASP A OD1 
513 O OD2 . ASP A 78 ? 0.1678 0.2854 0.3007 -0.0006 -0.0325 -0.0294 408 ASP A OD2 
514 N N   . LEU A 79 ? 0.1339 0.1431 0.1582 -0.0008 -0.0163 -0.0039 409 LEU A N   
515 C CA  . LEU A 79 ? 0.1593 0.1582 0.1668 0.0020  -0.0122 0.0015  409 LEU A CA  
516 C C   . LEU A 79 ? 0.1683 0.1800 0.1851 0.0035  -0.0058 0.0015  409 LEU A C   
517 O O   . LEU A 79 ? 0.1417 0.1690 0.1690 0.0002  0.0020  0.0016  409 LEU A O   
518 C CB  . LEU A 79 ? 0.1477 0.1362 0.1396 -0.0002 -0.0057 0.0063  409 LEU A CB  
519 C CG  . LEU A 79 ? 0.1967 0.1740 0.1740 0.0022  -0.0122 0.0036  409 LEU A CG  
520 C CD1 . LEU A 79 ? 0.2015 0.1735 0.1671 0.0037  -0.0062 0.0038  409 LEU A CD1 
521 C CD2 . LEU A 79 ? 0.2141 0.1857 0.1753 0.0059  -0.0184 0.0071  409 LEU A CD2 
522 N N   . TYR A 80 ? 0.1252 0.1294 0.1366 0.0080  -0.0105 0.0022  410 TYR A N   
523 C CA  . TYR A 80 ? 0.1195 0.1326 0.1369 0.0122  -0.0081 -0.0007 410 TYR A CA  
524 C C   . TYR A 80 ? 0.1318 0.1322 0.1382 0.0092  -0.0050 0.0076  410 TYR A C   
525 O O   . TYR A 80 ? 0.1293 0.1150 0.1289 0.0074  -0.0124 0.0138  410 TYR A O   
526 C CB  . TYR A 80 ? 0.1405 0.1555 0.1670 0.0224  -0.0216 -0.0108 410 TYR A CB  
527 C CG  . TYR A 80 ? 0.1326 0.1708 0.1751 0.0263  -0.0218 -0.0203 410 TYR A CG  
528 C CD1 . TYR A 80 ? 0.1164 0.1861 0.1711 0.0289  -0.0116 -0.0255 410 TYR A CD1 
529 C CD2 . TYR A 80 ? 0.1720 0.2047 0.2181 0.0266  -0.0320 -0.0225 410 TYR A CD2 
530 C CE1 . TYR A 80 ? 0.1156 0.2149 0.1895 0.0304  -0.0101 -0.0320 410 TYR A CE1 
531 C CE2 . TYR A 80 ? 0.1610 0.2188 0.2269 0.0292  -0.0329 -0.0311 410 TYR A CE2 
532 C CZ  . TYR A 80 ? 0.1449 0.2382 0.2268 0.0304  -0.0213 -0.0352 410 TYR A CZ  
533 O OH  . TYR A 80 ? 0.1387 0.2648 0.2445 0.0311  -0.0210 -0.0417 410 TYR A OH  
534 N N   . ILE A 81 ? 0.1120 0.1200 0.1179 0.0074  0.0052  0.0095  411 ILE A N   
535 C CA  . ILE A 81 ? 0.1377 0.1380 0.1360 0.0042  0.0095  0.0170  411 ILE A CA  
536 C C   . ILE A 81 ? 0.1152 0.1193 0.1167 0.0084  0.0082  0.0140  411 ILE A C   
537 O O   . ILE A 81 ? 0.1164 0.1337 0.1194 0.0114  0.0137  0.0100  411 ILE A O   
538 C CB  . ILE A 81 ? 0.1307 0.1318 0.1237 0.0003  0.0189  0.0206  411 ILE A CB  
539 C CG1 . ILE A 81 ? 0.1383 0.1346 0.1277 -0.0011 0.0161  0.0194  411 ILE A CG1 
540 C CG2 . ILE A 81 ? 0.1296 0.1274 0.1173 -0.0004 0.0225  0.0262  411 ILE A CG2 
541 C CD1 . ILE A 81 ? 0.2278 0.2201 0.2135 -0.0027 0.0193  0.0191  411 ILE A CD1 
542 N N   . LYS A 82 ? 0.1250 0.1186 0.1278 0.0082  -0.0006 0.0167  412 LYS A N   
543 C CA  . LYS A 82 ? 0.1191 0.1121 0.1256 0.0132  -0.0068 0.0121  412 LYS A CA  
544 C C   . LYS A 82 ? 0.1175 0.1113 0.1222 0.0086  -0.0001 0.0194  412 LYS A C   
545 O O   . LYS A 82 ? 0.1463 0.1373 0.1522 0.0014  0.0017  0.0292  412 LYS A O   
546 C CB  . LYS A 82 ? 0.1695 0.1462 0.1827 0.0144  -0.0257 0.0111  412 LYS A CB  
547 C CG  . LYS A 82 ? 0.1869 0.1580 0.2051 0.0203  -0.0375 0.0045  412 LYS A CG  
548 C CD  . LYS A 82 ? 0.2049 0.1876 0.2208 0.0363  -0.0407 -0.0140 412 LYS A CD  
549 C CE  . LYS A 82 ? 0.1881 0.1603 0.2073 0.0460  -0.0593 -0.0250 412 LYS A CE  
550 N NZ  . LYS A 82 ? 0.1725 0.1614 0.1869 0.0657  -0.0628 -0.0460 412 LYS A NZ  
551 N N   . ILE A 83 ? 0.1130 0.1141 0.1148 0.0138  0.0034  0.0149  413 ILE A N   
552 C CA  . ILE A 83 ? 0.1114 0.1125 0.1133 0.0119  0.0059  0.0197  413 ILE A CA  
553 C C   . ILE A 83 ? 0.1613 0.1545 0.1720 0.0132  -0.0088 0.0176  413 ILE A C   
554 O O   . ILE A 83 ? 0.1455 0.1376 0.1543 0.0223  -0.0181 0.0070  413 ILE A O   
555 C CB  . ILE A 83 ? 0.1745 0.1834 0.1669 0.0162  0.0133  0.0179  413 ILE A CB  
556 C CG1 . ILE A 83 ? 0.1591 0.1719 0.1469 0.0119  0.0237  0.0221  413 ILE A CG1 
557 C CG2 . ILE A 83 ? 0.1736 0.1802 0.1667 0.0160  0.0127  0.0217  413 ILE A CG2 
558 C CD1 . ILE A 83 ? 0.2070 0.2241 0.1864 0.0119  0.0294  0.0260  413 ILE A CD1 
559 N N   . VAL A 84 ? 0.1315 0.1216 0.1526 0.0041  -0.0119 0.0276  414 VAL A N   
560 C CA  . VAL A 84 ? 0.1745 0.1546 0.2095 0.0007  -0.0294 0.0294  414 VAL A CA  
561 C C   . VAL A 84 ? 0.1887 0.1724 0.2306 0.0025  -0.0336 0.0278  414 VAL A C   
562 O O   . VAL A 84 ? 0.2374 0.2102 0.2883 0.0048  -0.0520 0.0223  414 VAL A O   
563 C CB  . VAL A 84 ? 0.2353 0.2144 0.2802 -0.0133 -0.0312 0.0455  414 VAL A CB  
564 C CG1 . VAL A 84 ? 0.2887 0.2561 0.3523 -0.0213 -0.0517 0.0519  414 VAL A CG1 
565 C CG2 . VAL A 84 ? 0.2625 0.2340 0.2986 -0.0134 -0.0317 0.0460  414 VAL A CG2 
566 N N   . SER A 85 ? 0.1352 0.1317 0.1736 0.0030  -0.0200 0.0307  415 SER A N   
567 C CA  . SER A 85 ? 0.1269 0.1267 0.1723 0.0059  -0.0259 0.0285  415 SER A CA  
568 C C   . SER A 85 ? 0.1727 0.1800 0.2052 0.0123  -0.0132 0.0269  415 SER A C   
569 O O   . SER A 85 ? 0.1130 0.1257 0.1399 0.0106  -0.0002 0.0312  415 SER A O   
570 C CB  . SER A 85 ? 0.1965 0.2058 0.2664 -0.0056 -0.0308 0.0398  415 SER A CB  
571 O OG  . SER A 85 ? 0.2443 0.2713 0.3154 -0.0108 -0.0141 0.0492  415 SER A OG  
572 N N   . ALA A 86 ? 0.1284 0.1333 0.1555 0.0203  -0.0202 0.0205  416 ALA A N   
573 C CA  . ALA A 86 ? 0.1705 0.1776 0.1854 0.0262  -0.0138 0.0209  416 ALA A CA  
574 C C   . ALA A 86 ? 0.2140 0.2173 0.2242 0.0348  -0.0272 0.0140  416 ALA A C   
575 O O   . ALA A 86 ? 0.1625 0.1615 0.1621 0.0412  -0.0351 0.0056  416 ALA A O   
576 C CB  . ALA A 86 ? 0.1565 0.1615 0.1511 0.0278  -0.0025 0.0219  416 ALA A CB  
577 N N   . SER A 87 ? 0.2230 0.1854 0.1481 -0.0209 -0.0650 -0.0296 417 SER A N   
578 C CA  . SER A 87 ? 0.2417 0.2148 0.1754 -0.0046 -0.0728 -0.0389 417 SER A CA  
579 C C   . SER A 87 ? 0.2023 0.1644 0.1394 0.0335  -0.0775 -0.0293 417 SER A C   
580 O O   . SER A 87 ? 0.2281 0.1834 0.1591 0.0478  -0.0867 -0.0316 417 SER A O   
581 C CB  . SER A 87 ? 0.2447 0.2761 0.2111 -0.0107 -0.0679 -0.0684 417 SER A CB  
582 O OG  . SER A 87 ? 0.2244 0.2798 0.2169 0.0136  -0.0666 -0.0772 417 SER A OG  
583 N N   . ARG A 88 ? 0.2112 0.1696 0.1508 0.0440  -0.0706 -0.0197 418 ARG A N   
584 C CA  . ARG A 88 ? 0.2307 0.1769 0.1593 0.0648  -0.0703 -0.0116 418 ARG A CA  
585 C C   . ARG A 88 ? 0.2119 0.1538 0.1383 0.0598  -0.0595 -0.0016 418 ARG A C   
586 O O   . ARG A 88 ? 0.2234 0.1709 0.1604 0.0477  -0.0550 -0.0011 418 ARG A O   
587 C CB  . ARG A 88 ? 0.2378 0.1828 0.1645 0.0783  -0.0751 -0.0197 418 ARG A CB  
588 C CG  . ARG A 88 ? 0.2151 0.1696 0.1544 0.0839  -0.0816 -0.0304 418 ARG A CG  
589 C CD  . ARG A 88 ? 0.2420 0.1764 0.1669 0.0994  -0.0929 -0.0423 418 ARG A CD  
590 N NE  . ARG A 88 ? 0.2802 0.2237 0.2186 0.1100  -0.1046 -0.0622 418 ARG A NE  
591 C CZ  . ARG A 88 ? 0.3344 0.2448 0.2498 0.1107  -0.1081 -0.0546 418 ARG A CZ  
592 N NH1 . ARG A 88 ? 0.3305 0.2016 0.2099 0.0975  -0.0979 -0.0277 418 ARG A NH1 
593 N NH2 . ARG A 88 ? 0.2890 0.2096 0.2174 0.1232  -0.1228 -0.0786 418 ARG A NH2 
594 N N   . SER A 89 ? 0.2591 0.1952 0.1690 0.0643  -0.0536 0.0036  419 SER A N   
595 C CA  . SER A 89 ? 0.1997 0.1397 0.1081 0.0540  -0.0412 0.0086  419 SER A CA  
596 C C   . SER A 89 ? 0.2044 0.1292 0.1095 0.0493  -0.0409 0.0143  419 SER A C   
597 O O   . SER A 89 ? 0.2722 0.1798 0.1671 0.0596  -0.0526 0.0114  419 SER A O   
598 C CB  . SER A 89 ? 0.2244 0.1686 0.1083 0.0477  -0.0303 0.0077  419 SER A CB  
599 O OG  . SER A 89 ? 0.2653 0.1721 0.1075 0.0442  -0.0333 0.0169  419 SER A OG  
600 N N   . PHE A 90 ? 0.2086 0.1400 0.1233 0.0385  -0.0322 0.0173  420 PHE A N   
601 C CA  . PHE A 90 ? 0.1983 0.1165 0.1126 0.0363  -0.0345 0.0193  420 PHE A CA  
602 C C   . PHE A 90 ? 0.2001 0.1184 0.1113 0.0211  -0.0227 0.0252  420 PHE A C   
603 O O   . PHE A 90 ? 0.2199 0.1629 0.1460 0.0152  -0.0145 0.0214  420 PHE A O   
604 C CB  . PHE A 90 ? 0.2069 0.1463 0.1494 0.0370  -0.0385 0.0090  420 PHE A CB  
605 C CG  . PHE A 90 ? 0.1780 0.1282 0.1311 0.0237  -0.0333 0.0108  420 PHE A CG  
606 C CD1 . PHE A 90 ? 0.1728 0.1194 0.1205 0.0237  -0.0392 0.0102  420 PHE A CD1 
607 C CD2 . PHE A 90 ? 0.1504 0.1032 0.1100 0.0133  -0.0285 0.0118  420 PHE A CD2 
608 C CE1 . PHE A 90 ? 0.1900 0.1239 0.1307 0.0154  -0.0462 0.0106  420 PHE A CE1 
609 C CE2 . PHE A 90 ? 0.1667 0.1134 0.1221 0.0025  -0.0309 0.0135  420 PHE A CE2 
610 C CZ  . PHE A 90 ? 0.2158 0.1470 0.1575 0.0042  -0.0426 0.0129  420 PHE A CZ  
611 N N   . ASN A 91 ? 0.2272 0.1157 0.1176 0.0174  -0.0267 0.0300  421 ASN A N   
612 C CA  . ASN A 91 ? 0.2625 0.1476 0.1469 -0.0011 -0.0161 0.0350  421 ASN A CA  
613 C C   . ASN A 91 ? 0.2718 0.1783 0.1914 0.0021  -0.0159 0.0301  421 ASN A C   
614 O O   . ASN A 91 ? 0.2353 0.1401 0.1653 0.0134  -0.0261 0.0234  421 ASN A O   
615 C CB  . ASN A 91 ? 0.2994 0.1238 0.1296 -0.0103 -0.0261 0.0438  421 ASN A CB  
616 C CG  . ASN A 91 ? 0.4353 0.2327 0.2144 -0.0297 -0.0212 0.0499  421 ASN A CG  
617 O OD1 . ASN A 91 ? 0.3753 0.2106 0.1591 -0.0468 -0.0008 0.0469  421 ASN A OD1 
618 N ND2 . ASN A 91 ? 0.4896 0.2344 0.2294 -0.0268 -0.0405 0.0484  421 ASN A ND2 
619 N N   . VAL A 92 ? 0.1805 0.1116 0.1178 -0.0082 -0.0058 0.0280  422 VAL A N   
620 C CA  . VAL A 92 ? 0.1580 0.1000 0.1172 -0.0077 -0.0077 0.0248  422 VAL A CA  
621 C C   . VAL A 92 ? 0.1609 0.1103 0.1245 -0.0205 -0.0001 0.0237  422 VAL A C   
622 O O   . VAL A 92 ? 0.1715 0.1372 0.1319 -0.0319 0.0095  0.0189  422 VAL A O   
623 C CB  . VAL A 92 ? 0.1433 0.0972 0.1136 -0.0025 -0.0145 0.0196  422 VAL A CB  
624 C CG1 . VAL A 92 ? 0.1659 0.1381 0.1440 0.0025  -0.0163 0.0100  422 VAL A CG1 
625 C CG2 . VAL A 92 ? 0.1688 0.1172 0.1407 -0.0098 -0.0187 0.0187  422 VAL A CG2 
626 N N   . LYS A 93 ? 0.1672 0.1124 0.1387 -0.0221 -0.0026 0.0236  423 LYS A N   
627 C CA  . LYS A 93 ? 0.1895 0.1488 0.1722 -0.0317 0.0020  0.0186  423 LYS A CA  
628 C C   . LYS A 93 ? 0.1439 0.1053 0.1382 -0.0263 -0.0071 0.0144  423 LYS A C   
629 O O   . LYS A 93 ? 0.1757 0.1251 0.1631 -0.0258 -0.0109 0.0174  423 LYS A O   
630 C CB  . LYS A 93 ? 0.2643 0.2028 0.2301 -0.0470 0.0070  0.0238  423 LYS A CB  
631 C CG  . LYS A 93 ? 0.2987 0.2022 0.2489 -0.0390 -0.0036 0.0288  423 LYS A CG  
632 C CD  . LYS A 93 ? 0.3945 0.2552 0.3067 -0.0565 -0.0055 0.0357  423 LYS A CD  
633 C CE  . LYS A 93 ? 0.4451 0.2656 0.3422 -0.0432 -0.0248 0.0334  423 LYS A CE  
634 N NZ  . LYS A 93 ? 0.5332 0.3145 0.3885 -0.0573 -0.0316 0.0370  423 LYS A NZ  
635 N N   . PHE A 94 ? 0.1379 0.1173 0.1462 -0.0243 -0.0118 0.0025  424 PHE A N   
636 C CA  . PHE A 94 ? 0.1442 0.1113 0.1505 -0.0196 -0.0267 -0.0022 424 PHE A CA  
637 C C   . PHE A 94 ? 0.1415 0.1182 0.1597 -0.0287 -0.0203 -0.0053 424 PHE A C   
638 O O   . PHE A 94 ? 0.1506 0.1556 0.1843 -0.0376 -0.0094 -0.0143 424 PHE A O   
639 C CB  . PHE A 94 ? 0.1642 0.1363 0.1748 -0.0014 -0.0489 -0.0204 424 PHE A CB  
640 C CG  . PHE A 94 ? 0.2646 0.2105 0.2524 0.0069  -0.0620 -0.0162 424 PHE A CG  
641 C CD1 . PHE A 94 ? 0.3376 0.3011 0.3323 0.0070  -0.0490 -0.0129 424 PHE A CD1 
642 C CD2 . PHE A 94 ? 0.3917 0.2843 0.3400 0.0101  -0.0894 -0.0141 424 PHE A CD2 
643 C CE1 . PHE A 94 ? 0.3357 0.2746 0.3098 0.0136  -0.0618 -0.0099 424 PHE A CE1 
644 C CE2 . PHE A 94 ? 0.4064 0.2651 0.3239 0.0111  -0.1029 -0.0092 424 PHE A CE2 
645 C CZ  . PHE A 94 ? 0.3149 0.2023 0.2514 0.0146  -0.0883 -0.0083 424 PHE A CZ  
646 N N   . ASP A 95 ? 0.1610 0.1159 0.1671 -0.0323 -0.0249 0.0003  425 ASP A N   
647 C CA  . ASP A 95 ? 0.1470 0.1062 0.1622 -0.0397 -0.0210 -0.0025 425 ASP A CA  
648 C C   . ASP A 95 ? 0.1624 0.1004 0.1620 -0.0377 -0.0360 -0.0048 425 ASP A C   
649 O O   . ASP A 95 ? 0.2010 0.1125 0.1727 -0.0361 -0.0494 -0.0023 425 ASP A O   
650 C CB  . ASP A 95 ? 0.1628 0.1102 0.1709 -0.0479 -0.0099 0.0069  425 ASP A CB  
651 C CG  . ASP A 95 ? 0.1904 0.1361 0.2020 -0.0600 -0.0057 0.0045  425 ASP A CG  
652 O OD1 . ASP A 95 ? 0.2356 0.1579 0.2289 -0.0684 -0.0027 0.0113  425 ASP A OD1 
653 O OD2 . ASP A 95 ? 0.1580 0.1170 0.1832 -0.0619 -0.0096 -0.0048 425 ASP A OD2 
654 N N   . ASN A 96 ? 0.1828 0.1233 0.1899 -0.0417 -0.0362 -0.0092 426 ASN A N   
655 C CA  . ASN A 96 ? 0.2173 0.1311 0.2002 -0.0429 -0.0505 -0.0104 426 ASN A CA  
656 C C   . ASN A 96 ? 0.2203 0.1408 0.2137 -0.0499 -0.0427 -0.0120 426 ASN A C   
657 O O   . ASN A 96 ? 0.1867 0.1275 0.2058 -0.0517 -0.0362 -0.0173 426 ASN A O   
658 C CB  . ASN A 96 ? 0.2340 0.1344 0.2103 -0.0269 -0.0790 -0.0246 426 ASN A CB  
659 C CG  . ASN A 96 ? 0.2256 0.1752 0.2502 -0.0166 -0.0797 -0.0472 426 ASN A CG  
660 O OD1 . ASN A 96 ? 0.2442 0.2306 0.2948 -0.0127 -0.0724 -0.0577 426 ASN A OD1 
661 N ND2 . ASN A 96 ? 0.2227 0.1789 0.2583 -0.0154 -0.0876 -0.0593 426 ASN A ND2 
662 N N   . TRP A 97 ? 0.2076 0.1112 0.1762 -0.0587 -0.0426 -0.0097 427 TRP A N   
663 C CA  . TRP A 97 ? 0.2051 0.1132 0.1815 -0.0620 -0.0390 -0.0148 427 TRP A CA  
664 C C   . TRP A 97 ? 0.2524 0.1463 0.1937 -0.0733 -0.0411 -0.0174 427 TRP A C   
665 O O   . TRP A 97 ? 0.2961 0.1756 0.2022 -0.0820 -0.0423 -0.0121 427 TRP A O   
666 C CB  . TRP A 97 ? 0.2187 0.1390 0.2122 -0.0601 -0.0274 -0.0154 427 TRP A CB  
667 C CG  . TRP A 97 ? 0.1795 0.1114 0.1669 -0.0597 -0.0204 -0.0193 427 TRP A CG  
668 C CD1 . TRP A 97 ? 0.2588 0.2078 0.2351 -0.0680 -0.0156 -0.0329 427 TRP A CD1 
669 C CD2 . TRP A 97 ? 0.1982 0.1348 0.1923 -0.0526 -0.0171 -0.0163 427 TRP A CD2 
670 N NE1 . TRP A 97 ? 0.1822 0.1563 0.1658 -0.0658 -0.0092 -0.0431 427 TRP A NE1 
671 C CE2 . TRP A 97 ? 0.1952 0.1563 0.1887 -0.0532 -0.0126 -0.0313 427 TRP A CE2 
672 C CE3 . TRP A 97 ? 0.2175 0.1443 0.2161 -0.0488 -0.0169 -0.0060 427 TRP A CE3 
673 C CZ2 . TRP A 97 ? 0.1999 0.1731 0.2013 -0.0439 -0.0121 -0.0364 427 TRP A CZ2 
674 C CZ3 . TRP A 97 ? 0.2159 0.1442 0.2130 -0.0415 -0.0161 -0.0057 427 TRP A CZ3 
675 C CH2 . TRP A 97 ? 0.1984 0.1482 0.1989 -0.0359 -0.0159 -0.0208 427 TRP A CH2 
676 O OXT . TRP A 97 ? 0.3064 0.2038 0.2498 -0.0758 -0.0401 -0.0245 427 TRP A OXT 
# 
